data_4LE9
# 
_entry.id   4LE9 
# 
_audit_conform.dict_name       mmcif_pdbx.dic 
_audit_conform.dict_version    5.379 
_audit_conform.dict_location   http://mmcif.pdb.org/dictionaries/ascii/mmcif_pdbx.dic 
# 
loop_
_database_2.database_id 
_database_2.database_code 
_database_2.pdbx_database_accession 
_database_2.pdbx_DOI 
PDB   4LE9         pdb_00004le9 10.2210/pdb4le9/pdb 
RCSB  RCSB080519   ?            ?                   
WWPDB D_1000080519 ?            ?                   
# 
loop_
_pdbx_database_related.db_name 
_pdbx_database_related.db_id 
_pdbx_database_related.details 
_pdbx_database_related.content_type 
PDB 3FJ5 'Crystal structure of the c-src-SH3 domain Q128R mutant: intertwined structure' unspecified 
PDB 4JZ4 'Crystal structure of the c-src-SH3 domain: monomeric form'                     unspecified 
PDB 4JZ3 'Crystal structure of the c-src-SH3 domain: intertwined structure'              unspecified 
# 
_pdbx_database_status.entry_id                        4LE9 
_pdbx_database_status.status_code                     REL 
_pdbx_database_status.deposit_site                    RCSB 
_pdbx_database_status.process_site                    RCSB 
_pdbx_database_status.recvd_initial_deposition_date   2013-06-25 
_pdbx_database_status.status_code_sf                  REL 
_pdbx_database_status.status_code_mr                  ? 
_pdbx_database_status.SG_entry                        ? 
_pdbx_database_status.status_code_cs                  ? 
_pdbx_database_status.methods_development_category    ? 
_pdbx_database_status.pdb_format_compatible           Y 
_pdbx_database_status.status_code_nmr_data            ? 
# 
loop_
_audit_author.name 
_audit_author.pdbx_ordinal 
'Camara-Artigas, A.'     1 
'Martinez-Rodriguez, S.' 2 
'Ortiz-Salmeron, E.'     3 
'Martin-Garcia, J.M.'    4 
# 
_citation.id                        primary 
_citation.title                     '3D domain swapping in a chimeric c-Src SH3 domain takes place through two hinge loops.' 
_citation.journal_abbrev            J.Struct.Biol. 
_citation.journal_volume            186 
_citation.page_first                195 
_citation.page_last                 203 
_citation.year                      2014 
_citation.journal_id_ASTM           JSBIEM 
_citation.country                   US 
_citation.journal_id_ISSN           1047-8477 
_citation.journal_id_CSD            0803 
_citation.book_publisher            ? 
_citation.pdbx_database_id_PubMed   24556574 
_citation.pdbx_database_id_DOI      10.1016/j.jsb.2014.02.007 
# 
loop_
_citation_author.citation_id 
_citation_author.name 
_citation_author.ordinal 
_citation_author.identifier_ORCID 
primary 'Camara-Artigas, A.'     1 ? 
primary 'Martinez-Rodriguez, S.' 2 ? 
primary 'Ortiz-Salmeron, E.'     3 ? 
primary 'Martin-Garcia, J.M.'    4 ? 
# 
_cell.length_a           68.239 
_cell.length_b           68.239 
_cell.length_c           46.495 
_cell.angle_alpha        90.000 
_cell.angle_beta         90.000 
_cell.angle_gamma        120.000 
_cell.entry_id           4LE9 
_cell.pdbx_unique_axis   ? 
_cell.Z_PDB              12 
_cell.length_a_esd       ? 
_cell.length_b_esd       ? 
_cell.length_c_esd       ? 
_cell.angle_alpha_esd    ? 
_cell.angle_beta_esd     ? 
_cell.angle_gamma_esd    ? 
# 
_symmetry.space_group_name_H-M             'P 63 2 2' 
_symmetry.entry_id                         4LE9 
_symmetry.Int_Tables_number                182 
_symmetry.pdbx_full_space_group_name_H-M   ? 
_symmetry.cell_setting                     ? 
_symmetry.space_group_name_Hall            ? 
# 
loop_
_entity.id 
_entity.type 
_entity.src_method 
_entity.pdbx_description 
_entity.formula_weight 
_entity.pdbx_number_of_molecules 
_entity.pdbx_ec 
_entity.pdbx_mutation 
_entity.pdbx_fragment 
_entity.details 
1 polymer     man 'Proto-oncogene tyrosine-protein kinase Src' 8677.553 1  2.7.10.2 
'E93V, S94A, R95S, T96G, N112G, N113Y, T114N, E115H, Q128R' 'unp residues 85-141' ? 
2 non-polymer syn 'TRIETHYLENE GLYCOL'                         150.173  1  ?        ? ?                     ? 
3 water       nat water                                        18.015   62 ?        ? ?                     ? 
# 
_entity_name_com.entity_id   1 
_entity_name_com.name        'Proto-oncogene c-Src, pp60c-src, p60-Src' 
# 
_entity_poly.entity_id                      1 
_entity_poly.type                           'polypeptide(L)' 
_entity_poly.nstd_linkage                   no 
_entity_poly.nstd_monomer                   no 
_entity_poly.pdbx_seq_one_letter_code       MGSSHHHHHHSSGLVPRGSHMTFVALYDYVASGETDLSFKKGERLQIVGYNHGDWWLAHSLTTGRTGYIPSNYVAPSD 
_entity_poly.pdbx_seq_one_letter_code_can   MGSSHHHHHHSSGLVPRGSHMTFVALYDYVASGETDLSFKKGERLQIVGYNHGDWWLAHSLTTGRTGYIPSNYVAPSD 
_entity_poly.pdbx_strand_id                 A 
_entity_poly.pdbx_target_identifier         ? 
# 
loop_
_entity_poly_seq.entity_id 
_entity_poly_seq.num 
_entity_poly_seq.mon_id 
_entity_poly_seq.hetero 
1 1  MET n 
1 2  GLY n 
1 3  SER n 
1 4  SER n 
1 5  HIS n 
1 6  HIS n 
1 7  HIS n 
1 8  HIS n 
1 9  HIS n 
1 10 HIS n 
1 11 SER n 
1 12 SER n 
1 13 GLY n 
1 14 LEU n 
1 15 VAL n 
1 16 PRO n 
1 17 ARG n 
1 18 GLY n 
1 19 SER n 
1 20 HIS n 
1 21 MET n 
1 22 THR n 
1 23 PHE n 
1 24 VAL n 
1 25 ALA n 
1 26 LEU n 
1 27 TYR n 
1 28 ASP n 
1 29 TYR n 
1 30 VAL n 
1 31 ALA n 
1 32 SER n 
1 33 GLY n 
1 34 GLU n 
1 35 THR n 
1 36 ASP n 
1 37 LEU n 
1 38 SER n 
1 39 PHE n 
1 40 LYS n 
1 41 LYS n 
1 42 GLY n 
1 43 GLU n 
1 44 ARG n 
1 45 LEU n 
1 46 GLN n 
1 47 ILE n 
1 48 VAL n 
1 49 GLY n 
1 50 TYR n 
1 51 ASN n 
1 52 HIS n 
1 53 GLY n 
1 54 ASP n 
1 55 TRP n 
1 56 TRP n 
1 57 LEU n 
1 58 ALA n 
1 59 HIS n 
1 60 SER n 
1 61 LEU n 
1 62 THR n 
1 63 THR n 
1 64 GLY n 
1 65 ARG n 
1 66 THR n 
1 67 GLY n 
1 68 TYR n 
1 69 ILE n 
1 70 PRO n 
1 71 SER n 
1 72 ASN n 
1 73 TYR n 
1 74 VAL n 
1 75 ALA n 
1 76 PRO n 
1 77 SER n 
1 78 ASP n 
# 
_entity_src_gen.entity_id                          1 
_entity_src_gen.pdbx_src_id                        1 
_entity_src_gen.pdbx_alt_source_flag               sample 
_entity_src_gen.pdbx_seq_type                      ? 
_entity_src_gen.pdbx_beg_seq_num                   ? 
_entity_src_gen.pdbx_end_seq_num                   ? 
_entity_src_gen.gene_src_common_name               bantam,chickens 
_entity_src_gen.gene_src_genus                     ? 
_entity_src_gen.pdbx_gene_src_gene                 SRC 
_entity_src_gen.gene_src_species                   ? 
_entity_src_gen.gene_src_strain                    ? 
_entity_src_gen.gene_src_tissue                    ? 
_entity_src_gen.gene_src_tissue_fraction           ? 
_entity_src_gen.gene_src_details                   ? 
_entity_src_gen.pdbx_gene_src_fragment             ? 
_entity_src_gen.pdbx_gene_src_scientific_name      'Gallus gallus' 
_entity_src_gen.pdbx_gene_src_ncbi_taxonomy_id     9031 
_entity_src_gen.pdbx_gene_src_variant              ? 
_entity_src_gen.pdbx_gene_src_cell_line            ? 
_entity_src_gen.pdbx_gene_src_atcc                 ? 
_entity_src_gen.pdbx_gene_src_organ                ? 
_entity_src_gen.pdbx_gene_src_organelle            ? 
_entity_src_gen.pdbx_gene_src_cell                 ? 
_entity_src_gen.pdbx_gene_src_cellular_location    ? 
_entity_src_gen.host_org_common_name               ? 
_entity_src_gen.pdbx_host_org_scientific_name      'Escherichia coli' 
_entity_src_gen.pdbx_host_org_ncbi_taxonomy_id     469008 
_entity_src_gen.host_org_genus                     ? 
_entity_src_gen.pdbx_host_org_gene                 ? 
_entity_src_gen.pdbx_host_org_organ                ? 
_entity_src_gen.host_org_species                   ? 
_entity_src_gen.pdbx_host_org_tissue               ? 
_entity_src_gen.pdbx_host_org_tissue_fraction      ? 
_entity_src_gen.pdbx_host_org_strain               'BL21(DE3)' 
_entity_src_gen.pdbx_host_org_variant              ? 
_entity_src_gen.pdbx_host_org_cell_line            ? 
_entity_src_gen.pdbx_host_org_atcc                 ? 
_entity_src_gen.pdbx_host_org_culture_collection   ? 
_entity_src_gen.pdbx_host_org_cell                 ? 
_entity_src_gen.pdbx_host_org_organelle            ? 
_entity_src_gen.pdbx_host_org_cellular_location    ? 
_entity_src_gen.pdbx_host_org_vector_type          plasmid 
_entity_src_gen.pdbx_host_org_vector               ? 
_entity_src_gen.host_org_details                   ? 
_entity_src_gen.expression_system_id               ? 
_entity_src_gen.plasmid_name                       pET15b 
_entity_src_gen.plasmid_details                    ? 
_entity_src_gen.pdbx_description                   ? 
# 
_struct_ref.id                         1 
_struct_ref.db_name                    UNP 
_struct_ref.db_code                    SRC_CHICK 
_struct_ref.pdbx_db_accession          P00523 
_struct_ref.entity_id                  1 
_struct_ref.pdbx_seq_one_letter_code   TFVALYDYESRTETDLSFKKGERLQIVNNTEGDWWLAHSLTTGQTGYIPSNYVAPSD 
_struct_ref.pdbx_align_begin           85 
_struct_ref.pdbx_db_isoform            ? 
# 
_struct_ref_seq.align_id                      1 
_struct_ref_seq.ref_id                        1 
_struct_ref_seq.pdbx_PDB_id_code              4LE9 
_struct_ref_seq.pdbx_strand_id                A 
_struct_ref_seq.seq_align_beg                 22 
_struct_ref_seq.pdbx_seq_align_beg_ins_code   ? 
_struct_ref_seq.seq_align_end                 78 
_struct_ref_seq.pdbx_seq_align_end_ins_code   ? 
_struct_ref_seq.pdbx_db_accession             P00523 
_struct_ref_seq.db_align_beg                  85 
_struct_ref_seq.pdbx_db_align_beg_ins_code    ? 
_struct_ref_seq.db_align_end                  141 
_struct_ref_seq.pdbx_db_align_end_ins_code    ? 
_struct_ref_seq.pdbx_auth_seq_align_beg       85 
_struct_ref_seq.pdbx_auth_seq_align_end       141 
# 
loop_
_struct_ref_seq_dif.align_id 
_struct_ref_seq_dif.pdbx_pdb_id_code 
_struct_ref_seq_dif.mon_id 
_struct_ref_seq_dif.pdbx_pdb_strand_id 
_struct_ref_seq_dif.seq_num 
_struct_ref_seq_dif.pdbx_pdb_ins_code 
_struct_ref_seq_dif.pdbx_seq_db_name 
_struct_ref_seq_dif.pdbx_seq_db_accession_code 
_struct_ref_seq_dif.db_mon_id 
_struct_ref_seq_dif.pdbx_seq_db_seq_num 
_struct_ref_seq_dif.details 
_struct_ref_seq_dif.pdbx_auth_seq_num 
_struct_ref_seq_dif.pdbx_ordinal 
1 4LE9 MET A 1  ? UNP P00523 ?   ?   'initiating methionine' 64  1  
1 4LE9 GLY A 2  ? UNP P00523 ?   ?   'expression tag'        65  2  
1 4LE9 SER A 3  ? UNP P00523 ?   ?   'expression tag'        66  3  
1 4LE9 SER A 4  ? UNP P00523 ?   ?   'expression tag'        67  4  
1 4LE9 HIS A 5  ? UNP P00523 ?   ?   'expression tag'        68  5  
1 4LE9 HIS A 6  ? UNP P00523 ?   ?   'expression tag'        69  6  
1 4LE9 HIS A 7  ? UNP P00523 ?   ?   'expression tag'        70  7  
1 4LE9 HIS A 8  ? UNP P00523 ?   ?   'expression tag'        71  8  
1 4LE9 HIS A 9  ? UNP P00523 ?   ?   'expression tag'        72  9  
1 4LE9 HIS A 10 ? UNP P00523 ?   ?   'expression tag'        73  10 
1 4LE9 SER A 11 ? UNP P00523 ?   ?   'expression tag'        74  11 
1 4LE9 SER A 12 ? UNP P00523 ?   ?   'expression tag'        75  12 
1 4LE9 GLY A 13 ? UNP P00523 ?   ?   'expression tag'        76  13 
1 4LE9 LEU A 14 ? UNP P00523 ?   ?   'expression tag'        77  14 
1 4LE9 VAL A 15 ? UNP P00523 ?   ?   'expression tag'        78  15 
1 4LE9 PRO A 16 ? UNP P00523 ?   ?   'expression tag'        79  16 
1 4LE9 ARG A 17 ? UNP P00523 ?   ?   'expression tag'        80  17 
1 4LE9 GLY A 18 ? UNP P00523 ?   ?   'expression tag'        81  18 
1 4LE9 SER A 19 ? UNP P00523 ?   ?   'expression tag'        82  19 
1 4LE9 HIS A 20 ? UNP P00523 ?   ?   'expression tag'        83  20 
1 4LE9 MET A 21 ? UNP P00523 ?   ?   'expression tag'        84  21 
1 4LE9 VAL A 30 ? UNP P00523 GLU 93  'engineered mutation'   93  22 
1 4LE9 ALA A 31 ? UNP P00523 SER 94  'engineered mutation'   94  23 
1 4LE9 SER A 32 ? UNP P00523 ARG 95  'engineered mutation'   95  24 
1 4LE9 GLY A 33 ? UNP P00523 THR 96  'engineered mutation'   96  25 
1 4LE9 GLY A 49 ? UNP P00523 ASN 112 'engineered mutation'   112 26 
1 4LE9 TYR A 50 ? UNP P00523 ASN 113 'engineered mutation'   113 27 
1 4LE9 ASN A 51 ? UNP P00523 THR 114 'engineered mutation'   114 28 
1 4LE9 HIS A 52 ? UNP P00523 GLU 115 'engineered mutation'   115 29 
1 4LE9 ARG A 65 ? UNP P00523 GLN 128 'engineered mutation'   128 30 
# 
loop_
_chem_comp.id 
_chem_comp.type 
_chem_comp.mon_nstd_flag 
_chem_comp.name 
_chem_comp.pdbx_synonyms 
_chem_comp.formula 
_chem_comp.formula_weight 
ALA 'L-peptide linking' y ALANINE              ? 'C3 H7 N O2'     89.093  
ARG 'L-peptide linking' y ARGININE             ? 'C6 H15 N4 O2 1' 175.209 
ASN 'L-peptide linking' y ASPARAGINE           ? 'C4 H8 N2 O3'    132.118 
ASP 'L-peptide linking' y 'ASPARTIC ACID'      ? 'C4 H7 N O4'     133.103 
GLN 'L-peptide linking' y GLUTAMINE            ? 'C5 H10 N2 O3'   146.144 
GLU 'L-peptide linking' y 'GLUTAMIC ACID'      ? 'C5 H9 N O4'     147.129 
GLY 'peptide linking'   y GLYCINE              ? 'C2 H5 N O2'     75.067  
HIS 'L-peptide linking' y HISTIDINE            ? 'C6 H10 N3 O2 1' 156.162 
HOH non-polymer         . WATER                ? 'H2 O'           18.015  
ILE 'L-peptide linking' y ISOLEUCINE           ? 'C6 H13 N O2'    131.173 
LEU 'L-peptide linking' y LEUCINE              ? 'C6 H13 N O2'    131.173 
LYS 'L-peptide linking' y LYSINE               ? 'C6 H15 N2 O2 1' 147.195 
MET 'L-peptide linking' y METHIONINE           ? 'C5 H11 N O2 S'  149.211 
PGE non-polymer         . 'TRIETHYLENE GLYCOL' ? 'C6 H14 O4'      150.173 
PHE 'L-peptide linking' y PHENYLALANINE        ? 'C9 H11 N O2'    165.189 
PRO 'L-peptide linking' y PROLINE              ? 'C5 H9 N O2'     115.130 
SER 'L-peptide linking' y SERINE               ? 'C3 H7 N O3'     105.093 
THR 'L-peptide linking' y THREONINE            ? 'C4 H9 N O3'     119.119 
TRP 'L-peptide linking' y TRYPTOPHAN           ? 'C11 H12 N2 O2'  204.225 
TYR 'L-peptide linking' y TYROSINE             ? 'C9 H11 N O3'    181.189 
VAL 'L-peptide linking' y VALINE               ? 'C5 H11 N O2'    117.146 
# 
_exptl.crystals_number   1 
_exptl.entry_id          4LE9 
_exptl.method            'X-RAY DIFFRACTION' 
# 
_exptl_crystal.id                    1 
_exptl_crystal.density_Matthews      1.80 
_exptl_crystal.density_meas          ? 
_exptl_crystal.density_percent_sol   31.69 
_exptl_crystal.description           ? 
_exptl_crystal.F_000                 ? 
_exptl_crystal.preparation           ? 
# 
_exptl_crystal_grow.crystal_id      1 
_exptl_crystal_grow.method          'VAPOR DIFFUSION, HANGING DROP' 
_exptl_crystal_grow.pH              4.0 
_exptl_crystal_grow.temp            298 
_exptl_crystal_grow.pdbx_details    
;2.2 M ammonium sulphate, 10% Glicerol, 5% PEG 300, 0.01 M non-detergent sulphobetaine 201,0.1M Sodium Acetate, pH 4.0, VAPOR DIFFUSION, HANGING DROP, temperature 298K
;
_exptl_crystal_grow.temp_details    ? 
_exptl_crystal_grow.pdbx_pH_range   ? 
# 
_diffrn.id                     1 
_diffrn.ambient_temp           100 
_diffrn.ambient_temp_details   ? 
_diffrn.crystal_id             1 
# 
_diffrn_detector.diffrn_id              1 
_diffrn_detector.detector               PIXEL 
_diffrn_detector.type                   'DECTRIS PILATUS 6M' 
_diffrn_detector.pdbx_collection_date   2012-11-20 
_diffrn_detector.details                ? 
# 
_diffrn_radiation.diffrn_id                        1 
_diffrn_radiation.pdbx_diffrn_protocol             'SINGLE WAVELENGTH' 
_diffrn_radiation.monochromator                    'Si111 monochromator' 
_diffrn_radiation.wavelength_id                    1 
_diffrn_radiation.pdbx_monochromatic_or_laue_m_l   M 
_diffrn_radiation.pdbx_scattering_type             x-ray 
# 
_diffrn_radiation_wavelength.id           1 
_diffrn_radiation_wavelength.wavelength   0.98 
_diffrn_radiation_wavelength.wt           1.0 
# 
_diffrn_source.diffrn_id                   1 
_diffrn_source.source                      SYNCHROTRON 
_diffrn_source.type                        'SOLEIL BEAMLINE PROXIMA 1' 
_diffrn_source.pdbx_wavelength_list        0.98 
_diffrn_source.pdbx_wavelength             ? 
_diffrn_source.pdbx_synchrotron_site       SOLEIL 
_diffrn_source.pdbx_synchrotron_beamline   'PROXIMA 1' 
# 
_reflns.entry_id                     4LE9 
_reflns.d_resolution_high            1.344 
_reflns.d_resolution_low             59.097 
_reflns.number_obs                   14621 
_reflns.pdbx_redundancy              5.700 
_reflns.percent_possible_obs         99.400 
_reflns.observed_criterion_sigma_F   0 
_reflns.observed_criterion_sigma_I   0 
_reflns.number_all                   83163 
_reflns.pdbx_Rmerge_I_obs            0.025 
_reflns.pdbx_Rsym_value              0.025 
_reflns.pdbx_netI_over_sigmaI        29.5 
_reflns.B_iso_Wilson_estimate        14.921 
_reflns.R_free_details               ? 
_reflns.limit_h_max                  ? 
_reflns.limit_h_min                  ? 
_reflns.limit_k_max                  ? 
_reflns.limit_k_min                  ? 
_reflns.limit_l_max                  ? 
_reflns.limit_l_min                  ? 
_reflns.observed_criterion_F_max     ? 
_reflns.observed_criterion_F_min     ? 
_reflns.pdbx_chi_squared             ? 
_reflns.pdbx_scaling_rejects         ? 
_reflns.pdbx_ordinal                 1 
_reflns.pdbx_diffrn_id               1 
# 
_reflns_shell.d_res_high             1.34 
_reflns_shell.d_res_low              1.37 
_reflns_shell.percent_possible_obs   ? 
_reflns_shell.percent_possible_all   98.0 
_reflns_shell.Rmerge_I_obs           0.542 
_reflns_shell.meanI_over_sigI_obs    3.0 
_reflns_shell.pdbx_Rsym_value        0.542 
_reflns_shell.pdbx_redundancy        5.7 
_reflns_shell.number_unique_all      746 
_reflns_shell.number_measured_all    ? 
_reflns_shell.number_measured_obs    ? 
_reflns_shell.number_unique_obs      ? 
_reflns_shell.pdbx_chi_squared       ? 
_reflns_shell.pdbx_ordinal           1 
_reflns_shell.pdbx_diffrn_id         1 
# 
_refine.entry_id                                 4LE9 
_refine.ls_d_res_high                            1.3440 
_refine.ls_d_res_low                             19.6990 
_refine.pdbx_ls_sigma_F                          1.930 
_refine.pdbx_data_cutoff_high_absF               ? 
_refine.pdbx_data_cutoff_low_absF                ? 
_refine.ls_percent_reflns_obs                    99.2400 
_refine.ls_number_reflns_obs                     14596 
_refine.ls_number_reflns_all                     ? 
_refine.pdbx_ls_cross_valid_method               THROUGHOUT 
_refine.pdbx_R_Free_selection_details            RANDOM 
_refine.details                                  ? 
_refine.ls_R_factor_all                          ? 
_refine.ls_R_factor_obs                          0.1372 
_refine.ls_R_factor_R_work                       0.1359 
_refine.ls_wR_factor_R_work                      ? 
_refine.ls_R_factor_R_free                       0.1638 
_refine.ls_wR_factor_R_free                      ? 
_refine.ls_percent_reflns_R_free                 5.1000 
_refine.ls_number_reflns_R_free                  738 
_refine.ls_R_factor_R_free_error                 ? 
_refine.B_iso_mean                               25.0146 
_refine.solvent_model_param_bsol                 ? 
_refine.solvent_model_param_ksol                 ? 
_refine.pdbx_isotropic_thermal_model             ? 
_refine.aniso_B[1][1]                            ? 
_refine.aniso_B[2][2]                            ? 
_refine.aniso_B[3][3]                            ? 
_refine.aniso_B[1][2]                            ? 
_refine.aniso_B[1][3]                            ? 
_refine.aniso_B[2][3]                            ? 
_refine.correlation_coeff_Fo_to_Fc               ? 
_refine.correlation_coeff_Fo_to_Fc_free          ? 
_refine.overall_SU_R_Cruickshank_DPI             ? 
_refine.overall_SU_R_free                        ? 
_refine.pdbx_overall_ESU_R                       ? 
_refine.pdbx_overall_ESU_R_Free                  ? 
_refine.overall_SU_ML                            0.1000 
_refine.overall_SU_B                             ? 
_refine.solvent_model_details                    'FLAT BULK SOLVENT MODEL' 
_refine.pdbx_solvent_vdw_probe_radii             1.1100 
_refine.pdbx_solvent_ion_probe_radii             ? 
_refine.pdbx_solvent_shrinkage_radii             0.9000 
_refine.ls_number_parameters                     ? 
_refine.ls_number_restraints                     ? 
_refine.pdbx_starting_model                      'pdb entry 4HVU' 
_refine.pdbx_method_to_determine_struct          'MOLECULAR REPLACEMENT' 
_refine.pdbx_stereochemistry_target_values       ML 
_refine.pdbx_stereochem_target_val_spec_case     ? 
_refine.overall_FOM_work_R_set                   ? 
_refine.B_iso_max                                71.970 
_refine.B_iso_min                                12.880 
_refine.pdbx_overall_phase_error                 15.2500 
_refine.occupancy_max                            1.000 
_refine.occupancy_min                            0.450 
_refine.pdbx_ls_sigma_I                          0 
_refine.ls_redundancy_reflns_obs                 ? 
_refine.ls_R_factor_R_free_error_details         ? 
_refine.pdbx_data_cutoff_high_rms_absF           ? 
_refine.overall_FOM_free_R_set                   ? 
_refine.pdbx_diffrn_id                           1 
_refine.pdbx_refine_id                           'X-RAY DIFFRACTION' 
_refine.pdbx_TLS_residual_ADP_flag               ? 
_refine.pdbx_overall_SU_R_free_Cruickshank_DPI   ? 
_refine.pdbx_overall_SU_R_Blow_DPI               ? 
_refine.pdbx_overall_SU_R_free_Blow_DPI          ? 
# 
_refine_hist.pdbx_refine_id                   'X-RAY DIFFRACTION' 
_refine_hist.cycle_id                         LAST 
_refine_hist.pdbx_number_atoms_protein        470 
_refine_hist.pdbx_number_atoms_nucleic_acid   0 
_refine_hist.pdbx_number_atoms_ligand         10 
_refine_hist.number_atoms_solvent             62 
_refine_hist.number_atoms_total               542 
_refine_hist.d_res_high                       1.3440 
_refine_hist.d_res_low                        19.6990 
# 
loop_
_refine_ls_restr.type 
_refine_ls_restr.number 
_refine_ls_restr.dev_ideal 
_refine_ls_restr.dev_ideal_target 
_refine_ls_restr.weight 
_refine_ls_restr.pdbx_restraint_function 
_refine_ls_restr.pdbx_refine_id 
f_bond_d           498 0.007  ? ? ? 'X-RAY DIFFRACTION' 
f_angle_d          676 1.155  ? ? ? 'X-RAY DIFFRACTION' 
f_chiral_restr     70  0.080  ? ? ? 'X-RAY DIFFRACTION' 
f_plane_restr      84  0.005  ? ? ? 'X-RAY DIFFRACTION' 
f_dihedral_angle_d 173 12.023 ? ? ? 'X-RAY DIFFRACTION' 
# 
loop_
_refine_ls_shell.d_res_high 
_refine_ls_shell.d_res_low 
_refine_ls_shell.pdbx_total_number_of_bins_used 
_refine_ls_shell.percent_reflns_obs 
_refine_ls_shell.number_reflns_R_work 
_refine_ls_shell.R_factor_all 
_refine_ls_shell.R_factor_R_work 
_refine_ls_shell.R_factor_R_free 
_refine_ls_shell.percent_reflns_R_free 
_refine_ls_shell.number_reflns_R_free 
_refine_ls_shell.R_factor_R_free_error 
_refine_ls_shell.number_reflns_all 
_refine_ls_shell.number_reflns_obs 
_refine_ls_shell.redundancy_reflns_obs 
_refine_ls_shell.pdbx_refine_id 
1.3436 1.3916  10 99.0000  2538 . 0.2055 0.2478 . 137 . 2675 . . 'X-RAY DIFFRACTION' 
1.3916 1.4473  10 100.0000 2512 . 0.1716 0.2296 . 168 . 2680 . . 'X-RAY DIFFRACTION' 
1.4473 1.5132  10 100.0000 2562 . 0.1394 0.1800 . 133 . 2695 . . 'X-RAY DIFFRACTION' 
1.5132 1.5929  10 100.0000 2537 . 0.1119 0.1828 . 149 . 2686 . . 'X-RAY DIFFRACTION' 
1.5929 1.6927  10 100.0000 2578 . 0.1082 0.1522 . 135 . 2713 . . 'X-RAY DIFFRACTION' 
1.6927 1.8233  10 100.0000 2542 . 0.1059 0.1664 . 132 . 2674 . . 'X-RAY DIFFRACTION' 
1.8233 2.0066  10 100.0000 2586 . 0.1035 0.1393 . 129 . 2715 . . 'X-RAY DIFFRACTION' 
2.0066 2.2966  10 100.0000 2577 . 0.1065 0.1256 . 116 . 2693 . . 'X-RAY DIFFRACTION' 
2.2966 2.8920  10 100.0000 2541 . 0.1436 0.1588 . 146 . 2687 . . 'X-RAY DIFFRACTION' 
2.8920 19.7010 10 96.0000  2476 . 0.1565 0.1732 . 122 . 2598 . . 'X-RAY DIFFRACTION' 
# 
_struct.entry_id                  4LE9 
_struct.title                     'Crystal structure of a chimeric c-Src-SH3 domain' 
_struct.pdbx_model_details        ? 
_struct.pdbx_CASP_flag            ? 
_struct.pdbx_model_type_details   ? 
# 
_struct_keywords.entry_id        4LE9 
_struct_keywords.text            'beta shandwich, SH3, Kinase, Proly proline rich motifs, Phosphorylation, Transferase' 
_struct_keywords.pdbx_keywords   TRANSFERASE 
# 
loop_
_struct_asym.id 
_struct_asym.pdbx_blank_PDB_chainid_flag 
_struct_asym.pdbx_modified 
_struct_asym.entity_id 
_struct_asym.details 
A N N 1 ? 
B N N 2 ? 
C N N 3 ? 
# 
_struct_biol.id        1 
_struct_biol.details   ? 
# 
_struct_conf.conf_type_id            HELX_P 
_struct_conf.id                      HELX_P1 
_struct_conf.pdbx_PDB_helix_id       1 
_struct_conf.beg_label_comp_id       GLY 
_struct_conf.beg_label_asym_id       A 
_struct_conf.beg_label_seq_id        49 
_struct_conf.pdbx_beg_PDB_ins_code   ? 
_struct_conf.end_label_comp_id       GLY 
_struct_conf.end_label_asym_id       A 
_struct_conf.end_label_seq_id        53 
_struct_conf.pdbx_end_PDB_ins_code   ? 
_struct_conf.beg_auth_comp_id        GLY 
_struct_conf.beg_auth_asym_id        A 
_struct_conf.beg_auth_seq_id         112 
_struct_conf.end_auth_comp_id        GLY 
_struct_conf.end_auth_asym_id        A 
_struct_conf.end_auth_seq_id         116 
_struct_conf.pdbx_PDB_helix_class    5 
_struct_conf.details                 ? 
_struct_conf.pdbx_PDB_helix_length   5 
# 
_struct_conf_type.id          HELX_P 
_struct_conf_type.criteria    ? 
_struct_conf_type.reference   ? 
# 
loop_
_struct_sheet.id 
_struct_sheet.type 
_struct_sheet.number_strands 
_struct_sheet.details 
A ? 2 ? 
B ? 2 ? 
# 
loop_
_struct_sheet_order.sheet_id 
_struct_sheet_order.range_id_1 
_struct_sheet_order.range_id_2 
_struct_sheet_order.offset 
_struct_sheet_order.sense 
A 1 2 ? anti-parallel 
B 1 2 ? anti-parallel 
# 
loop_
_struct_sheet_range.sheet_id 
_struct_sheet_range.id 
_struct_sheet_range.beg_label_comp_id 
_struct_sheet_range.beg_label_asym_id 
_struct_sheet_range.beg_label_seq_id 
_struct_sheet_range.pdbx_beg_PDB_ins_code 
_struct_sheet_range.end_label_comp_id 
_struct_sheet_range.end_label_asym_id 
_struct_sheet_range.end_label_seq_id 
_struct_sheet_range.pdbx_end_PDB_ins_code 
_struct_sheet_range.beg_auth_comp_id 
_struct_sheet_range.beg_auth_asym_id 
_struct_sheet_range.beg_auth_seq_id 
_struct_sheet_range.end_auth_comp_id 
_struct_sheet_range.end_auth_asym_id 
_struct_sheet_range.end_auth_seq_id 
A 1 THR A 22 ? ALA A 25 ? THR A 85  ALA A 88  
A 2 VAL A 74 ? SER A 77 ? VAL A 137 SER A 140 
B 1 TRP A 55 ? HIS A 59 ? TRP A 118 HIS A 122 
B 2 THR A 66 ? PRO A 70 ? THR A 129 PRO A 133 
# 
loop_
_pdbx_struct_sheet_hbond.sheet_id 
_pdbx_struct_sheet_hbond.range_id_1 
_pdbx_struct_sheet_hbond.range_id_2 
_pdbx_struct_sheet_hbond.range_1_label_atom_id 
_pdbx_struct_sheet_hbond.range_1_label_comp_id 
_pdbx_struct_sheet_hbond.range_1_label_asym_id 
_pdbx_struct_sheet_hbond.range_1_label_seq_id 
_pdbx_struct_sheet_hbond.range_1_PDB_ins_code 
_pdbx_struct_sheet_hbond.range_1_auth_atom_id 
_pdbx_struct_sheet_hbond.range_1_auth_comp_id 
_pdbx_struct_sheet_hbond.range_1_auth_asym_id 
_pdbx_struct_sheet_hbond.range_1_auth_seq_id 
_pdbx_struct_sheet_hbond.range_2_label_atom_id 
_pdbx_struct_sheet_hbond.range_2_label_comp_id 
_pdbx_struct_sheet_hbond.range_2_label_asym_id 
_pdbx_struct_sheet_hbond.range_2_label_seq_id 
_pdbx_struct_sheet_hbond.range_2_PDB_ins_code 
_pdbx_struct_sheet_hbond.range_2_auth_atom_id 
_pdbx_struct_sheet_hbond.range_2_auth_comp_id 
_pdbx_struct_sheet_hbond.range_2_auth_asym_id 
_pdbx_struct_sheet_hbond.range_2_auth_seq_id 
A 1 2 N VAL A 24 ? N VAL A 87  O ALA A 75 ? O ALA A 138 
B 1 2 N TRP A 56 ? N TRP A 119 O ILE A 69 ? O ILE A 132 
# 
_struct_site.id                   AC1 
_struct_site.pdbx_evidence_code   Software 
_struct_site.pdbx_auth_asym_id    A 
_struct_site.pdbx_auth_comp_id    PGE 
_struct_site.pdbx_auth_seq_id     301 
_struct_site.pdbx_auth_ins_code   ? 
_struct_site.pdbx_num_residues    3 
_struct_site.details              'BINDING SITE FOR RESIDUE PGE A 301' 
# 
loop_
_struct_site_gen.id 
_struct_site_gen.site_id 
_struct_site_gen.pdbx_num_res 
_struct_site_gen.label_comp_id 
_struct_site_gen.label_asym_id 
_struct_site_gen.label_seq_id 
_struct_site_gen.pdbx_auth_ins_code 
_struct_site_gen.auth_comp_id 
_struct_site_gen.auth_asym_id 
_struct_site_gen.auth_seq_id 
_struct_site_gen.label_atom_id 
_struct_site_gen.label_alt_id 
_struct_site_gen.symmetry 
_struct_site_gen.details 
1 AC1 3 ASN A 72 ? ASN A 135 . ? 1_555 ? 
2 AC1 3 TYR A 73 ? TYR A 136 . ? 1_555 ? 
3 AC1 3 HOH C .  ? HOH A 451 . ? 1_555 ? 
# 
_atom_sites.entry_id                    4LE9 
_atom_sites.fract_transf_matrix[1][1]   -0.00510641 
_atom_sites.fract_transf_matrix[1][2]   -0.00242143 
_atom_sites.fract_transf_matrix[1][3]   0.01594959 
_atom_sites.fract_transf_matrix[2][1]   0.00834385 
_atom_sites.fract_transf_matrix[2][2]   -0.01079458 
_atom_sites.fract_transf_matrix[2][3]   0.01000887 
_atom_sites.fract_transf_matrix[3][1]   0.01283169 
_atom_sites.fract_transf_matrix[3][2]   0.01597662 
_atom_sites.fract_transf_matrix[3][3]   0.00653372 
_atom_sites.fract_transf_vector[1]      1.345881 
_atom_sites.fract_transf_vector[2]      1.366543 
_atom_sites.fract_transf_vector[3]      0.089887 
# 
loop_
_atom_type.symbol 
C 
H 
N 
O 
S 
# 
loop_
_atom_site.group_PDB 
_atom_site.id 
_atom_site.type_symbol 
_atom_site.label_atom_id 
_atom_site.label_alt_id 
_atom_site.label_comp_id 
_atom_site.label_asym_id 
_atom_site.label_entity_id 
_atom_site.label_seq_id 
_atom_site.pdbx_PDB_ins_code 
_atom_site.Cartn_x 
_atom_site.Cartn_y 
_atom_site.Cartn_z 
_atom_site.occupancy 
_atom_site.B_iso_or_equiv 
_atom_site.pdbx_formal_charge 
_atom_site.auth_seq_id 
_atom_site.auth_comp_id 
_atom_site.auth_asym_id 
_atom_site.auth_atom_id 
_atom_site.pdbx_PDB_model_num 
ATOM   1    N N    . HIS A 1 20 ? -3.743  10.439  11.375  0.73 51.69 ? 83  HIS A N    1 
ATOM   2    C CA   . HIS A 1 20 ? -3.070  11.269  12.366  0.73 49.56 ? 83  HIS A CA   1 
ATOM   3    C C    . HIS A 1 20 ? -1.741  10.638  12.787  0.73 36.96 ? 83  HIS A C    1 
ATOM   4    O O    . HIS A 1 20 ? -0.764  11.337  13.041  0.73 31.52 ? 83  HIS A O    1 
ATOM   5    C CB   . HIS A 1 20 ? -3.972  11.490  13.579  0.73 56.47 ? 83  HIS A CB   1 
ATOM   6    C CG   . HIS A 1 20 ? -3.371  12.377  14.627  0.73 59.31 ? 83  HIS A CG   1 
ATOM   7    N ND1  . HIS A 1 20 ? -2.362  13.276  14.354  0.73 59.98 ? 83  HIS A ND1  1 
ATOM   8    C CD2  . HIS A 1 20 ? -3.640  12.502  15.948  0.73 57.99 ? 83  HIS A CD2  1 
ATOM   9    C CE1  . HIS A 1 20 ? -2.036  13.917  15.462  0.73 57.70 ? 83  HIS A CE1  1 
ATOM   10   N NE2  . HIS A 1 20 ? -2.796  13.465  16.444  0.73 57.29 ? 83  HIS A NE2  1 
ATOM   11   H HA   . HIS A 1 20 ? -2.877  12.145  11.971  0.73 59.47 ? 83  HIS A HA   1 
ATOM   12   H HB2  . HIS A 1 20 ? -4.800  11.899  13.284  0.73 67.76 ? 83  HIS A HB2  1 
ATOM   13   H HB3  . HIS A 1 20 ? -4.159  10.631  13.991  0.73 67.76 ? 83  HIS A HB3  1 
ATOM   14   H HD1  . HIS A 1 20 ? -2.002  13.400  13.584  0.73 71.97 ? 83  HIS A HD1  1 
ATOM   15   H HD2  . HIS A 1 20 ? -4.277  12.025  16.429  0.73 69.58 ? 83  HIS A HD2  1 
ATOM   16   H HE1  . HIS A 1 20 ? -1.381  14.573  15.539  0.73 69.24 ? 83  HIS A HE1  1 
ATOM   17   H HE2  . HIS A 1 20 ? -2.768  13.732  17.262  0.73 68.75 ? 83  HIS A HE2  1 
ATOM   18   N N    . MET A 1 21 ? -1.697  9.313   12.869  1.00 30.15 ? 84  MET A N    1 
ATOM   19   C CA   . MET A 1 21 ? -0.412  8.647   12.948  1.00 24.07 ? 84  MET A CA   1 
ATOM   20   C C    . MET A 1 21 ? 0.312   9.004   11.663  1.00 22.13 ? 84  MET A C    1 
ATOM   21   O O    . MET A 1 21 ? -0.288  9.019   10.587  1.00 23.69 ? 84  MET A O    1 
ATOM   22   C CB   . MET A 1 21 ? -0.566  7.127   13.050  1.00 25.75 ? 84  MET A CB   1 
ATOM   23   C CG   . MET A 1 21 ? 0.743   6.361   13.052  1.00 25.08 ? 84  MET A CG   1 
ATOM   24   S SD   . MET A 1 21 ? 1.883   6.793   14.361  1.00 25.11 ? 84  MET A SD   1 
ATOM   25   C CE   . MET A 1 21 ? 0.869   6.538   15.819  1.00 23.03 ? 84  MET A CE   1 
ATOM   26   H H    . MET A 1 21 ? -2.380  8.791   12.879  0.73 36.18 ? 84  MET A H    1 
ATOM   27   H HA   . MET A 1 21 ? 0.092   8.973   13.723  1.00 28.88 ? 84  MET A HA   1 
ATOM   28   H HB2  . MET A 1 21 ? -1.032  6.918   13.874  1.00 30.90 ? 84  MET A HB2  1 
ATOM   29   H HB3  . MET A 1 21 ? -1.088  6.818   12.293  1.00 30.90 ? 84  MET A HB3  1 
ATOM   30   H HG2  . MET A 1 21 ? 0.546   5.416   13.138  1.00 30.10 ? 84  MET A HG2  1 
ATOM   31   H HG3  . MET A 1 21 ? 1.194   6.523   12.208  1.00 30.10 ? 84  MET A HG3  1 
ATOM   32   H HE1  . MET A 1 21 ? 1.388   6.743   16.600  1.00 27.63 ? 84  MET A HE1  1 
ATOM   33   H HE2  . MET A 1 21 ? 0.104   7.116   15.773  1.00 27.63 ? 84  MET A HE2  1 
ATOM   34   H HE3  . MET A 1 21 ? 0.586   5.621   15.846  1.00 27.63 ? 84  MET A HE3  1 
ATOM   35   N N    . THR A 1 22 ? 1.596   9.304   11.776  1.00 19.63 ? 85  THR A N    1 
ATOM   36   C CA   . THR A 1 22 ? 2.422   9.553   10.608  1.00 19.39 ? 85  THR A CA   1 
ATOM   37   C C    . THR A 1 22 ? 3.502   8.478   10.535  1.00 18.92 ? 85  THR A C    1 
ATOM   38   O O    . THR A 1 22 ? 3.944   7.949   11.549  1.00 19.35 ? 85  THR A O    1 
ATOM   39   C CB   . THR A 1 22 ? 3.014   10.980  10.671  1.00 23.02 ? 85  THR A CB   1 
ATOM   40   O OG1  . THR A 1 22 ? 1.941   11.914  10.836  1.00 25.56 ? 85  THR A OG1  1 
ATOM   41   C CG2  . THR A 1 22 ? 3.799   11.328  9.412   1.00 24.56 ? 85  THR A CG2  1 
ATOM   42   H H    . THR A 1 22 ? 2.015   9.369   12.524  1.00 23.55 ? 85  THR A H    1 
ATOM   43   H HA   . THR A 1 22 ? 1.869   9.487   9.801   1.00 23.27 ? 85  THR A HA   1 
ATOM   44   H HB   . THR A 1 22 ? 3.614   11.045  11.431  1.00 27.63 ? 85  THR A HB   1 
ATOM   45   H HG1  . THR A 1 22 ? 2.238   12.677  10.872  1.00 30.67 ? 85  THR A HG1  1 
ATOM   46   H HG21 . THR A 1 22 ? 4.153   12.218  9.481   1.00 29.47 ? 85  THR A HG21 1 
ATOM   47   H HG22 . THR A 1 22 ? 4.526   10.711  9.297   1.00 29.47 ? 85  THR A HG22 1 
ATOM   48   H HG23 . THR A 1 22 ? 3.224   11.280  8.644   1.00 29.47 ? 85  THR A HG23 1 
ATOM   49   N N    . PHE A 1 23 ? 3.914   8.162   9.316   1.00 17.39 ? 86  PHE A N    1 
ATOM   50   C CA   . PHE A 1 23 ? 4.902   7.129   9.045   1.00 15.45 ? 86  PHE A CA   1 
ATOM   51   C C    . PHE A 1 23 ? 6.006   7.698   8.181   1.00 16.81 ? 86  PHE A C    1 
ATOM   52   O O    . PHE A 1 23 ? 5.796   8.667   7.449   1.00 18.35 ? 86  PHE A O    1 
ATOM   53   C CB   . PHE A 1 23 ? 4.260   5.959   8.287   1.00 17.08 ? 86  PHE A CB   1 
ATOM   54   C CG   . PHE A 1 23 ? 3.165   5.278   9.043   1.00 17.48 ? 86  PHE A CG   1 
ATOM   55   C CD1  . PHE A 1 23 ? 3.441   4.188   9.841   1.00 19.42 ? 86  PHE A CD1  1 
ATOM   56   C CD2  . PHE A 1 23 ? 1.866   5.740   8.969   1.00 18.57 ? 86  PHE A CD2  1 
ATOM   57   C CE1  . PHE A 1 23 ? 2.432   3.559   10.550  1.00 21.43 ? 86  PHE A CE1  1 
ATOM   58   C CE2  . PHE A 1 23 ? 0.855   5.128   9.681   1.00 20.14 ? 86  PHE A CE2  1 
ATOM   59   C CZ   . PHE A 1 23 ? 1.133   4.031   10.464  1.00 21.40 ? 86  PHE A CZ   1 
ATOM   60   H H    . PHE A 1 23 ? 3.624   8.547   8.605   1.00 20.86 ? 86  PHE A H    1 
ATOM   61   H HA   . PHE A 1 23 ? 5.286   6.800   9.883   1.00 18.54 ? 86  PHE A HA   1 
ATOM   62   H HB2  . PHE A 1 23 ? 3.885   6.293   7.458   1.00 20.50 ? 86  PHE A HB2  1 
ATOM   63   H HB3  . PHE A 1 23 ? 4.945   5.298   8.097   1.00 20.50 ? 86  PHE A HB3  1 
ATOM   64   H HD1  . PHE A 1 23 ? 4.313   3.869   9.898   1.00 23.30 ? 86  PHE A HD1  1 
ATOM   65   H HD2  . PHE A 1 23 ? 1.672   6.480   8.440   1.00 22.28 ? 86  PHE A HD2  1 
ATOM   66   H HE1  . PHE A 1 23 ? 2.626   2.822   11.082  1.00 25.72 ? 86  PHE A HE1  1 
ATOM   67   H HE2  . PHE A 1 23 ? -0.016  5.445   9.617   1.00 24.16 ? 86  PHE A HE2  1 
ATOM   68   H HZ   . PHE A 1 23 ? 0.452   3.613   10.941  1.00 25.68 ? 86  PHE A HZ   1 
ATOM   69   N N    . VAL A 1 24 ? 7.190   7.104   8.278   1.00 16.67 ? 87  VAL A N    1 
ATOM   70   C CA   . VAL A 1 24 ? 8.302   7.463   7.401   1.00 15.96 ? 87  VAL A CA   1 
ATOM   71   C C    . VAL A 1 24 ? 8.644   6.261   6.529   1.00 15.81 ? 87  VAL A C    1 
ATOM   72   O O    . VAL A 1 24 ? 8.670   5.117   6.992   1.00 15.69 ? 87  VAL A O    1 
ATOM   73   C CB   . VAL A 1 24 ? 9.543   7.933   8.199   1.00 18.10 ? 87  VAL A CB   1 
ATOM   74   C CG1  . VAL A 1 24 ? 10.044  6.859   9.176   1.00 18.39 ? 87  VAL A CG1  1 
ATOM   75   C CG2  . VAL A 1 24 ? 10.667  8.376   7.256   1.00 19.72 ? 87  VAL A CG2  1 
ATOM   76   H H    . VAL A 1 24 ? 7.378   6.486   8.846   1.00 20.00 ? 87  VAL A H    1 
ATOM   77   H HA   . VAL A 1 24 ? 8.023   8.196   6.814   1.00 19.15 ? 87  VAL A HA   1 
ATOM   78   H HB   . VAL A 1 24 ? 9.288   8.714   8.732   1.00 21.72 ? 87  VAL A HB   1 
ATOM   79   H HG11 . VAL A 1 24 ? 10.811  7.197   9.644   1.00 22.07 ? 87  VAL A HG11 1 
ATOM   80   H HG12 . VAL A 1 24 ? 9.344   6.655   9.800   1.00 22.07 ? 87  VAL A HG12 1 
ATOM   81   H HG13 . VAL A 1 24 ? 10.283  6.073   8.680   1.00 22.07 ? 87  VAL A HG13 1 
ATOM   82   H HG21 . VAL A 1 24 ? 11.419  8.661   7.780   1.00 23.67 ? 87  VAL A HG21 1 
ATOM   83   H HG22 . VAL A 1 24 ? 10.916  7.636   6.698   1.00 23.67 ? 87  VAL A HG22 1 
ATOM   84   H HG23 . VAL A 1 24 ? 10.351  9.103   6.715   1.00 23.67 ? 87  VAL A HG23 1 
ATOM   85   N N    . ALA A 1 25 ? 8.899   6.522   5.255   1.00 15.88 ? 88  ALA A N    1 
ATOM   86   C CA   . ALA A 1 25 ? 9.314   5.476   4.352   1.00 15.51 ? 88  ALA A CA   1 
ATOM   87   C C    . ALA A 1 25 ? 10.753  5.079   4.636   1.00 15.36 ? 88  ALA A C    1 
ATOM   88   O O    . ALA A 1 25 ? 11.636  5.936   4.717   1.00 16.31 ? 88  ALA A O    1 
ATOM   89   C CB   . ALA A 1 25 ? 9.166   5.947   2.896   1.00 16.30 ? 88  ALA A CB   1 
ATOM   90   H H    . ALA A 1 25 ? 8.837   7.300   4.892   1.00 19.06 ? 88  ALA A H    1 
ATOM   91   H HA   . ALA A 1 25 ? 8.745   4.689   4.481   1.00 18.61 ? 88  ALA A HA   1 
ATOM   92   H HB1  . ALA A 1 25 ? 9.446   5.240   2.309   1.00 19.57 ? 88  ALA A HB1  1 
ATOM   93   H HB2  . ALA A 1 25 ? 8.246   6.166   2.731   1.00 19.57 ? 88  ALA A HB2  1 
ATOM   94   H HB3  . ALA A 1 25 ? 9.716   6.722   2.761   1.00 19.57 ? 88  ALA A HB3  1 
ATOM   95   N N    . LEU A 1 26 ? 10.988  3.777   4.765   1.00 17.15 ? 89  LEU A N    1 
ATOM   96   C CA   . LEU A 1 26 ? 12.312  3.241   5.062   1.00 17.39 ? 89  LEU A CA   1 
ATOM   97   C C    . LEU A 1 26 ? 13.081  2.843   3.794   1.00 17.26 ? 89  LEU A C    1 
ATOM   98   O O    . LEU A 1 26 ? 14.306  2.696   3.836   1.00 19.73 ? 89  LEU A O    1 
ATOM   99   C CB   . LEU A 1 26 ? 12.181  2.026   5.980   1.00 18.65 ? 89  LEU A CB   1 
ATOM   100  C CG   . LEU A 1 26 ? 11.572  2.277   7.356   1.00 23.60 ? 89  LEU A CG   1 
ATOM   101  C CD1  . LEU A 1 26 ? 11.576  1.009   8.181   1.00 30.17 ? 89  LEU A CD1  1 
ATOM   102  C CD2  . LEU A 1 26 ? 12.324  3.367   8.089   1.00 27.89 ? 89  LEU A CD2  1 
ATOM   103  H H    . LEU A 1 26 ? 10.383  3.171   4.683   1.00 20.58 ? 89  LEU A H    1 
ATOM   104  H HA   . LEU A 1 26 ? 12.835  3.922   5.533   1.00 20.87 ? 89  LEU A HA   1 
ATOM   105  H HB2  . LEU A 1 26 ? 11.624  1.368   5.535   1.00 22.38 ? 89  LEU A HB2  1 
ATOM   106  H HB3  . LEU A 1 26 ? 13.066  1.655   6.120   1.00 22.38 ? 89  LEU A HB3  1 
ATOM   107  H HG   . LEU A 1 26 ? 10.653  2.564   7.248   1.00 28.32 ? 89  LEU A HG   1 
ATOM   108  H HD11 . LEU A 1 26 ? 11.060  0.339   7.727   1.00 36.20 ? 89  LEU A HD11 1 
ATOM   109  H HD12 . LEU A 1 26 ? 12.482  0.708   8.288   1.00 36.20 ? 89  LEU A HD12 1 
ATOM   110  H HD13 . LEU A 1 26 ? 11.189  1.194   9.040   1.00 36.20 ? 89  LEU A HD13 1 
ATOM   111  H HD21 . LEU A 1 26 ? 13.239  3.098   8.197   1.00 33.47 ? 89  LEU A HD21 1 
ATOM   112  H HD22 . LEU A 1 26 ? 12.279  4.177   7.575   1.00 33.47 ? 89  LEU A HD22 1 
ATOM   113  H HD23 . LEU A 1 26 ? 11.919  3.501   8.948   1.00 33.47 ? 89  LEU A HD23 1 
ATOM   114  N N    . TYR A 1 27 ? 12.353  2.681   2.686   1.00 17.58 ? 90  TYR A N    1 
ATOM   115  C CA   . TYR A 1 27 ? 12.901  2.243   1.399   1.00 17.63 ? 90  TYR A CA   1 
ATOM   116  C C    . TYR A 1 27 ? 12.140  2.944   0.286   1.00 18.39 ? 90  TYR A C    1 
ATOM   117  O O    . TYR A 1 27 ? 11.002  3.352   0.487   1.00 18.29 ? 90  TYR A O    1 
ATOM   118  C CB   . TYR A 1 27 ? 12.746  0.726   1.197   1.00 20.77 ? 90  TYR A CB   1 
ATOM   119  C CG   . TYR A 1 27 ? 13.076  -0.117  2.408   1.00 19.98 ? 90  TYR A CG   1 
ATOM   120  C CD1  . TYR A 1 27 ? 14.378  -0.502  2.677   1.00 22.85 ? 90  TYR A CD1  1 
ATOM   121  C CD2  . TYR A 1 27 ? 12.075  -0.548  3.265   1.00 23.51 ? 90  TYR A CD2  1 
ATOM   122  C CE1  . TYR A 1 27 ? 14.678  -1.263  3.791   1.00 27.32 ? 90  TYR A CE1  1 
ATOM   123  C CE2  . TYR A 1 27 ? 12.355  -1.311  4.370   1.00 23.92 ? 90  TYR A CE2  1 
ATOM   124  C CZ   . TYR A 1 27 ? 13.656  -1.668  4.634   1.00 26.53 ? 90  TYR A CZ   1 
ATOM   125  O OH   . TYR A 1 27 ? 13.941  -2.429  5.740   1.00 30.69 ? 90  TYR A OH   1 
ATOM   126  H H    . TYR A 1 27 ? 11.506  2.827   2.655   1.00 21.09 ? 90  TYR A H    1 
ATOM   127  H HA   . TYR A 1 27 ? 13.850  2.479   1.339   1.00 21.15 ? 90  TYR A HA   1 
ATOM   128  H HB2  . TYR A 1 27 ? 11.825  0.540   0.953   1.00 24.92 ? 90  TYR A HB2  1 
ATOM   129  H HB3  . TYR A 1 27 ? 13.335  0.449   0.478   1.00 24.92 ? 90  TYR A HB3  1 
ATOM   130  H HD1  . TYR A 1 27 ? 15.064  -0.221  2.116   1.00 27.42 ? 90  TYR A HD1  1 
ATOM   131  H HD2  . TYR A 1 27 ? 11.194  -0.302  3.096   1.00 28.21 ? 90  TYR A HD2  1 
ATOM   132  H HE1  . TYR A 1 27 ? 15.557  -1.509  3.968   1.00 32.78 ? 90  TYR A HE1  1 
ATOM   133  H HE2  . TYR A 1 27 ? 11.670  -1.582  4.938   1.00 28.70 ? 90  TYR A HE2  1 
ATOM   134  H HH   . TYR A 1 27 ? 13.547  -3.148  5.697   1.00 36.82 ? 90  TYR A HH   1 
ATOM   135  N N    . ASP A 1 28 ? 12.747  3.047   -0.891  1.00 19.28 ? 91  ASP A N    1 
ATOM   136  C CA   . ASP A 1 28 ? 12.064  3.531   -2.088  1.00 18.61 ? 91  ASP A CA   1 
ATOM   137  C C    . ASP A 1 28 ? 11.104  2.457   -2.617  1.00 16.49 ? 91  ASP A C    1 
ATOM   138  O O    . ASP A 1 28 ? 11.397  1.260   -2.554  1.00 19.18 ? 91  ASP A O    1 
ATOM   139  C CB   . ASP A 1 28 ? 13.049  3.801   -3.224  1.00 17.89 ? 91  ASP A CB   1 
ATOM   140  C CG   . ASP A 1 28 ? 14.010  4.958   -2.970  1.00 17.73 ? 91  ASP A CG   1 
ATOM   141  O OD1  . ASP A 1 28 ? 14.011  5.589   -1.901  1.00 19.06 ? 91  ASP A OD1  1 
ATOM   142  O OD2  . ASP A 1 28 ? 14.809  5.208   -3.897  1.00 20.16 ? 91  ASP A OD2  1 
ATOM   143  H H    . ASP A 1 28 ? 13.571  2.839   -1.026  1.00 23.14 ? 91  ASP A H    1 
ATOM   144  H HA   . ASP A 1 28 ? 11.562  4.349   -1.890  1.00 22.33 ? 91  ASP A HA   1 
ATOM   145  H HB2  . ASP A 1 28 ? 13.581  3.003   -3.368  1.00 21.47 ? 91  ASP A HB2  1 
ATOM   146  H HB3  . ASP A 1 28 ? 12.546  4.007   -4.028  1.00 21.47 ? 91  ASP A HB3  1 
ATOM   147  N N    . TYR A 1 29 ? 9.988   2.899   -3.188  1.00 16.86 ? 92  TYR A N    1 
ATOM   148  C CA   . TYR A 1 29 ? 9.023   2.024   -3.831  1.00 17.01 ? 92  TYR A CA   1 
ATOM   149  C C    . TYR A 1 29 ? 8.520   2.701   -5.104  1.00 16.57 ? 92  TYR A C    1 
ATOM   150  O O    . TYR A 1 29 ? 8.083   3.850   -5.070  1.00 16.81 ? 92  TYR A O    1 
ATOM   151  C CB   . TYR A 1 29 ? 7.843   1.680   -2.899  1.00 16.53 ? 92  TYR A CB   1 
ATOM   152  C CG   . TYR A 1 29 ? 6.794   0.843   -3.612  1.00 16.54 ? 92  TYR A CG   1 
ATOM   153  C CD1  . TYR A 1 29 ? 6.983   -0.519  -3.817  1.00 17.54 ? 92  TYR A CD1  1 
ATOM   154  C CD2  . TYR A 1 29 ? 5.659   1.424   -4.131  1.00 16.24 ? 92  TYR A CD2  1 
ATOM   155  C CE1  . TYR A 1 29 ? 6.047   -1.277  -4.500  1.00 18.13 ? 92  TYR A CE1  1 
ATOM   156  C CE2  . TYR A 1 29 ? 4.716   0.674   -4.824  1.00 16.97 ? 92  TYR A CE2  1 
ATOM   157  C CZ   . TYR A 1 29 ? 4.922   -0.676  -5.014  1.00 17.15 ? 92  TYR A CZ   1 
ATOM   158  O OH   . TYR A 1 29 ? 3.997   -1.430  -5.705  1.00 18.72 ? 92  TYR A OH   1 
ATOM   159  H H    . TYR A 1 29 ? 9.763   3.729   -3.215  1.00 20.24 ? 92  TYR A H    1 
ATOM   160  H HA   . TYR A 1 29 ? 9.465   1.188   -4.084  1.00 20.42 ? 92  TYR A HA   1 
ATOM   161  H HB2  . TYR A 1 29 ? 8.173   1.172   -2.141  1.00 19.84 ? 92  TYR A HB2  1 
ATOM   162  H HB3  . TYR A 1 29 ? 7.424   2.500   -2.597  1.00 19.84 ? 92  TYR A HB3  1 
ATOM   163  H HD1  . TYR A 1 29 ? 7.747   -0.929  -3.484  1.00 21.05 ? 92  TYR A HD1  1 
ATOM   164  H HD2  . TYR A 1 29 ? 5.522   2.336   -4.018  1.00 19.49 ? 92  TYR A HD2  1 
ATOM   165  H HE1  . TYR A 1 29 ? 6.189   -2.187  -4.628  1.00 21.76 ? 92  TYR A HE1  1 
ATOM   166  H HE2  . TYR A 1 29 ? 3.954   1.084   -5.166  1.00 20.36 ? 92  TYR A HE2  1 
ATOM   167  H HH   . TYR A 1 29 ? 3.919   -1.147  -6.471  1.00 22.46 ? 92  TYR A HH   1 
ATOM   168  N N    . VAL A 1 30 ? 8.606   1.996   -6.228  1.00 17.47 ? 93  VAL A N    1 
ATOM   169  C CA   . VAL A 1 30 ? 8.093   2.498   -7.499  1.00 16.62 ? 93  VAL A CA   1 
ATOM   170  C C    . VAL A 1 30 ? 6.784   1.790   -7.848  1.00 18.75 ? 93  VAL A C    1 
ATOM   171  O O    . VAL A 1 30 ? 6.726   0.565   -7.859  1.00 18.33 ? 93  VAL A O    1 
ATOM   172  C CB   . VAL A 1 30 ? 9.128   2.303   -8.623  1.00 17.71 ? 93  VAL A CB   1 
ATOM   173  C CG1  . VAL A 1 30 ? 8.526   2.587   -9.983  1.00 20.72 ? 93  VAL A CG1  1 
ATOM   174  C CG2  . VAL A 1 30 ? 10.343  3.176   -8.391  1.00 20.18 ? 93  VAL A CG2  1 
ATOM   175  H H    . VAL A 1 30 ? 8.960   1.214   -6.280  1.00 20.96 ? 93  VAL A H    1 
ATOM   176  H HA   . VAL A 1 30 ? 7.909   3.457   -7.415  1.00 19.94 ? 93  VAL A HA   1 
ATOM   177  H HB   . VAL A 1 30 ? 9.425   1.370   -8.618  1.00 21.25 ? 93  VAL A HB   1 
ATOM   178  H HG11 . VAL A 1 30 ? 9.199   2.456   -10.655 1.00 24.86 ? 93  VAL A HG11 1 
ATOM   179  H HG12 . VAL A 1 30 ? 7.793   1.985   -10.131 1.00 24.86 ? 93  VAL A HG12 1 
ATOM   180  H HG13 . VAL A 1 30 ? 8.215   3.496   -10.004 1.00 24.86 ? 93  VAL A HG13 1 
ATOM   181  H HG21 . VAL A 1 30 ? 10.969  3.035   -9.105  1.00 24.21 ? 93  VAL A HG21 1 
ATOM   182  H HG22 . VAL A 1 30 ? 10.068  4.096   -8.372  1.00 24.21 ? 93  VAL A HG22 1 
ATOM   183  H HG23 . VAL A 1 30 ? 10.744  2.936   -7.551  1.00 24.21 ? 93  VAL A HG23 1 
ATOM   184  N N    . ALA A 1 31 ? 5.742   2.567   -8.143  1.00 18.07 ? 94  ALA A N    1 
ATOM   185  C CA   . ALA A 1 31 ? 4.425   2.009   -8.429  1.00 17.16 ? 94  ALA A CA   1 
ATOM   186  C C    . ALA A 1 31 ? 4.396   1.191   -9.706  1.00 19.26 ? 94  ALA A C    1 
ATOM   187  O O    . ALA A 1 31 ? 5.083   1.505   -10.678 1.00 21.82 ? 94  ALA A O    1 
ATOM   188  C CB   . ALA A 1 31 ? 3.366   3.096   -8.488  1.00 20.79 ? 94  ALA A CB   1 
ATOM   189  H H    . ALA A 1 31 ? 5.774   3.426   -8.183  1.00 21.68 ? 94  ALA A H    1 
ATOM   190  H HA   . ALA A 1 31 ? 4.182   1.407   -7.694  1.00 20.59 ? 94  ALA A HA   1 
ATOM   191  H HB1  . ALA A 1 31 ? 2.516   2.694   -8.678  1.00 24.94 ? 94  ALA A HB1  1 
ATOM   192  H HB2  . ALA A 1 31 ? 3.334   3.547   -7.642  1.00 24.94 ? 94  ALA A HB2  1 
ATOM   193  H HB3  . ALA A 1 31 ? 3.596   3.718   -9.183  1.00 24.94 ? 94  ALA A HB3  1 
ATOM   194  N N    . SER A 1 32 ? 3.592   0.139   -9.668  1.00 20.46 ? 95  SER A N    1 
ATOM   195  C CA   . SER A 1 32 ? 3.315   -0.726  -10.811 1.00 23.62 ? 95  SER A CA   1 
ATOM   196  C C    . SER A 1 32 ? 2.163   -0.196  -11.647 1.00 24.27 ? 95  SER A C    1 
ATOM   197  O O    . SER A 1 32 ? 2.032   -0.524  -12.826 1.00 28.06 ? 95  SER A O    1 
ATOM   198  C CB   . SER A 1 32 ? 2.919   -2.118  -10.314 1.00 25.82 ? 95  SER A CB   1 
ATOM   199  O OG   . SER A 1 32 ? 1.705   -2.056  -9.575  1.00 29.05 ? 95  SER A OG   1 
ATOM   200  H H    . SER A 1 32 ? 3.176   -0.107  -8.958  1.00 24.56 ? 95  SER A H    1 
ATOM   201  H HA   . SER A 1 32 ? 4.112   -0.802  -11.376 1.00 28.34 ? 95  SER A HA   1 
ATOM   202  H HB2  . SER A 1 32 ? 2.795   -2.703  -11.077 1.00 30.99 ? 95  SER A HB2  1 
ATOM   203  H HB3  . SER A 1 32 ? 3.622   -2.462  -9.741  1.00 30.99 ? 95  SER A HB3  1 
ATOM   204  H HG   . SER A 1 32 ? 1.498   -2.804  -9.311  1.00 34.86 ? 95  SER A HG   1 
ATOM   205  N N    . GLY A 1 33 ? 1.295   0.586   -11.025 1.00 23.37 ? 96  GLY A N    1 
ATOM   206  C CA   . GLY A 1 33 ? 0.103   1.069   -11.702 1.00 23.58 ? 96  GLY A CA   1 
ATOM   207  C C    . GLY A 1 33 ? -1.132  0.214   -11.485 1.00 22.05 ? 96  GLY A C    1 
ATOM   208  O O    . GLY A 1 33 ? -2.181  0.493   -12.075 1.00 24.74 ? 96  GLY A O    1 
ATOM   209  H H    . GLY A 1 33 ? 1.371   0.853   -10.211 1.00 28.04 ? 96  GLY A H    1 
ATOM   210  H HA2  . GLY A 1 33 ? -0.094  1.966   -11.392 1.00 28.30 ? 96  GLY A HA2  1 
ATOM   211  H HA3  . GLY A 1 33 ? 0.276   1.110   -12.655 1.00 28.30 ? 96  GLY A HA3  1 
ATOM   212  N N    . GLU A 1 34 ? -1.024  -0.831  -10.668 1.00 21.00 ? 97  GLU A N    1 
ATOM   213  C CA   . GLU A 1 34 ? -2.198  -1.630  -10.315 1.00 19.28 ? 97  GLU A CA   1 
ATOM   214  C C    . GLU A 1 34 ? -3.193  -0.731  -9.589  1.00 18.65 ? 97  GLU A C    1 
ATOM   215  O O    . GLU A 1 34 ? -2.802  0.125   -8.804  1.00 18.56 ? 97  GLU A O    1 
ATOM   216  C CB   . GLU A 1 34 ? -1.835  -2.815  -9.406  1.00 21.42 ? 97  GLU A CB   1 
ATOM   217  C CG   . GLU A 1 34 ? -0.942  -3.896  -10.021 1.00 25.91 ? 97  GLU A CG   1 
ATOM   218  C CD   . GLU A 1 34 ? -1.667  -4.856  -10.950 1.00 29.86 ? 97  GLU A CD   1 
ATOM   219  O OE1  . GLU A 1 34 ? -2.905  -4.770  -11.084 1.00 33.83 ? 97  GLU A OE1  1 
ATOM   220  O OE2  . GLU A 1 34 ? -0.981  -5.719  -11.547 1.00 34.65 ? 97  GLU A OE2  1 
ATOM   221  H H    . GLU A 1 34 ? -0.290  -1.098  -10.308 1.00 25.20 ? 97  GLU A H    1 
ATOM   222  H HA   . GLU A 1 34 ? -2.621  -1.975  -11.128 1.00 23.14 ? 97  GLU A HA   1 
ATOM   223  H HB2  . GLU A 1 34 ? -1.373  -2.470  -8.626  1.00 25.71 ? 97  GLU A HB2  1 
ATOM   224  H HB3  . GLU A 1 34 ? -2.658  -3.246  -9.125  1.00 25.71 ? 97  GLU A HB3  1 
ATOM   225  H HG2  . GLU A 1 34 ? -0.241  -3.465  -10.533 1.00 31.09 ? 97  GLU A HG2  1 
ATOM   226  H HG3  . GLU A 1 34 ? -0.551  -4.420  -9.304  1.00 31.09 ? 97  GLU A HG3  1 
ATOM   227  N N    . THR A 1 35 ? -4.480  -0.942  -9.844  1.00 18.84 ? 98  THR A N    1 
ATOM   228  C CA   . THR A 1 35 ? -5.530  -0.221  -9.143  1.00 18.08 ? 98  THR A CA   1 
ATOM   229  C C    . THR A 1 35 ? -6.219  -1.155  -8.158  1.00 16.50 ? 98  THR A C    1 
ATOM   230  O O    . THR A 1 35 ? -5.900  -2.341  -8.092  1.00 16.44 ? 98  THR A O    1 
ATOM   231  C CB   . THR A 1 35 ? -6.608  0.318   -10.101 1.00 22.50 ? 98  THR A CB   1 
ATOM   232  O OG1  . THR A 1 35 ? -7.277  -0.776  -10.742 1.00 25.72 ? 98  THR A OG1  1 
ATOM   233  C CG2  . THR A 1 35 ? -6.011  1.220   -11.156 1.00 24.34 ? 98  THR A CG2  1 
ATOM   234  H H    . THR A 1 35 ? -4.771  -1.504  -10.427 1.00 22.61 ? 98  THR A H    1 
ATOM   235  H HA   . THR A 1 35 ? -5.142  0.530   -8.648  1.00 21.70 ? 98  THR A HA   1 
ATOM   236  H HB   . THR A 1 35 ? -7.256  0.833   -9.594  1.00 27.00 ? 98  THR A HB   1 
ATOM   237  H HG1  . THR A 1 35 ? -7.633  -1.256  -10.180 1.00 30.87 ? 98  THR A HG1  1 
ATOM   238  H HG21 . THR A 1 35 ? -6.702  1.543   -11.740 1.00 29.21 ? 98  THR A HG21 1 
ATOM   239  H HG22 . THR A 1 35 ? -5.578  1.969   -10.741 1.00 29.21 ? 98  THR A HG22 1 
ATOM   240  H HG23 . THR A 1 35 ? -5.366  0.734   -11.675 1.00 29.21 ? 98  THR A HG23 1 
ATOM   241  N N    . ASP A 1 36 ? -7.183  -0.642  -7.406  1.00 16.14 ? 99  ASP A N    1 
ATOM   242  C CA   . ASP A 1 36 ? -8.071  -1.539  -6.689  1.00 15.12 ? 99  ASP A CA   1 
ATOM   243  C C    . ASP A 1 36 ? -8.953  -2.319  -7.680  1.00 15.36 ? 99  ASP A C    1 
ATOM   244  O O    . ASP A 1 36 ? -9.099  -1.946  -8.844  1.00 17.94 ? 99  ASP A O    1 
ATOM   245  C CB   . ASP A 1 36 ? -8.856  -0.857  -5.544  1.00 16.88 ? 99  ASP A CB   1 
ATOM   246  C CG   . ASP A 1 36 ? -9.645  0.376   -5.953  1.00 17.87 ? 99  ASP A CG   1 
ATOM   247  O OD1  . ASP A 1 36 ? -9.368  0.970   -7.004  1.00 18.62 ? 99  ASP A OD1  1 
ATOM   248  O OD2  . ASP A 1 36 ? -10.537 0.785   -5.158  1.00 18.03 ? 99  ASP A OD2  1 
ATOM   249  H H    . ASP A 1 36 ? -7.340  0.196   -7.298  1.00 19.36 ? 99  ASP A H    1 
ATOM   250  H HA   . ASP A 1 36 ? -7.502  -2.210  -6.256  1.00 18.15 ? 99  ASP A HA   1 
ATOM   251  H HB2  . ASP A 1 36 ? -9.484  -1.498  -5.176  1.00 20.26 ? 99  ASP A HB2  1 
ATOM   252  H HB3  . ASP A 1 36 ? -8.226  -0.588  -4.857  1.00 20.26 ? 99  ASP A HB3  1 
ATOM   253  N N    . LEU A 1 37 ? -9.492  -3.429  -7.207  1.00 15.23 ? 100 LEU A N    1 
ATOM   254  C CA   . LEU A 1 37 ? -10.234 -4.380  -8.022  1.00 15.56 ? 100 LEU A CA   1 
ATOM   255  C C    . LEU A 1 37 ? -11.701 -4.388  -7.640  1.00 16.10 ? 100 LEU A C    1 
ATOM   256  O O    . LEU A 1 37 ? -12.015 -4.561  -6.463  1.00 18.07 ? 100 LEU A O    1 
ATOM   257  C CB   . LEU A 1 37 ? -9.675  -5.780  -7.744  1.00 17.46 ? 100 LEU A CB   1 
ATOM   258  C CG   . LEU A 1 37 ? -10.391 -6.964  -8.384  1.00 18.12 ? 100 LEU A CG   1 
ATOM   259  C CD1  . LEU A 1 37 ? -10.315 -6.897  -9.896  1.00 19.53 ? 100 LEU A CD1  1 
ATOM   260  C CD2  . LEU A 1 37 ? -9.790  -8.258  -7.875  1.00 20.73 ? 100 LEU A CD2  1 
ATOM   261  H H    . LEU A 1 37 ? -9.440  -3.663  -6.382  1.00 18.27 ? 100 LEU A H    1 
ATOM   262  H HA   . LEU A 1 37 ? -10.140 -4.169  -8.975  1.00 18.67 ? 100 LEU A HA   1 
ATOM   263  H HB2  . LEU A 1 37 ? -8.756  -5.803  -8.055  1.00 20.95 ? 100 LEU A HB2  1 
ATOM   264  H HB3  . LEU A 1 37 ? -9.690  -5.925  -6.785  1.00 20.95 ? 100 LEU A HB3  1 
ATOM   265  H HG   . LEU A 1 37 ? -11.326 -6.945  -8.128  1.00 21.74 ? 100 LEU A HG   1 
ATOM   266  H HD11 . LEU A 1 37 ? -10.775 -7.654  -10.265 1.00 23.44 ? 100 LEU A HD11 1 
ATOM   267  H HD12 . LEU A 1 37 ? -10.733 -6.083  -10.192 1.00 23.44 ? 100 LEU A HD12 1 
ATOM   268  H HD13 . LEU A 1 37 ? -9.393  -6.909  -10.163 1.00 23.44 ? 100 LEU A HD13 1 
ATOM   269  H HD21 . LEU A 1 37 ? -10.248 -8.996  -8.284  1.00 24.88 ? 100 LEU A HD21 1 
ATOM   270  H HD22 . LEU A 1 37 ? -8.858  -8.282  -8.106  1.00 24.88 ? 100 LEU A HD22 1 
ATOM   271  H HD23 . LEU A 1 37 ? -9.893  -8.296  -6.921  1.00 24.88 ? 100 LEU A HD23 1 
ATOM   272  N N    . SER A 1 38 ? -12.595 -4.203  -8.608  1.00 16.30 ? 101 SER A N    1 
ATOM   273  C CA   . SER A 1 38 ? -14.020 -4.416  -8.384  1.00 16.16 ? 101 SER A CA   1 
ATOM   274  C C    . SER A 1 38 ? -14.305 -5.913  -8.391  1.00 16.68 ? 101 SER A C    1 
ATOM   275  O O    . SER A 1 38 ? -13.804 -6.655  -9.254  1.00 18.35 ? 101 SER A O    1 
ATOM   276  C CB   . SER A 1 38 ? -14.851 -3.760  -9.475  1.00 18.33 ? 101 SER A CB   1 
ATOM   277  O OG   . SER A 1 38 ? -14.778 -2.355  -9.438  0.77 16.56 ? 101 SER A OG   1 
ATOM   278  H H    . SER A 1 38 ? -12.399 -3.953  -9.408  1.00 19.56 ? 101 SER A H    1 
ATOM   279  H HA   . SER A 1 38 ? -14.282 -4.045  -7.515  1.00 19.39 ? 101 SER A HA   1 
ATOM   280  H HB2  . SER A 1 38 ? -14.527 -4.064  -10.337 1.00 21.99 ? 101 SER A HB2  1 
ATOM   281  H HB3  . SER A 1 38 ? -15.777 -4.026  -9.362  1.00 21.99 ? 101 SER A HB3  1 
ATOM   282  H HG   . SER A 1 38 ? -15.237 -2.035  -10.037 0.77 19.87 ? 101 SER A HG   1 
ATOM   283  N N    . PHE A 1 39 ? -15.147 -6.362  -7.465  1.00 16.51 ? 102 PHE A N    1 
ATOM   284  C CA   . PHE A 1 39 ? -15.530 -7.764  -7.433  1.00 17.55 ? 102 PHE A CA   1 
ATOM   285  C C    . PHE A 1 39 ? -16.894 -7.961  -6.800  1.00 17.43 ? 102 PHE A C    1 
ATOM   286  O O    . PHE A 1 39 ? -17.300 -7.227  -5.900  1.00 17.35 ? 102 PHE A O    1 
ATOM   287  C CB   . PHE A 1 39 ? -14.484 -8.623  -6.707  1.00 15.42 ? 102 PHE A CB   1 
ATOM   288  C CG   . PHE A 1 39 ? -14.197 -8.190  -5.285  1.00 14.87 ? 102 PHE A CG   1 
ATOM   289  C CD1  . PHE A 1 39 ? -14.969 -8.653  -4.236  1.00 15.80 ? 102 PHE A CD1  1 
ATOM   290  C CD2  . PHE A 1 39 ? -13.138 -7.347  -4.996  1.00 14.73 ? 102 PHE A CD2  1 
ATOM   291  C CE1  . PHE A 1 39 ? -14.699 -8.257  -2.931  1.00 15.88 ? 102 PHE A CE1  1 
ATOM   292  C CE2  . PHE A 1 39 ? -12.873 -6.952  -3.706  1.00 15.57 ? 102 PHE A CE2  1 
ATOM   293  C CZ   . PHE A 1 39 ? -13.640 -7.419  -2.676  1.00 15.80 ? 102 PHE A CZ   1 
ATOM   294  H H    . PHE A 1 39 ? -15.507 -5.878  -6.851  1.00 19.81 ? 102 PHE A H    1 
ATOM   295  H HA   . PHE A 1 39 ? -15.585 -8.090  -8.354  1.00 21.06 ? 102 PHE A HA   1 
ATOM   296  H HB2  . PHE A 1 39 ? -14.800 -9.539  -6.677  1.00 18.51 ? 102 PHE A HB2  1 
ATOM   297  H HB3  . PHE A 1 39 ? -13.650 -8.581  -7.201  1.00 18.51 ? 102 PHE A HB3  1 
ATOM   298  H HD1  . PHE A 1 39 ? -15.683 -9.225  -4.407  1.00 18.96 ? 102 PHE A HD1  1 
ATOM   299  H HD2  . PHE A 1 39 ? -12.606 -7.027  -5.689  1.00 17.68 ? 102 PHE A HD2  1 
ATOM   300  H HE1  . PHE A 1 39 ? -15.224 -8.571  -2.231  1.00 19.05 ? 102 PHE A HE1  1 
ATOM   301  H HE2  . PHE A 1 39 ? -12.158 -6.383  -3.532  1.00 18.69 ? 102 PHE A HE2  1 
ATOM   302  H HZ   . PHE A 1 39 ? -13.460 -7.150  -1.804  1.00 18.96 ? 102 PHE A HZ   1 
ATOM   303  N N    . LYS A 1 40 ? -17.590 -8.972  -7.298  1.00 17.90 ? 103 LYS A N    1 
ATOM   304  C CA   . LYS A 1 40 ? -18.898 -9.357  -6.816  1.00 19.25 ? 103 LYS A CA   1 
ATOM   305  C C    . LYS A 1 40 ? -18.791 -10.413 -5.719  1.00 17.54 ? 103 LYS A C    1 
ATOM   306  O O    . LYS A 1 40 ? -17.933 -11.289 -5.783  1.00 18.57 ? 103 LYS A O    1 
ATOM   307  C CB   . LYS A 1 40 ? -19.684 -9.957  -7.988  1.00 20.87 ? 103 LYS A CB   1 
ATOM   308  C CG   . LYS A 1 40 ? -21.126 -10.320 -7.691  1.00 23.86 ? 103 LYS A CG   1 
ATOM   309  C CD   . LYS A 1 40 ? -22.008 -9.126  -7.862  1.00 28.59 ? 103 LYS A CD   1 
ATOM   310  C CE   . LYS A 1 40 ? -23.463 -9.426  -7.597  1.00 29.22 ? 103 LYS A CE   1 
ATOM   311  N NZ   . LYS A 1 40 ? -24.128 -8.203  -7.077  1.00 29.66 ? 103 LYS A NZ   1 
ATOM   312  H H    . LYS A 1 40 ? -17.311 -9.467  -7.944  1.00 21.49 ? 103 LYS A H    1 
ATOM   313  H HA   . LYS A 1 40 ? -19.377 -8.575  -6.471  1.00 23.10 ? 103 LYS A HA   1 
ATOM   314  H HB2  . LYS A 1 40 ? -19.689 -9.315  -8.715  1.00 25.04 ? 103 LYS A HB2  1 
ATOM   315  H HB3  . LYS A 1 40 ? -19.234 -10.768 -8.275  1.00 25.04 ? 103 LYS A HB3  1 
ATOM   316  H HG2  . LYS A 1 40 ? -21.420 -11.010 -8.307  1.00 28.63 ? 103 LYS A HG2  1 
ATOM   317  H HG3  . LYS A 1 40 ? -21.200 -10.628 -6.775  1.00 28.63 ? 103 LYS A HG3  1 
ATOM   318  H HD2  . LYS A 1 40 ? -21.728 -8.435  -7.241  1.00 34.31 ? 103 LYS A HD2  1 
ATOM   319  H HD3  . LYS A 1 40 ? -21.930 -8.804  -8.774  1.00 34.31 ? 103 LYS A HD3  1 
ATOM   320  H HE2  . LYS A 1 40 ? -23.899 -9.690  -8.422  1.00 35.06 ? 103 LYS A HE2  1 
ATOM   321  H HE3  . LYS A 1 40 ? -23.537 -10.127 -6.931  1.00 35.06 ? 103 LYS A HE3  1 
ATOM   322  H HZ1  . LYS A 1 40 ? -23.738 -7.943  -6.320  1.00 35.59 ? 103 LYS A HZ1  1 
ATOM   323  H HZ2  . LYS A 1 40 ? -24.067 -7.546  -7.674  1.00 35.59 ? 103 LYS A HZ2  1 
ATOM   324  H HZ3  . LYS A 1 40 ? -24.988 -8.369  -6.917  1.00 35.59 ? 103 LYS A HZ3  1 
ATOM   325  N N    . LYS A 1 41 ? -19.684 -10.342 -4.732  1.00 17.97 ? 104 LYS A N    1 
ATOM   326  C CA   . LYS A 1 41 ? -19.848 -11.426 -3.775  1.00 18.15 ? 104 LYS A CA   1 
ATOM   327  C C    . LYS A 1 41 ? -19.904 -12.754 -4.513  1.00 18.05 ? 104 LYS A C    1 
ATOM   328  O O    . LYS A 1 41 ? -20.612 -12.891 -5.516  1.00 20.13 ? 104 LYS A O    1 
ATOM   329  C CB   . LYS A 1 41 ? -21.123 -11.222 -2.949  1.00 18.98 ? 104 LYS A CB   1 
ATOM   330  C CG   . LYS A 1 41 ? -21.442 -12.365 -1.997  1.00 21.05 ? 104 LYS A CG   1 
ATOM   331  C CD   . LYS A 1 41 ? -22.684 -12.099 -1.177  1.00 22.59 ? 104 LYS A CD   1 
ATOM   332  C CE   . LYS A 1 41 ? -22.866 -13.150 -0.100  1.00 29.32 ? 104 LYS A CE   1 
ATOM   333  N NZ   . LYS A 1 41 ? -24.089 -12.914 0.701   1.00 35.19 ? 104 LYS A NZ   1 
ATOM   334  H H    . LYS A 1 41 ? -20.206 -9.673  -4.597  1.00 21.56 ? 104 LYS A H    1 
ATOM   335  H HA   . LYS A 1 41 ? -19.082 -11.442 -3.163  1.00 21.78 ? 104 LYS A HA   1 
ATOM   336  H HB2  . LYS A 1 41 ? -21.024 -10.415 -2.419  1.00 22.78 ? 104 LYS A HB2  1 
ATOM   337  H HB3  . LYS A 1 41 ? -21.873 -11.124 -3.555  1.00 22.78 ? 104 LYS A HB3  1 
ATOM   338  H HG2  . LYS A 1 41 ? -21.588 -13.174 -2.511  1.00 25.25 ? 104 LYS A HG2  1 
ATOM   339  H HG3  . LYS A 1 41 ? -20.698 -12.488 -1.387  1.00 25.25 ? 104 LYS A HG3  1 
ATOM   340  H HD2  . LYS A 1 41 ? -22.606 -11.233 -0.748  1.00 27.11 ? 104 LYS A HD2  1 
ATOM   341  H HD3  . LYS A 1 41 ? -23.462 -12.119 -1.756  1.00 27.11 ? 104 LYS A HD3  1 
ATOM   342  H HE2  . LYS A 1 41 ? -22.940 -14.023 -0.516  1.00 35.19 ? 104 LYS A HE2  1 
ATOM   343  H HE3  . LYS A 1 41 ? -22.102 -13.128 0.499   1.00 35.19 ? 104 LYS A HE3  1 
ATOM   344  H HZ1  . LYS A 1 41 ? -24.171 -13.545 1.325   1.00 42.23 ? 104 LYS A HZ1  1 
ATOM   345  H HZ2  . LYS A 1 41 ? -24.044 -12.119 1.099   1.00 42.23 ? 104 LYS A HZ2  1 
ATOM   346  H HZ3  . LYS A 1 41 ? -24.806 -12.934 0.175   1.00 42.23 ? 104 LYS A HZ3  1 
ATOM   347  N N    . GLY A 1 42 ? -19.135 -13.726 -4.037  1.00 18.83 ? 105 GLY A N    1 
ATOM   348  C CA   . GLY A 1 42 ? -19.132 -15.042 -4.647  1.00 19.16 ? 105 GLY A CA   1 
ATOM   349  C C    . GLY A 1 42 ? -17.979 -15.310 -5.592  1.00 20.68 ? 105 GLY A C    1 
ATOM   350  O O    . GLY A 1 42 ? -17.708 -16.472 -5.909  1.00 22.15 ? 105 GLY A O    1 
ATOM   351  H H    . GLY A 1 42 ? -18.607 -13.646 -3.363  1.00 22.60 ? 105 GLY A H    1 
ATOM   352  H HA2  . GLY A 1 42 ? -19.105 -15.712 -3.946  1.00 22.99 ? 105 GLY A HA2  1 
ATOM   353  H HA3  . GLY A 1 42 ? -19.958 -15.160 -5.142  1.00 22.99 ? 105 GLY A HA3  1 
ATOM   354  N N    . GLU A 1 43 ? -17.300 -14.258 -6.057  1.00 18.78 ? 106 GLU A N    1 
ATOM   355  C CA   . GLU A 1 43 ? -16.111 -14.455 -6.867  1.00 19.44 ? 106 GLU A CA   1 
ATOM   356  C C    . GLU A 1 43 ? -15.046 -15.177 -6.064  1.00 18.01 ? 106 GLU A C    1 
ATOM   357  O O    . GLU A 1 43 ? -14.988 -15.064 -4.841  1.00 19.05 ? 106 GLU A O    1 
ATOM   358  C CB   . GLU A 1 43 ? -15.531 -13.131 -7.380  1.00 20.15 ? 106 GLU A CB   1 
ATOM   359  C CG   . GLU A 1 43 ? -16.403 -12.420 -8.392  1.00 20.28 ? 106 GLU A CG   1 
ATOM   360  C CD   . GLU A 1 43 ? -15.708 -11.255 -9.074  1.00 19.44 ? 106 GLU A CD   1 
ATOM   361  O OE1  . GLU A 1 43 ? -16.422 -10.329 -9.521  1.00 21.84 ? 106 GLU A OE1  1 
ATOM   362  O OE2  . GLU A 1 43 ? -14.457 -11.256 -9.148  1.00 21.00 ? 106 GLU A OE2  1 
ATOM   363  H H    . GLU A 1 43 ? -17.508 -13.435 -5.916  1.00 22.53 ? 106 GLU A H    1 
ATOM   364  H HA   . GLU A 1 43 ? -16.339 -15.009 -7.642  1.00 23.33 ? 106 GLU A HA   1 
ATOM   365  H HB2  . GLU A 1 43 ? -15.405 -12.533 -6.628  1.00 24.18 ? 106 GLU A HB2  1 
ATOM   366  H HB3  . GLU A 1 43 ? -14.676 -13.310 -7.803  1.00 24.18 ? 106 GLU A HB3  1 
ATOM   367  H HG2  . GLU A 1 43 ? -16.667 -13.052 -9.079  1.00 24.34 ? 106 GLU A HG2  1 
ATOM   368  H HG3  . GLU A 1 43 ? -17.190 -12.075 -7.941  1.00 24.34 ? 106 GLU A HG3  1 
ATOM   369  N N    . ARG A 1 44 ? -14.208 -15.925 -6.772  1.00 19.06 ? 107 ARG A N    1 
ATOM   370  C CA   . ARG A 1 44 ? -13.067 -16.588 -6.172  1.00 18.24 ? 107 ARG A CA   1 
ATOM   371  C C    . ARG A 1 44 ? -11.797 -15.861 -6.597  1.00 18.99 ? 107 ARG A C    1 
ATOM   372  O O    . ARG A 1 44 ? -11.647 -15.491 -7.761  1.00 20.12 ? 107 ARG A O    1 
ATOM   373  C CB   . ARG A 1 44 ? -13.026 -18.062 -6.587  1.00 22.93 ? 107 ARG A CB   1 
ATOM   374  C CG   . ARG A 1 44 ? -13.661 -19.028 -5.587  1.00 29.09 ? 107 ARG A CG   1 
ATOM   375  C CD   . ARG A 1 44 ? -15.156 -18.845 -5.406  1.00 35.16 ? 107 ARG A CD   1 
ATOM   376  N NE   . ARG A 1 44 ? -15.645 -19.656 -4.286  1.00 36.31 ? 107 ARG A NE   1 
ATOM   377  C CZ   . ARG A 1 44 ? -16.918 -19.768 -3.920  1.00 32.20 ? 107 ARG A CZ   1 
ATOM   378  N NH1  . ARG A 1 44 ? -17.874 -19.143 -4.596  1.00 32.24 ? 107 ARG A NH1  1 
ATOM   379  N NH2  . ARG A 1 44 ? -17.238 -20.523 -2.877  1.00 35.10 ? 107 ARG A NH2  1 
ATOM   380  H H    . ARG A 1 44 ? -14.285 -16.066 -7.617  1.00 22.87 ? 107 ARG A H    1 
ATOM   381  H HA   . ARG A 1 44 ? -13.138 -16.542 -5.196  1.00 21.89 ? 107 ARG A HA   1 
ATOM   382  H HB2  . ARG A 1 44 ? -13.498 -18.158 -7.428  1.00 27.52 ? 107 ARG A HB2  1 
ATOM   383  H HB3  . ARG A 1 44 ? -12.100 -18.325 -6.701  1.00 27.52 ? 107 ARG A HB3  1 
ATOM   384  H HG2  . ARG A 1 44 ? -13.510 -19.936 -5.893  1.00 34.91 ? 107 ARG A HG2  1 
ATOM   385  H HG3  . ARG A 1 44 ? -13.242 -18.901 -4.722  1.00 34.91 ? 107 ARG A HG3  1 
ATOM   386  H HD2  . ARG A 1 44 ? -15.347 -17.913 -5.215  1.00 42.20 ? 107 ARG A HD2  1 
ATOM   387  H HD3  . ARG A 1 44 ? -15.617 -19.127 -6.212  1.00 42.20 ? 107 ARG A HD3  1 
ATOM   388  H HE   . ARG A 1 44 ? -15.061 -20.093 -3.829  1.00 43.57 ? 107 ARG A HE   1 
ATOM   389  H HH11 . ARG A 1 44 ? -17.672 -18.650 -5.271  1.00 38.69 ? 107 ARG A HH11 1 
ATOM   390  H HH12 . ARG A 1 44 ? -18.696 -19.226 -4.354  1.00 38.69 ? 107 ARG A HH12 1 
ATOM   391  H HH21 . ARG A 1 44 ? -16.623 -20.934 -2.439  1.00 42.12 ? 107 ARG A HH21 1 
ATOM   392  H HH22 . ARG A 1 44 ? -18.061 -20.606 -2.643  1.00 42.12 ? 107 ARG A HH22 1 
ATOM   393  N N    . LEU A 1 45 ? -10.910 -15.639 -5.627  1.00 17.30 ? 108 LEU A N    1 
ATOM   394  C CA   . LEU A 1 45 ? -9.728  -14.815 -5.813  1.00 17.39 ? 108 LEU A CA   1 
ATOM   395  C C    . LEU A 1 45 ? -8.516  -15.474 -5.185  1.00 17.81 ? 108 LEU A C    1 
ATOM   396  O O    . LEU A 1 45 ? -8.647  -16.290 -4.264  1.00 19.54 ? 108 LEU A O    1 
ATOM   397  C CB   . LEU A 1 45 ? -9.927  -13.457 -5.150  1.00 18.43 ? 108 LEU A CB   1 
ATOM   398  C CG   . LEU A 1 45 ? -11.124 -12.677 -5.675  1.00 19.29 ? 108 LEU A CG   1 
ATOM   399  C CD1  . LEU A 1 45 ? -12.277 -12.819 -4.720  1.00 23.72 ? 108 LEU A CD1  1 
ATOM   400  C CD2  . LEU A 1 45 ? -10.761 -11.231 -5.955  1.00 22.29 ? 108 LEU A CD2  1 
ATOM   401  H H    . LEU A 1 45 ? -10.979 -15.966 -4.835  1.00 20.76 ? 108 LEU A H    1 
ATOM   402  H HA   . LEU A 1 45 ? -9.558  -14.682 -6.770  1.00 20.87 ? 108 LEU A HA   1 
ATOM   403  H HB2  . LEU A 1 45 ? -10.056 -13.591 -4.199  1.00 22.12 ? 108 LEU A HB2  1 
ATOM   404  H HB3  . LEU A 1 45 ? -9.134  -12.918 -5.301  1.00 22.12 ? 108 LEU A HB3  1 
ATOM   405  H HG   . LEU A 1 45 ? -11.398 -13.072 -6.518  1.00 23.15 ? 108 LEU A HG   1 
ATOM   406  H HD11 . LEU A 1 45 ? -13.027 -12.324 -5.059  1.00 28.46 ? 108 LEU A HD11 1 
ATOM   407  H HD12 . LEU A 1 45 ? -12.506 -13.749 -4.643  1.00 28.46 ? 108 LEU A HD12 1 
ATOM   408  H HD13 . LEU A 1 45 ? -12.017 -12.473 -3.863  1.00 28.46 ? 108 LEU A HD13 1 
ATOM   409  H HD21 . LEU A 1 45 ? -11.537 -10.771 -6.283  1.00 26.75 ? 108 LEU A HD21 1 
ATOM   410  H HD22 . LEU A 1 45 ? -10.459 -10.822 -5.141  1.00 26.75 ? 108 LEU A HD22 1 
ATOM   411  H HD23 . LEU A 1 45 ? -10.063 -11.206 -6.613  1.00 26.75 ? 108 LEU A HD23 1 
ATOM   412  N N    . GLN A 1 46 ? -7.342  -15.112 -5.684  1.00 17.42 ? 109 GLN A N    1 
ATOM   413  C CA   . GLN A 1 46 ? -6.072  -15.507 -5.072  1.00 18.39 ? 109 GLN A CA   1 
ATOM   414  C C    . GLN A 1 46 ? -5.219  -14.263 -4.839  1.00 17.71 ? 109 GLN A C    1 
ATOM   415  O O    . GLN A 1 46 ? -5.253  -13.301 -5.619  1.00 19.26 ? 109 GLN A O    1 
ATOM   416  C CB   . GLN A 1 46 ? -5.329  -16.514 -5.949  1.00 20.66 ? 109 GLN A CB   1 
ATOM   417  C CG   . GLN A 1 46 ? -6.149  -17.777 -6.157  1.00 22.28 ? 109 GLN A CG   1 
ATOM   418  C CD   . GLN A 1 46 ? -5.457  -18.842 -6.964  1.00 25.28 ? 109 GLN A CD   1 
ATOM   419  O OE1  . GLN A 1 46 ? -4.718  -18.554 -7.908  1.00 26.64 ? 109 GLN A OE1  1 
ATOM   420  N NE2  . GLN A 1 46 ? -5.709  -20.092 -6.611  1.00 28.84 ? 109 GLN A NE2  1 
ATOM   421  H H    . GLN A 1 46 ? -7.249  -14.629 -6.389  1.00 20.90 ? 109 GLN A H    1 
ATOM   422  H HA   . GLN A 1 46 ? -6.247  -15.926 -4.203  1.00 22.07 ? 109 GLN A HA   1 
ATOM   423  H HB2  . GLN A 1 46 ? -5.157  -16.117 -6.818  1.00 24.79 ? 109 GLN A HB2  1 
ATOM   424  H HB3  . GLN A 1 46 ? -4.495  -16.758 -5.521  1.00 24.79 ? 109 GLN A HB3  1 
ATOM   425  H HG2  . GLN A 1 46 ? -6.360  -18.156 -5.290  1.00 26.74 ? 109 GLN A HG2  1 
ATOM   426  H HG3  . GLN A 1 46 ? -6.969  -17.543 -6.619  1.00 26.74 ? 109 GLN A HG3  1 
ATOM   427  H HE21 . GLN A 1 46 ? -6.242  -20.255 -5.956  1.00 34.61 ? 109 GLN A HE21 1 
ATOM   428  H HE22 . GLN A 1 46 ? -5.341  -20.742 -7.038  1.00 34.61 ? 109 GLN A HE22 1 
ATOM   429  N N    . ILE A 1 47 ? -4.465  -14.264 -3.748  1.00 17.18 ? 110 ILE A N    1 
ATOM   430  C CA   . ILE A 1 47 ? -3.556  -13.171 -3.449  1.00 16.54 ? 110 ILE A CA   1 
ATOM   431  C C    . ILE A 1 47 ? -2.302  -13.294 -4.307  1.00 19.06 ? 110 ILE A C    1 
ATOM   432  O O    . ILE A 1 47 ? -1.772  -14.383 -4.497  1.00 20.10 ? 110 ILE A O    1 
ATOM   433  C CB   . ILE A 1 47 ? -3.200  -13.169 -1.949  1.00 17.89 ? 110 ILE A CB   1 
ATOM   434  C CG1  . ILE A 1 47 ? -4.463  -12.839 -1.141  1.00 18.80 ? 110 ILE A CG1  1 
ATOM   435  C CG2  . ILE A 1 47 ? -2.086  -12.183 -1.648  1.00 17.77 ? 110 ILE A CG2  1 
ATOM   436  C CD1  . ILE A 1 47 ? -4.281  -12.885 0.355   1.00 19.92 ? 110 ILE A CD1  1 
ATOM   437  H H    . ILE A 1 47 ? -4.462  -14.893 -3.162  1.00 20.61 ? 110 ILE A H    1 
ATOM   438  H HA   . ILE A 1 47 ? -3.993  -12.320 -3.663  1.00 19.85 ? 110 ILE A HA   1 
ATOM   439  H HB   . ILE A 1 47 ? -2.899  -14.057 -1.703  1.00 21.47 ? 110 ILE A HB   1 
ATOM   440  H HG12 . ILE A 1 47 ? -4.754  -11.944 -1.374  1.00 22.56 ? 110 ILE A HG12 1 
ATOM   441  H HG13 . ILE A 1 47 ? -5.154  -13.479 -1.373  1.00 22.56 ? 110 ILE A HG13 1 
ATOM   442  H HG21 . ILE A 1 47 ? -1.892  -12.209 -0.708  1.00 21.33 ? 110 ILE A HG21 1 
ATOM   443  H HG22 . ILE A 1 47 ? -1.306  -12.429 -2.150  1.00 21.33 ? 110 ILE A HG22 1 
ATOM   444  H HG23 . ILE A 1 47 ? -2.372  -11.302 -1.899  1.00 21.33 ? 110 ILE A HG23 1 
ATOM   445  H HD11 . ILE A 1 47 ? -5.115  -12.667 0.778   1.00 23.90 ? 110 ILE A HD11 1 
ATOM   446  H HD12 . ILE A 1 47 ? -4.005  -13.769 0.609   1.00 23.90 ? 110 ILE A HD12 1 
ATOM   447  H HD13 . ILE A 1 47 ? -3.609  -12.248 0.607   1.00 23.90 ? 110 ILE A HD13 1 
ATOM   448  N N    . VAL A 1 48 ? -1.859  -12.162 -4.834  1.00 18.52 ? 111 VAL A N    1 
ATOM   449  C CA   . VAL A 1 48 ? -0.648  -12.060 -5.632  1.00 18.91 ? 111 VAL A CA   1 
ATOM   450  C C    . VAL A 1 48 ? 0.473   -11.520 -4.744  1.00 18.92 ? 111 VAL A C    1 
ATOM   451  O O    . VAL A 1 48 ? 0.327   -10.475 -4.117  1.00 19.07 ? 111 VAL A O    1 
ATOM   452  C CB   . VAL A 1 48 ? -0.864  -11.095 -6.818  1.00 20.47 ? 111 VAL A CB   1 
ATOM   453  C CG1  . VAL A 1 48 ? 0.402   -10.959 -7.656  1.00 23.10 ? 111 VAL A CG1  1 
ATOM   454  C CG2  . VAL A 1 48 ? -2.034  -11.563 -7.692  1.00 23.61 ? 111 VAL A CG2  1 
ATOM   455  H H    . VAL A 1 48 ? -2.262  -11.408 -4.738  1.00 22.22 ? 111 VAL A H    1 
ATOM   456  H HA   . VAL A 1 48 ? -0.392  -12.942 -5.974  1.00 22.69 ? 111 VAL A HA   1 
ATOM   457  H HB   . VAL A 1 48 ? -1.088  -10.208 -6.467  1.00 24.57 ? 111 VAL A HB   1 
ATOM   458  H HG11 . VAL A 1 48 ? 0.233   -10.354 -8.382  1.00 27.72 ? 111 VAL A HG11 1 
ATOM   459  H HG12 . VAL A 1 48 ? 1.107   -10.617 -7.102  1.00 27.72 ? 111 VAL A HG12 1 
ATOM   460  H HG13 . VAL A 1 48 ? 0.643   -11.822 -7.999  1.00 27.72 ? 111 VAL A HG13 1 
ATOM   461  H HG21 . VAL A 1 48 ? -2.147  -10.947 -8.419  1.00 28.33 ? 111 VAL A HG21 1 
ATOM   462  H HG22 . VAL A 1 48 ? -1.839  -12.440 -8.031  1.00 28.33 ? 111 VAL A HG22 1 
ATOM   463  H HG23 . VAL A 1 48 ? -2.831  -11.588 -7.157  1.00 28.33 ? 111 VAL A HG23 1 
ATOM   464  N N    . GLY A 1 49 ? 1.584   -12.242 -4.676  1.00 20.92 ? 112 GLY A N    1 
ATOM   465  C CA   . GLY A 1 49 ? 2.744   -11.777 -3.936  1.00 20.13 ? 112 GLY A CA   1 
ATOM   466  C C    . GLY A 1 49 ? 2.527   -11.703 -2.438  1.00 19.10 ? 112 GLY A C    1 
ATOM   467  O O    . GLY A 1 49 ? 2.977   -10.767 -1.788  1.00 19.83 ? 112 GLY A O    1 
ATOM   468  H H    . GLY A 1 49 ? 1.690   -13.008 -5.052  1.00 25.10 ? 112 GLY A H    1 
ATOM   469  H HA2  . GLY A 1 49 ? 3.489   -12.375 -4.103  1.00 24.15 ? 112 GLY A HA2  1 
ATOM   470  H HA3  . GLY A 1 49 ? 2.987   -10.893 -4.250  1.00 24.15 ? 112 GLY A HA3  1 
ATOM   471  N N    . TYR A 1 50 ? 1.846   -12.701 -1.883  1.00 18.84 ? 113 TYR A N    1 
ATOM   472  C CA   . TYR A 1 50 ? 1.588   -12.749 -0.449  1.00 18.59 ? 113 TYR A CA   1 
ATOM   473  C C    . TYR A 1 50 ? 2.847   -12.529 0.398   1.00 21.24 ? 113 TYR A C    1 
ATOM   474  O O    . TYR A 1 50 ? 2.792   -11.875 1.442   1.00 19.44 ? 113 TYR A O    1 
ATOM   475  C CB   . TYR A 1 50 ? 0.958   -14.084 -0.087  1.00 19.51 ? 113 TYR A CB   1 
ATOM   476  C CG   . TYR A 1 50 ? 0.681   -14.262 1.383   1.00 19.40 ? 113 TYR A CG   1 
ATOM   477  C CD1  . TYR A 1 50 ? -0.271  -13.493 2.033   1.00 19.36 ? 113 TYR A CD1  1 
ATOM   478  C CD2  . TYR A 1 50 ? 1.376   -15.203 2.119   1.00 20.04 ? 113 TYR A CD2  1 
ATOM   479  C CE1  . TYR A 1 50 ? -0.520  -13.657 3.366   1.00 20.73 ? 113 TYR A CE1  1 
ATOM   480  C CE2  . TYR A 1 50 ? 1.134   -15.381 3.456   1.00 22.14 ? 113 TYR A CE2  1 
ATOM   481  C CZ   . TYR A 1 50 ? 0.180   -14.610 4.079   1.00 20.13 ? 113 TYR A CZ   1 
ATOM   482  O OH   . TYR A 1 50 ? -0.082  -14.793 5.422   1.00 23.49 ? 113 TYR A OH   1 
ATOM   483  H H    . TYR A 1 50 ? 1.523   -13.367 -2.321  1.00 22.61 ? 113 TYR A H    1 
ATOM   484  H HA   . TYR A 1 50 ? 0.947   -12.044 -0.220  1.00 22.31 ? 113 TYR A HA   1 
ATOM   485  H HB2  . TYR A 1 50 ? 0.114   -14.167 -0.558  1.00 23.41 ? 113 TYR A HB2  1 
ATOM   486  H HB3  . TYR A 1 50 ? 1.557   -14.795 -0.362  1.00 23.41 ? 113 TYR A HB3  1 
ATOM   487  H HD1  . TYR A 1 50 ? -0.748  -12.854 1.554   1.00 23.23 ? 113 TYR A HD1  1 
ATOM   488  H HD2  . TYR A 1 50 ? 2.017   -15.729 1.699   1.00 24.05 ? 113 TYR A HD2  1 
ATOM   489  H HE1  . TYR A 1 50 ? -1.168  -13.139 3.788   1.00 24.88 ? 113 TYR A HE1  1 
ATOM   490  H HE2  . TYR A 1 50 ? 1.605   -16.023 3.937   1.00 26.57 ? 113 TYR A HE2  1 
ATOM   491  H HH   . TYR A 1 50 ? 0.596   -14.652 5.860   1.00 28.19 ? 113 TYR A HH   1 
ATOM   492  N N    . ASN A 1 51 ? 3.979   -13.059 -0.049  1.00 22.44 ? 114 ASN A N    1 
ATOM   493  C CA   . ASN A 1 51 ? 5.225   -12.946 0.705   1.00 24.90 ? 114 ASN A CA   1 
ATOM   494  C C    . ASN A 1 51 ? 5.709   -11.505 0.905   1.00 25.57 ? 114 ASN A C    1 
ATOM   495  O O    . ASN A 1 51 ? 6.551   -11.261 1.764   1.00 26.61 ? 114 ASN A O    1 
ATOM   496  C CB   . ASN A 1 51 ? 6.332   -13.802 0.061   1.00 31.52 ? 114 ASN A CB   1 
ATOM   497  C CG   . ASN A 1 51 ? 6.681   -13.359 -1.353  1.00 44.05 ? 114 ASN A CG   1 
ATOM   498  O OD1  . ASN A 1 51 ? 5.862   -12.762 -2.055  1.00 51.05 ? 114 ASN A OD1  1 
ATOM   499  N ND2  . ASN A 1 51 ? 7.903   -13.665 -1.783  1.00 51.29 ? 114 ASN A ND2  1 
ATOM   500  H H    . ASN A 1 51 ? 4.055   -13.491 -0.788  1.00 26.93 ? 114 ASN A H    1 
ATOM   501  H HA   . ASN A 1 51 ? 5.066   -13.315 1.598   1.00 29.88 ? 114 ASN A HA   1 
ATOM   502  H HB2  . ASN A 1 51 ? 7.136   -13.738 0.601   1.00 37.83 ? 114 ASN A HB2  1 
ATOM   503  H HB3  . ASN A 1 51 ? 6.034   -14.725 0.020   1.00 37.83 ? 114 ASN A HB3  1 
ATOM   504  H HD21 . ASN A 1 51 ? 8.446   -14.090 -1.269  1.00 61.55 ? 114 ASN A HD21 1 
ATOM   505  H HD22 . ASN A 1 51 ? 8.150   -13.437 -2.575  1.00 61.55 ? 114 ASN A HD22 1 
ATOM   506  N N    . HIS A 1 52 ? 5.182   -10.560 0.125   1.00 21.05 ? 115 HIS A N    1 
ATOM   507  C CA   . HIS A 1 52 ? 5.520   -9.140  0.289   1.00 20.64 ? 115 HIS A CA   1 
ATOM   508  C C    . HIS A 1 52 ? 4.701   -8.463  1.379   1.00 19.32 ? 115 HIS A C    1 
ATOM   509  O O    . HIS A 1 52 ? 4.953   -7.317  1.732   1.00 19.68 ? 115 HIS A O    1 
ATOM   510  C CB   . HIS A 1 52 ? 5.333   -8.385  -1.028  1.00 25.28 ? 115 HIS A CB   1 
ATOM   511  C CG   . HIS A 1 52 ? 6.216   -8.875  -2.129  1.00 31.84 ? 115 HIS A CG   1 
ATOM   512  N ND1  . HIS A 1 52 ? 7.585   -8.731  -2.096  1.00 38.54 ? 115 HIS A ND1  1 
ATOM   513  C CD2  . HIS A 1 52 ? 5.930   -9.495  -3.296  1.00 38.00 ? 115 HIS A CD2  1 
ATOM   514  C CE1  . HIS A 1 52 ? 8.108   -9.253  -3.191  1.00 40.03 ? 115 HIS A CE1  1 
ATOM   515  N NE2  . HIS A 1 52 ? 7.125   -9.721  -3.937  1.00 42.82 ? 115 HIS A NE2  1 
ATOM   516  H H    . HIS A 1 52 ? 4.624   -10.713 -0.510  1.00 25.25 ? 115 HIS A H    1 
ATOM   517  H HA   . HIS A 1 52 ? 6.465   -9.070  0.541   1.00 24.76 ? 115 HIS A HA   1 
ATOM   518  H HB2  . HIS A 1 52 ? 4.412   -8.484  -1.318  1.00 30.34 ? 115 HIS A HB2  1 
ATOM   519  H HB3  . HIS A 1 52 ? 5.532   -7.447  -0.881  1.00 30.34 ? 115 HIS A HB3  1 
ATOM   520  H HD1  . HIS A 1 52 ? 8.032   -8.367  -1.457  1.00 46.25 ? 115 HIS A HD1  1 
ATOM   521  H HD2  . HIS A 1 52 ? 5.085   -9.729  -3.605  1.00 45.60 ? 115 HIS A HD2  1 
ATOM   522  H HE1  . HIS A 1 52 ? 9.013   -9.280  -3.403  1.00 48.04 ? 115 HIS A HE1  1 
ATOM   523  H HE2  . HIS A 1 52 ? 7.216   -10.105 -4.701  1.00 51.38 ? 115 HIS A HE2  1 
ATOM   524  N N    . GLY A 1 53 ? 3.704   -9.163  1.900   1.00 17.38 ? 116 GLY A N    1 
ATOM   525  C CA   . GLY A 1 53 ? 2.933   -8.637  3.008   1.00 16.39 ? 116 GLY A CA   1 
ATOM   526  C C    . GLY A 1 53 ? 1.771   -7.760  2.573   1.00 15.14 ? 116 GLY A C    1 
ATOM   527  O O    . GLY A 1 53 ? 1.494   -7.594  1.386   1.00 17.04 ? 116 GLY A O    1 
ATOM   528  H H    . GLY A 1 53 ? 3.457   -9.941  1.630   1.00 20.86 ? 116 GLY A H    1 
ATOM   529  H HA2  . GLY A 1 53 ? 2.579   -9.375  3.530   1.00 19.67 ? 116 GLY A HA2  1 
ATOM   530  H HA3  . GLY A 1 53 ? 3.513   -8.111  3.581   1.00 19.67 ? 116 GLY A HA3  1 
ATOM   531  N N    . ASP A 1 54 ? 1.074   -7.193  3.549   1.00 15.24 ? 117 ASP A N    1 
ATOM   532  C CA   . ASP A 1 54 ? -0.138  -6.453  3.264   1.00 14.24 ? 117 ASP A CA   1 
ATOM   533  C C    . ASP A 1 54 ? 0.135   -4.996  2.879   1.00 13.50 ? 117 ASP A C    1 
ATOM   534  O O    . ASP A 1 54 ? 1.272   -4.525  2.899   1.00 14.36 ? 117 ASP A O    1 
ATOM   535  C CB   . ASP A 1 54 ? -1.128  -6.567  4.434   1.00 14.56 ? 117 ASP A CB   1 
ATOM   536  C CG   . ASP A 1 54 ? -0.614  -5.955  5.719   1.00 17.99 ? 117 ASP A CG   1 
ATOM   537  O OD1  . ASP A 1 54 ? 0.576   -5.626  5.804   1.00 20.17 ? 117 ASP A OD1  1 
ATOM   538  O OD2  . ASP A 1 54 ? -1.406  -5.843  6.673   1.00 20.08 ? 117 ASP A OD2  1 
ATOM   539  H H    . ASP A 1 54 ? 1.284   -7.225  4.383   1.00 18.29 ? 117 ASP A H    1 
ATOM   540  H HA   . ASP A 1 54 ? -0.567  -6.873  2.490   1.00 17.08 ? 117 ASP A HA   1 
ATOM   541  H HB2  . ASP A 1 54 ? -1.950  -6.111  4.194   1.00 17.47 ? 117 ASP A HB2  1 
ATOM   542  H HB3  . ASP A 1 54 ? -1.308  -7.505  4.602   1.00 17.47 ? 117 ASP A HB3  1 
ATOM   543  N N    . TRP A 1 55 ? -0.937  -4.317  2.480   1.00 13.75 ? 118 TRP A N    1 
ATOM   544  C CA   . TRP A 1 55 ? -0.869  -2.987  1.901   1.00 13.00 ? 118 TRP A CA   1 
ATOM   545  C C    . TRP A 1 55 ? -1.880  -2.082  2.591   1.00 12.88 ? 118 TRP A C    1 
ATOM   546  O O    . TRP A 1 55 ? -2.865  -2.550  3.170   1.00 13.27 ? 118 TRP A O    1 
ATOM   547  C CB   . TRP A 1 55 ? -1.217  -3.055  0.411   1.00 13.26 ? 118 TRP A CB   1 
ATOM   548  C CG   . TRP A 1 55 ? -0.267  -3.852  -0.410  1.00 13.26 ? 118 TRP A CG   1 
ATOM   549  C CD1  . TRP A 1 55 ? -0.118  -5.214  -0.404  1.00 14.73 ? 118 TRP A CD1  1 
ATOM   550  C CD2  . TRP A 1 55 ? 0.671   -3.352  -1.362  1.00 13.98 ? 118 TRP A CD2  1 
ATOM   551  N NE1  . TRP A 1 55 ? 0.862   -5.579  -1.281  1.00 16.44 ? 118 TRP A NE1  1 
ATOM   552  C CE2  . TRP A 1 55 ? 1.343   -4.461  -1.906  1.00 15.66 ? 118 TRP A CE2  1 
ATOM   553  C CE3  . TRP A 1 55 ? 0.990   -2.075  -1.834  1.00 14.90 ? 118 TRP A CE3  1 
ATOM   554  C CZ2  . TRP A 1 55 ? 2.347   -4.328  -2.853  1.00 18.19 ? 118 TRP A CZ2  1 
ATOM   555  C CZ3  . TRP A 1 55 ? 1.965   -1.953  -2.807  1.00 16.79 ? 118 TRP A CZ3  1 
ATOM   556  C CH2  . TRP A 1 55 ? 2.629   -3.069  -3.302  1.00 17.56 ? 118 TRP A CH2  1 
ATOM   557  H H    . TRP A 1 55 ? -1.740  -4.620  2.539   1.00 16.50 ? 118 TRP A H    1 
ATOM   558  H HA   . TRP A 1 55 ? 0.030   -2.612  2.010   1.00 15.60 ? 118 TRP A HA   1 
ATOM   559  H HB2  . TRP A 1 55 ? -2.095  -3.454  0.315   1.00 15.91 ? 118 TRP A HB2  1 
ATOM   560  H HB3  . TRP A 1 55 ? -1.227  -2.152  0.054   1.00 15.91 ? 118 TRP A HB3  1 
ATOM   561  H HD1  . TRP A 1 55 ? -0.593  -5.800  0.138   1.00 17.67 ? 118 TRP A HD1  1 
ATOM   562  H HE1  . TRP A 1 55 ? 1.117   -6.386  -1.435  1.00 19.73 ? 118 TRP A HE1  1 
ATOM   563  H HE3  . TRP A 1 55 ? 0.549   -1.324  -1.507  1.00 17.88 ? 118 TRP A HE3  1 
ATOM   564  H HZ2  . TRP A 1 55 ? 2.783   -5.073  -3.201  1.00 21.83 ? 118 TRP A HZ2  1 
ATOM   565  H HZ3  . TRP A 1 55 ? 2.194   -1.109  -3.120  1.00 20.15 ? 118 TRP A HZ3  1 
ATOM   566  H HH2  . TRP A 1 55 ? 3.288   -2.956  -3.948  1.00 21.07 ? 118 TRP A HH2  1 
ATOM   567  N N    . TRP A 1 56 ? -1.637  -0.783  2.499   1.00 13.74 ? 119 TRP A N    1 
ATOM   568  C CA   . TRP A 1 56 ? -2.548  0.238   2.996   1.00 14.18 ? 119 TRP A CA   1 
ATOM   569  C C    . TRP A 1 56 ? -2.712  1.307   1.942   1.00 14.37 ? 119 TRP A C    1 
ATOM   570  O O    . TRP A 1 56 ? -1.784  1.560   1.181   1.00 14.61 ? 119 TRP A O    1 
ATOM   571  C CB   . TRP A 1 56 ? -2.009  0.893   4.263   1.00 15.02 ? 119 TRP A CB   1 
ATOM   572  C CG   . TRP A 1 56 ? -1.824  -0.030  5.388   1.00 14.33 ? 119 TRP A CG   1 
ATOM   573  C CD1  . TRP A 1 56 ? -0.675  -0.669  5.728   1.00 17.04 ? 119 TRP A CD1  1 
ATOM   574  C CD2  . TRP A 1 56 ? -2.817  -0.467  6.320   1.00 13.93 ? 119 TRP A CD2  1 
ATOM   575  N NE1  . TRP A 1 56 ? -0.882  -1.469  6.812   1.00 17.14 ? 119 TRP A NE1  1 
ATOM   576  C CE2  . TRP A 1 56 ? -2.190  -1.371  7.195   1.00 14.66 ? 119 TRP A CE2  1 
ATOM   577  C CE3  . TRP A 1 56 ? -4.166  -0.178  6.505   1.00 16.27 ? 119 TRP A CE3  1 
ATOM   578  C CZ2  . TRP A 1 56 ? -2.867  -1.985  8.240   1.00 17.01 ? 119 TRP A CZ2  1 
ATOM   579  C CZ3  . TRP A 1 56 ? -4.840  -0.802  7.542   1.00 17.18 ? 119 TRP A CZ3  1 
ATOM   580  C CH2  . TRP A 1 56 ? -4.186  -1.682  8.399   1.00 17.57 ? 119 TRP A CH2  1 
ATOM   581  H H    . TRP A 1 56 ? -0.926  -0.456  2.141   1.00 16.49 ? 119 TRP A H    1 
ATOM   582  H HA   . TRP A 1 56 ? -3.424  -0.159  3.189   1.00 17.02 ? 119 TRP A HA   1 
ATOM   583  H HB2  . TRP A 1 56 ? -1.148  1.291   4.064   1.00 18.02 ? 119 TRP A HB2  1 
ATOM   584  H HB3  . TRP A 1 56 ? -2.632  1.582   4.546   1.00 18.02 ? 119 TRP A HB3  1 
ATOM   585  H HD1  . TRP A 1 56 ? 0.135   -0.578  5.280   1.00 20.44 ? 119 TRP A HD1  1 
ATOM   586  H HE1  . TRP A 1 56 ? -0.287  -1.962  7.189   1.00 20.57 ? 119 TRP A HE1  1 
ATOM   587  H HE3  . TRP A 1 56 ? -4.609  0.407   5.935   1.00 19.53 ? 119 TRP A HE3  1 
ATOM   588  H HZ2  . TRP A 1 56 ? -2.434  -2.574  8.815   1.00 20.42 ? 119 TRP A HZ2  1 
ATOM   589  H HZ3  . TRP A 1 56 ? -5.741  -0.619  7.676   1.00 20.62 ? 119 TRP A HZ3  1 
ATOM   590  H HH2  . TRP A 1 56 ? -4.664  -2.083  9.090   1.00 21.09 ? 119 TRP A HH2  1 
ATOM   591  N N    . LEU A 1 57 ? -3.879  1.941   1.895   1.00 14.76 ? 120 LEU A N    1 
ATOM   592  C CA   . LEU A 1 57 ? -4.003  3.170   1.126   1.00 15.30 ? 120 LEU A CA   1 
ATOM   593  C C    . LEU A 1 57 ? -3.369  4.280   1.957   1.00 16.46 ? 120 LEU A C    1 
ATOM   594  O O    . LEU A 1 57 ? -3.676  4.422   3.140   1.00 17.07 ? 120 LEU A O    1 
ATOM   595  C CB   . LEU A 1 57 ? -5.471  3.483   0.834   1.00 16.05 ? 120 LEU A CB   1 
ATOM   596  C CG   . LEU A 1 57 ? -5.711  4.677   -0.086  1.00 19.66 ? 120 LEU A CG   1 
ATOM   597  C CD1  . LEU A 1 57 ? -5.196  4.392   -1.474  1.00 18.15 ? 120 LEU A CD1  1 
ATOM   598  C CD2  . LEU A 1 57 ? -7.187  5.007   -0.125  1.00 22.67 ? 120 LEU A CD2  1 
ATOM   599  H H    . LEU A 1 57 ? -4.598  1.687   2.291   1.00 17.71 ? 120 LEU A H    1 
ATOM   600  H HA   . LEU A 1 57 ? -3.519  3.088   0.278   1.00 18.36 ? 120 LEU A HA   1 
ATOM   601  H HB2  . LEU A 1 57 ? -5.875  2.706   0.416   1.00 19.26 ? 120 LEU A HB2  1 
ATOM   602  H HB3  . LEU A 1 57 ? -5.919  3.668   1.675   1.00 19.26 ? 120 LEU A HB3  1 
ATOM   603  H HG   . LEU A 1 57 ? -5.237  5.448   0.261   1.00 23.59 ? 120 LEU A HG   1 
ATOM   604  H HD11 . LEU A 1 57 ? -5.359  5.156   -2.031  1.00 21.77 ? 120 LEU A HD11 1 
ATOM   605  H HD12 . LEU A 1 57 ? -4.254  4.216   -1.427  1.00 21.77 ? 120 LEU A HD12 1 
ATOM   606  H HD13 . LEU A 1 57 ? -5.655  3.626   -1.827  1.00 21.77 ? 120 LEU A HD13 1 
ATOM   607  H HD21 . LEU A 1 57 ? -7.324  5.759   -0.706  1.00 27.21 ? 120 LEU A HD21 1 
ATOM   608  H HD22 . LEU A 1 57 ? -7.670  4.246   -0.454  1.00 27.21 ? 120 LEU A HD22 1 
ATOM   609  H HD23 . LEU A 1 57 ? -7.483  5.223   0.763   1.00 27.21 ? 120 LEU A HD23 1 
ATOM   610  N N    . ALA A 1 58 ? -2.465  5.046   1.355   1.00 16.35 ? 121 ALA A N    1 
ATOM   611  C CA   . ALA A 1 58 ? -1.756  6.091   2.089   1.00 16.51 ? 121 ALA A CA   1 
ATOM   612  C C    . ALA A 1 58 ? -1.672  7.384   1.299   1.00 17.44 ? 121 ALA A C    1 
ATOM   613  O O    . ALA A 1 58 ? -1.806  7.399   0.084   1.00 19.52 ? 121 ALA A O    1 
ATOM   614  C CB   . ALA A 1 58 ? -0.352  5.637   2.440   1.00 17.15 ? 121 ALA A CB   1 
ATOM   615  H H    . ALA A 1 58 ? -2.245  4.982   0.526   1.00 19.62 ? 121 ALA A H    1 
ATOM   616  H HA   . ALA A 1 58 ? -2.233  6.276   2.924   1.00 19.82 ? 121 ALA A HA   1 
ATOM   617  H HB1  . ALA A 1 58 ? 0.093   6.340   2.920   1.00 20.58 ? 121 ALA A HB1  1 
ATOM   618  H HB2  . ALA A 1 58 ? -0.406  4.850   2.986   1.00 20.58 ? 121 ALA A HB2  1 
ATOM   619  H HB3  . ALA A 1 58 ? 0.124   5.442   1.630   1.00 20.58 ? 121 ALA A HB3  1 
ATOM   620  N N    . HIS A 1 59 ? -1.422  8.465   2.024   1.00 17.52 ? 122 HIS A N    1 
ATOM   621  C CA   . HIS A 1 59 ? -1.271  9.793   1.462   1.00 18.10 ? 122 HIS A CA   1 
ATOM   622  C C    . HIS A 1 59 ? 0.104   10.307  1.876   1.00 17.83 ? 122 HIS A C    1 
ATOM   623  O O    . HIS A 1 59 ? 0.439   10.306  3.066   1.00 19.09 ? 122 HIS A O    1 
ATOM   624  C CB   . HIS A 1 59 ? -2.374  10.691  2.018   1.00 19.49 ? 122 HIS A CB   1 
ATOM   625  C CG   . HIS A 1 59 ? -2.208  12.141  1.697   1.00 22.67 ? 122 HIS A CG   1 
ATOM   626  N ND1  . HIS A 1 59 ? -2.191  12.622  0.407   1.00 27.69 ? 122 HIS A ND1  1 
ATOM   627  C CD2  . HIS A 1 59 ? -2.089  13.220  2.501   1.00 25.17 ? 122 HIS A CD2  1 
ATOM   628  C CE1  . HIS A 1 59 ? -2.046  13.934  0.430   1.00 27.92 ? 122 HIS A CE1  1 
ATOM   629  N NE2  . HIS A 1 59 ? -1.979  14.322  1.688   1.00 27.28 ? 122 HIS A NE2  1 
ATOM   630  H H    . HIS A 1 59 ? -1.334  8.450   2.879   1.00 21.02 ? 122 HIS A H    1 
ATOM   631  H HA   . HIS A 1 59 ? -1.332  9.763   0.484   1.00 21.72 ? 122 HIS A HA   1 
ATOM   632  H HB2  . HIS A 1 59 ? -3.224  10.403  1.650   1.00 23.38 ? 122 HIS A HB2  1 
ATOM   633  H HB3  . HIS A 1 59 ? -2.389  10.603  2.984   1.00 23.38 ? 122 HIS A HB3  1 
ATOM   634  H HD1  . HIS A 1 59 ? -2.253  12.142  -0.304  1.00 33.22 ? 122 HIS A HD1  1 
ATOM   635  H HD2  . HIS A 1 59 ? -2.069  13.216  3.431   1.00 30.20 ? 122 HIS A HD2  1 
ATOM   636  H HE1  . HIS A 1 59 ? -1.999  14.490  -0.314  1.00 33.50 ? 122 HIS A HE1  1 
ATOM   637  H HE2  . HIS A 1 59 ? -1.887  15.134  1.958   1.00 32.74 ? 122 HIS A HE2  1 
ATOM   638  N N    . SER A 1 60 ? 0.918   10.710  0.902   1.00 17.82 ? 123 SER A N    1 
ATOM   639  C CA   . SER A 1 60 ? 2.220   11.287  1.208   1.00 19.21 ? 123 SER A CA   1 
ATOM   640  C C    . SER A 1 60 ? 2.084   12.763  1.554   1.00 19.75 ? 123 SER A C    1 
ATOM   641  O O    . SER A 1 60 ? 1.626   13.570  0.739   1.00 22.12 ? 123 SER A O    1 
ATOM   642  C CB   . SER A 1 60 ? 3.158   11.158  0.014   1.00 18.81 ? 123 SER A CB   1 
ATOM   643  O OG   . SER A 1 60 ? 4.373   11.856  0.249   1.00 19.56 ? 123 SER A OG   1 
ATOM   644  H H    . SER A 1 60 ? 0.738   10.658  0.063   1.00 21.38 ? 123 SER A H    1 
ATOM   645  H HA   . SER A 1 60 ? 2.618   10.820  1.972   1.00 23.05 ? 123 SER A HA   1 
ATOM   646  H HB2  . SER A 1 60 ? 3.356   10.219  -0.130  1.00 22.57 ? 123 SER A HB2  1 
ATOM   647  H HB3  . SER A 1 60 ? 2.725   11.531  -0.769  1.00 22.57 ? 123 SER A HB3  1 
ATOM   648  H HG   . SER A 1 60 ? 4.870   11.779  -0.399  1.00 23.47 ? 123 SER A HG   1 
ATOM   649  N N    . LEU A 1 61 ? 2.496   13.116  2.760   1.00 20.82 ? 124 LEU A N    1 
ATOM   650  C CA   . LEU A 1 61 ? 2.561   14.508  3.166   1.00 21.74 ? 124 LEU A CA   1 
ATOM   651  C C    . LEU A 1 61 ? 3.644   15.230  2.371   1.00 23.32 ? 124 LEU A C    1 
ATOM   652  O O    . LEU A 1 61 ? 3.594   16.435  2.193   1.00 27.75 ? 124 LEU A O    1 
ATOM   653  C CB   . LEU A 1 61 ? 2.861   14.615  4.663   1.00 23.50 ? 124 LEU A CB   1 
ATOM   654  C CG   . LEU A 1 61 ? 1.843   13.933  5.581   1.00 25.38 ? 124 LEU A CG   1 
ATOM   655  C CD1  . LEU A 1 61 ? 2.222   14.103  7.043   1.00 27.05 ? 124 LEU A CD1  1 
ATOM   656  C CD2  . LEU A 1 61 ? 0.467   14.498  5.329   1.00 29.40 ? 124 LEU A CD2  1 
ATOM   657  H H    . LEU A 1 61 ? 2.746   12.563  3.368   1.00 24.98 ? 124 LEU A H    1 
ATOM   658  H HA   . LEU A 1 61 ? 1.701   14.942  2.987   1.00 26.09 ? 124 LEU A HA   1 
ATOM   659  H HB2  . LEU A 1 61 ? 3.726   14.211  4.834   1.00 28.20 ? 124 LEU A HB2  1 
ATOM   660  H HB3  . LEU A 1 61 ? 2.888   15.555  4.906   1.00 28.20 ? 124 LEU A HB3  1 
ATOM   661  H HG   . LEU A 1 61 ? 1.822   12.984  5.383   1.00 30.46 ? 124 LEU A HG   1 
ATOM   662  H HD11 . LEU A 1 61 ? 1.566   13.665  7.589   1.00 32.46 ? 124 LEU A HD11 1 
ATOM   663  H HD12 . LEU A 1 61 ? 3.086   13.711  7.190   1.00 32.46 ? 124 LEU A HD12 1 
ATOM   664  H HD13 . LEU A 1 61 ? 2.249   15.040  7.250   1.00 32.46 ? 124 LEU A HD13 1 
ATOM   665  H HD21 . LEU A 1 61 ? -0.160  14.061  5.910   1.00 35.28 ? 124 LEU A HD21 1 
ATOM   666  H HD22 . LEU A 1 61 ? 0.479   15.440  5.509   1.00 35.28 ? 124 LEU A HD22 1 
ATOM   667  H HD23 . LEU A 1 61 ? 0.229   14.341  4.412   1.00 35.28 ? 124 LEU A HD23 1 
ATOM   668  N N    . THR A 1 62 ? 4.637   14.480  1.915   1.00 23.23 ? 125 THR A N    1 
ATOM   669  C CA   . THR A 1 62 ? 5.765   15.049  1.211   1.00 24.99 ? 125 THR A CA   1 
ATOM   670  C C    . THR A 1 62 ? 5.443   15.445  -0.230  1.00 24.08 ? 125 THR A C    1 
ATOM   671  O O    . THR A 1 62 ? 5.817   16.540  -0.662  1.00 27.66 ? 125 THR A O    1 
ATOM   672  C CB   . THR A 1 62 ? 6.952   14.066  1.223   1.00 25.81 ? 125 THR A CB   1 
ATOM   673  O OG1  . THR A 1 62 ? 7.278   13.731  2.578   1.00 25.40 ? 125 THR A OG1  1 
ATOM   674  C CG2  . THR A 1 62 ? 8.161   14.674  0.545   1.00 26.50 ? 125 THR A CG2  1 
ATOM   675  H H    . THR A 1 62 ? 4.676   13.626  2.003   1.00 27.87 ? 125 THR A H    1 
ATOM   676  H HA   . THR A 1 62 ? 6.048   15.860  1.683   1.00 29.99 ? 125 THR A HA   1 
ATOM   677  H HB   . THR A 1 62 ? 6.707   13.260  0.743   1.00 30.97 ? 125 THR A HB   1 
ATOM   678  H HG1  . THR A 1 62 ? 7.909   13.208  2.593   1.00 30.48 ? 125 THR A HG1  1 
ATOM   679  H HG21 . THR A 1 62 ? 8.893   14.052  0.560   1.00 31.80 ? 125 THR A HG21 1 
ATOM   680  H HG22 . THR A 1 62 ? 7.953   14.889  -0.366  1.00 31.80 ? 125 THR A HG22 1 
ATOM   681  H HG23 . THR A 1 62 ? 8.425   15.476  1.003   1.00 31.80 ? 125 THR A HG23 1 
ATOM   682  N N    . THR A 1 63 ? 4.753   14.569  -0.964  1.00 23.06 ? 126 THR A N    1 
ATOM   683  C CA   . THR A 1 63 ? 4.437   14.812  -2.375  1.00 22.99 ? 126 THR A CA   1 
ATOM   684  C C    . THR A 1 63 ? 2.978   15.198  -2.631  1.00 24.15 ? 126 THR A C    1 
ATOM   685  O O    . THR A 1 63 ? 2.660   15.726  -3.686  1.00 26.93 ? 126 THR A O    1 
ATOM   686  C CB   . THR A 1 63 ? 4.707   13.576  -3.239  1.00 23.55 ? 126 THR A CB   1 
ATOM   687  O OG1  . THR A 1 63 ? 3.760   12.552  -2.905  1.00 21.90 ? 126 THR A OG1  1 
ATOM   688  C CG2  . THR A 1 63 ? 6.130   13.071  -3.035  1.00 24.38 ? 126 THR A CG2  1 
ATOM   689  H H    . THR A 1 63 ? 4.453   13.820  -0.666  1.00 27.67 ? 126 THR A H    1 
ATOM   690  H HA   . THR A 1 63 ? 5.004   15.541  -2.705  1.00 27.59 ? 126 THR A HA   1 
ATOM   691  H HB   . THR A 1 63 ? 4.601   13.813  -4.174  1.00 28.26 ? 126 THR A HB   1 
ATOM   692  H HG1  . THR A 1 63 ? 3.895   11.885  -3.363  1.00 26.28 ? 126 THR A HG1  1 
ATOM   693  H HG21 . THR A 1 63 ? 6.285   12.298  -3.582  1.00 29.25 ? 126 THR A HG21 1 
ATOM   694  H HG22 . THR A 1 63 ? 6.758   13.757  -3.278  1.00 29.25 ? 126 THR A HG22 1 
ATOM   695  H HG23 . THR A 1 63 ? 6.266   12.836  -2.115  1.00 29.25 ? 126 THR A HG23 1 
ATOM   696  N N    . GLY A 1 64 ? 2.096   14.888  -1.685  1.00 23.57 ? 127 GLY A N    1 
ATOM   697  C CA   . GLY A 1 64 ? 0.674   15.117  -1.846  1.00 23.75 ? 127 GLY A CA   1 
ATOM   698  C C    . GLY A 1 64 ? -0.066  14.018  -2.593  1.00 23.23 ? 127 GLY A C    1 
ATOM   699  O O    . GLY A 1 64 ? -1.293  14.073  -2.713  1.00 25.81 ? 127 GLY A O    1 
ATOM   700  H H    . GLY A 1 64 ? 2.306   14.536  -0.929  1.00 28.28 ? 127 GLY A H    1 
ATOM   701  H HA2  . GLY A 1 64 ? 0.268   15.210  -0.970  1.00 28.50 ? 127 GLY A HA2  1 
ATOM   702  H HA3  . GLY A 1 64 ? 0.542   15.948  -2.329  1.00 28.50 ? 127 GLY A HA3  1 
ATOM   703  N N    . ARG A 1 65 ? 0.658   13.029  -3.106  1.00 21.99 ? 128 ARG A N    1 
ATOM   704  C CA   . ARG A 1 65 ? 0.020   11.945  -3.850  1.00 21.21 ? 128 ARG A CA   1 
ATOM   705  C C    . ARG A 1 65 ? -0.549  10.904  -2.890  1.00 18.85 ? 128 ARG A C    1 
ATOM   706  O O    . ARG A 1 65 ? -0.139  10.818  -1.735  1.00 20.03 ? 128 ARG A O    1 
ATOM   707  C CB   . ARG A 1 65 ? 1.007   11.299  -4.827  1.00 22.07 ? 128 ARG A CB   1 
ATOM   708  C CG   . ARG A 1 65 ? 1.557   12.265  -5.872  1.00 22.48 ? 128 ARG A CG   1 
ATOM   709  C CD   . ARG A 1 65 ? 2.205   11.523  -7.032  1.00 26.58 ? 128 ARG A CD   1 
ATOM   710  N NE   . ARG A 1 65 ? 3.270   10.613  -6.610  1.00 28.45 ? 128 ARG A NE   1 
ATOM   711  C CZ   . ARG A 1 65 ? 4.539   10.972  -6.417  1.00 28.39 ? 128 ARG A CZ   1 
ATOM   712  N NH1  . ARG A 1 65 ? 4.926   12.235  -6.593  1.00 29.56 ? 128 ARG A NH1  1 
ATOM   713  N NH2  . ARG A 1 65 ? 5.427   10.058  -6.044  1.00 27.74 ? 128 ARG A NH2  1 
ATOM   714  H H    . ARG A 1 65 ? 1.513   12.961  -3.040  1.00 26.39 ? 128 ARG A H    1 
ATOM   715  H HA   . ARG A 1 65 ? -0.723  12.313  -4.371  1.00 25.45 ? 128 ARG A HA   1 
ATOM   716  H HB2  . ARG A 1 65 ? 1.759   10.946  -4.326  1.00 26.48 ? 128 ARG A HB2  1 
ATOM   717  H HB3  . ARG A 1 65 ? 0.557   10.579  -5.297  1.00 26.48 ? 128 ARG A HB3  1 
ATOM   718  H HG2  . ARG A 1 65 ? 0.830   12.803  -6.223  1.00 26.98 ? 128 ARG A HG2  1 
ATOM   719  H HG3  . ARG A 1 65 ? 2.228   12.833  -5.461  1.00 26.98 ? 128 ARG A HG3  1 
ATOM   720  H HD2  . ARG A 1 65 ? 1.528   10.999  -7.488  1.00 31.90 ? 128 ARG A HD2  1 
ATOM   721  H HD3  . ARG A 1 65 ? 2.589   12.170  -7.645  1.00 31.90 ? 128 ARG A HD3  1 
ATOM   722  H HE   . ARG A 1 65 ? 3.064   9.789   -6.478  1.00 34.14 ? 128 ARG A HE   1 
ATOM   723  H HH11 . ARG A 1 65 ? 4.356   12.830  -6.837  1.00 35.48 ? 128 ARG A HH11 1 
ATOM   724  H HH12 . ARG A 1 65 ? 5.748   12.456  -6.464  1.00 35.48 ? 128 ARG A HH12 1 
ATOM   725  H HH21 . ARG A 1 65 ? 5.182   9.242   -5.928  1.00 33.29 ? 128 ARG A HH21 1 
ATOM   726  H HH22 . ARG A 1 65 ? 6.247   10.284  -5.913  1.00 33.29 ? 128 ARG A HH22 1 
ATOM   727  N N    . THR A 1 66 ? -1.482  10.107  -3.397  1.00 19.01 ? 129 THR A N    1 
ATOM   728  C CA   . THR A 1 66 ? -2.169  9.081   -2.628  1.00 18.95 ? 129 THR A CA   1 
ATOM   729  C C    . THR A 1 66 ? -2.148  7.768   -3.407  1.00 18.09 ? 129 THR A C    1 
ATOM   730  O O    . THR A 1 66 ? -2.230  7.757   -4.631  1.00 20.11 ? 129 THR A O    1 
ATOM   731  C CB   . THR A 1 66 ? -3.630  9.496   -2.330  1.00 20.34 ? 129 THR A CB   1 
ATOM   732  O OG1  . THR A 1 66 ? -3.636  10.670  -1.512  1.00 24.76 ? 129 THR A OG1  1 
ATOM   733  C CG2  . THR A 1 66 ? -4.393  8.397   -1.612  1.00 23.01 ? 129 THR A CG2  1 
ATOM   734  H H    . THR A 1 66 ? -1.742  10.145  -4.216  1.00 22.81 ? 129 THR A H    1 
ATOM   735  H HA   . THR A 1 66 ? -1.704  8.944   -1.777  1.00 22.74 ? 129 THR A HA   1 
ATOM   736  H HB   . THR A 1 66 ? -4.086  9.686   -3.166  1.00 24.41 ? 129 THR A HB   1 
ATOM   737  H HG1  . THR A 1 66 ? -4.407  10.895  -1.350  1.00 29.71 ? 129 THR A HG1  1 
ATOM   738  H HG21 . THR A 1 66 ? -5.294  8.681   -1.440  1.00 27.61 ? 129 THR A HG21 1 
ATOM   739  H HG22 . THR A 1 66 ? -4.413  7.605   -2.153  1.00 27.61 ? 129 THR A HG22 1 
ATOM   740  H HG23 . THR A 1 66 ? -3.966  8.193   -0.777  1.00 27.61 ? 129 THR A HG23 1 
ATOM   741  N N    . GLY A 1 67 ? -2.041  6.659   -2.696  1.00 16.54 ? 130 GLY A N    1 
ATOM   742  C CA   . GLY A 1 67 ? -2.079  5.357   -3.328  1.00 16.31 ? 130 GLY A CA   1 
ATOM   743  C C    . GLY A 1 67 ? -1.693  4.264   -2.357  1.00 14.96 ? 130 GLY A C    1 
ATOM   744  O O    . GLY A 1 67 ? -1.316  4.543   -1.216  1.00 15.52 ? 130 GLY A O    1 
ATOM   745  H H    . GLY A 1 67 ? -1.946  6.635   -1.841  1.00 19.84 ? 130 GLY A H    1 
ATOM   746  H HA2  . GLY A 1 67 ? -2.974  5.179   -3.657  1.00 19.57 ? 130 GLY A HA2  1 
ATOM   747  H HA3  . GLY A 1 67 ? -1.464  5.339   -4.077  1.00 19.57 ? 130 GLY A HA3  1 
ATOM   748  N N    . TYR A 1 68 ? -1.759  3.025   -2.824  1.00 14.23 ? 131 TYR A N    1 
ATOM   749  C CA   . TYR A 1 68 ? -1.441  1.866   -1.996  1.00 14.15 ? 131 TYR A CA   1 
ATOM   750  C C    . TYR A 1 68 ? 0.060   1.716   -1.789  1.00 14.25 ? 131 TYR A C    1 
ATOM   751  O O    . TYR A 1 68 ? 0.840   1.900   -2.719  1.00 15.48 ? 131 TYR A O    1 
ATOM   752  C CB   . TYR A 1 68 ? -2.025  0.586   -2.606  1.00 14.95 ? 131 TYR A CB   1 
ATOM   753  C CG   . TYR A 1 68 ? -3.536  0.604   -2.652  1.00 14.86 ? 131 TYR A CG   1 
ATOM   754  C CD1  . TYR A 1 68 ? -4.281  0.319   -1.518  1.00 15.36 ? 131 TYR A CD1  1 
ATOM   755  C CD2  . TYR A 1 68 ? -4.220  0.934   -3.813  1.00 15.28 ? 131 TYR A CD2  1 
ATOM   756  C CE1  . TYR A 1 68 ? -5.656  0.365   -1.539  1.00 16.51 ? 131 TYR A CE1  1 
ATOM   757  C CE2  . TYR A 1 68 ? -5.593  0.983   -3.838  1.00 16.00 ? 131 TYR A CE2  1 
ATOM   758  C CZ   . TYR A 1 68 ? -6.311  0.691   -2.702  1.00 17.65 ? 131 TYR A CZ   1 
ATOM   759  O OH   . TYR A 1 68 ? -7.689  0.747   -2.712  1.00 20.46 ? 131 TYR A OH   1 
ATOM   760  H H    . TYR A 1 68 ? -1.988  2.824   -3.629  1.00 17.08 ? 131 TYR A H    1 
ATOM   761  H HA   . TYR A 1 68 ? -1.851  1.989   -1.115  1.00 16.98 ? 131 TYR A HA   1 
ATOM   762  H HB2  . TYR A 1 68 ? -1.697  0.490   -3.514  1.00 17.93 ? 131 TYR A HB2  1 
ATOM   763  H HB3  . TYR A 1 68 ? -1.749  -0.174  -2.071  1.00 17.93 ? 131 TYR A HB3  1 
ATOM   764  H HD1  . TYR A 1 68 ? -3.843  0.103   -0.726  1.00 18.43 ? 131 TYR A HD1  1 
ATOM   765  H HD2  . TYR A 1 68 ? -3.741  1.138   -4.584  1.00 18.33 ? 131 TYR A HD2  1 
ATOM   766  H HE1  . TYR A 1 68 ? -6.140  0.172   -0.769  1.00 19.82 ? 131 TYR A HE1  1 
ATOM   767  H HE2  . TYR A 1 68 ? -6.037  1.206   -4.624  1.00 19.19 ? 131 TYR A HE2  1 
ATOM   768  H HH   . TYR A 1 68 ? -7.988  0.209   -3.254  1.00 24.55 ? 131 TYR A HH   1 
ATOM   769  N N    . ILE A 1 69 ? 0.438   1.355   -0.563  1.00 13.54 ? 132 ILE A N    1 
ATOM   770  C CA   . ILE A 1 69 ? 1.834   1.149   -0.185  1.00 14.24 ? 132 ILE A CA   1 
ATOM   771  C C    . ILE A 1 69 ? 1.976   -0.160  0.571   1.00 13.29 ? 132 ILE A C    1 
ATOM   772  O O    . ILE A 1 69 ? 1.040   -0.602  1.227   1.00 14.28 ? 132 ILE A O    1 
ATOM   773  C CB   . ILE A 1 69 ? 2.368   2.288   0.696   1.00 14.95 ? 132 ILE A CB   1 
ATOM   774  C CG1  . ILE A 1 69 ? 1.687   2.316   2.072   1.00 16.64 ? 132 ILE A CG1  1 
ATOM   775  C CG2  . ILE A 1 69 ? 2.206   3.604   -0.022  1.00 15.56 ? 132 ILE A CG2  1 
ATOM   776  C CD1  . ILE A 1 69 ? 2.351   3.289   3.048   1.00 17.95 ? 132 ILE A CD1  1 
ATOM   777  H H    . ILE A 1 69 ? -0.112  1.219   0.083   1.00 16.25 ? 132 ILE A H    1 
ATOM   778  H HA   . ILE A 1 69 ? 2.385   1.100   -0.994  1.00 17.09 ? 132 ILE A HA   1 
ATOM   779  H HB   . ILE A 1 69 ? 3.317   2.138   0.835   1.00 17.95 ? 132 ILE A HB   1 
ATOM   780  H HG12 . ILE A 1 69 ? 0.763   2.589   1.960   1.00 19.97 ? 132 ILE A HG12 1 
ATOM   781  H HG13 . ILE A 1 69 ? 1.726   1.429   2.461   1.00 19.97 ? 132 ILE A HG13 1 
ATOM   782  H HG21 . ILE A 1 69 ? 2.544   4.308   0.537   1.00 18.68 ? 132 ILE A HG21 1 
ATOM   783  H HG22 . ILE A 1 69 ? 2.701   3.574   -0.844  1.00 18.68 ? 132 ILE A HG22 1 
ATOM   784  H HG23 . ILE A 1 69 ? 1.275   3.748   -0.205  1.00 18.68 ? 132 ILE A HG23 1 
ATOM   785  H HD11 . ILE A 1 69 ? 1.881   3.261   3.885   1.00 21.54 ? 132 ILE A HD11 1 
ATOM   786  H HD12 . ILE A 1 69 ? 3.266   3.027   3.176   1.00 21.54 ? 132 ILE A HD12 1 
ATOM   787  H HD13 . ILE A 1 69 ? 2.312   4.176   2.680   1.00 21.54 ? 132 ILE A HD13 1 
ATOM   788  N N    . PRO A 1 70 ? 3.164   -0.769  0.514   1.00 14.37 ? 133 PRO A N    1 
ATOM   789  C CA   . PRO A 1 70 ? 3.376   -1.980  1.306   1.00 15.16 ? 133 PRO A CA   1 
ATOM   790  C C    . PRO A 1 70 ? 3.703   -1.625  2.752   1.00 15.50 ? 133 PRO A C    1 
ATOM   791  O O    . PRO A 1 70 ? 4.545   -0.772  3.008   1.00 16.37 ? 133 PRO A O    1 
ATOM   792  C CB   . PRO A 1 70 ? 4.550   -2.670  0.597   1.00 17.38 ? 133 PRO A CB   1 
ATOM   793  C CG   . PRO A 1 70 ? 5.176   -1.644  -0.239  1.00 20.54 ? 133 PRO A CG   1 
ATOM   794  C CD   . PRO A 1 70 ? 4.287   -0.473  -0.385  1.00 15.63 ? 133 PRO A CD   1 
ATOM   795  H HA   . PRO A 1 70 ? 2.585   -2.558  1.276   1.00 18.19 ? 133 PRO A HA   1 
ATOM   796  H HB2  . PRO A 1 70 ? 5.179   -3.001  1.258   1.00 20.85 ? 133 PRO A HB2  1 
ATOM   797  H HB3  . PRO A 1 70 ? 4.217   -3.398  0.050   1.00 20.85 ? 133 PRO A HB3  1 
ATOM   798  H HG2  . PRO A 1 70 ? 6.009   -1.371  0.176   1.00 24.65 ? 133 PRO A HG2  1 
ATOM   799  H HG3  . PRO A 1 70 ? 5.358   -2.026  -1.112  1.00 24.65 ? 133 PRO A HG3  1 
ATOM   800  H HD2  . PRO A 1 70 ? 4.743   0.334   -0.102  1.00 18.76 ? 133 PRO A HD2  1 
ATOM   801  H HD3  . PRO A 1 70 ? 3.974   -0.401  -1.302  1.00 18.76 ? 133 PRO A HD3  1 
ATOM   802  N N    . SER A 1 71 ? 3.034   -2.294  3.683   1.00 15.53 ? 134 SER A N    1 
ATOM   803  C CA   A SER A 1 71 ? 3.169   -1.988  5.105   0.45 14.59 ? 134 SER A CA   1 
ATOM   804  C CA   C SER A 1 71 ? 3.140   -1.977  5.094   0.55 18.55 ? 134 SER A CA   1 
ATOM   805  C C    . SER A 1 71 ? 4.587   -2.023  5.615   1.00 16.79 ? 134 SER A C    1 
ATOM   806  O O    . SER A 1 71 ? 4.986   -1.172  6.413   1.00 16.96 ? 134 SER A O    1 
ATOM   807  C CB   A SER A 1 71 ? 2.406   -3.001  5.947   0.45 17.56 ? 134 SER A CB   1 
ATOM   808  C CB   C SER A 1 71 ? 2.193   -2.888  5.876   0.55 24.08 ? 134 SER A CB   1 
ATOM   809  O OG   A SER A 1 71 ? 1.037   -2.920  5.704   0.45 18.25 ? 134 SER A OG   1 
ATOM   810  O OG   C SER A 1 71 ? 2.028   -2.454  7.205   0.55 30.89 ? 134 SER A OG   1 
ATOM   811  H H    . SER A 1 71 ? 2.495   -2.943  3.514   0.45 18.63 ? 134 SER A H    1 
ATOM   812  H HA   . SER A 1 71 ? 2.812   -1.078  5.252   0.45 22.26 ? 134 SER A HA   1 
ATOM   813  H HB2  A SER A 1 71 ? 2.714   -3.892  5.722   0.45 21.07 ? 134 SER A HB2  1 
ATOM   814  H HB2  C SER A 1 71 ? 1.328   -2.889  5.437   0.55 28.90 ? 134 SER A HB2  1 
ATOM   815  H HB3  A SER A 1 71 ? 2.571   -2.820  6.885   0.45 21.07 ? 134 SER A HB3  1 
ATOM   816  H HB3  C SER A 1 71 ? 2.558   -3.786  5.883   0.55 28.90 ? 134 SER A HB3  1 
ATOM   817  H HG   A SER A 1 71 ? 0.639   -3.470  6.163   0.45 21.90 ? 134 SER A HG   1 
ATOM   818  H HG   C SER A 1 71 ? 1.518   -2.958  7.603   0.55 37.07 ? 134 SER A HG   1 
ATOM   819  N N    . ASN A 1 72 ? 5.364   -3.014  5.186   1.00 15.83 ? 135 ASN A N    1 
ATOM   820  C CA   . ASN A 1 72 ? 6.701   -3.161  5.766   1.00 17.23 ? 135 ASN A CA   1 
ATOM   821  C C    . ASN A 1 72 ? 7.736   -2.190  5.193   1.00 17.04 ? 135 ASN A C    1 
ATOM   822  O O    . ASN A 1 72 ? 8.918   -2.293  5.517   1.00 19.18 ? 135 ASN A O    1 
ATOM   823  C CB   . ASN A 1 72 ? 7.210   -4.605  5.728   1.00 20.64 ? 135 ASN A CB   1 
ATOM   824  C CG   . ASN A 1 72 ? 7.244   -5.176  4.356   1.00 23.40 ? 135 ASN A CG   1 
ATOM   825  O OD1  . ASN A 1 72 ? 7.147   -4.459  3.372   1.00 21.71 ? 135 ASN A OD1  1 
ATOM   826  N ND2  . ASN A 1 72 ? 7.377   -6.490  4.274   1.00 31.87 ? 135 ASN A ND2  1 
ATOM   827  H H    . ASN A 1 72 ? 5.155   -3.594  4.587   1.00 18.99 ? 135 ASN A H    1 
ATOM   828  H HA   . ASN A 1 72 ? 6.621   -2.933  6.715   1.00 20.67 ? 135 ASN A HA   1 
ATOM   829  H HB2  . ASN A 1 72 ? 8.113   -4.631  6.084   1.00 24.77 ? 135 ASN A HB2  1 
ATOM   830  H HB3  . ASN A 1 72 ? 6.626   -5.160  6.269   1.00 24.77 ? 135 ASN A HB3  1 
ATOM   831  H HD21 . ASN A 1 72 ? 7.440   -6.962  4.989   1.00 38.25 ? 135 ASN A HD21 1 
ATOM   832  H HD22 . ASN A 1 72 ? 7.402   -6.872  3.503   1.00 38.25 ? 135 ASN A HD22 1 
ATOM   833  N N    . TYR A 1 73 ? 7.304   -1.237  4.366   1.00 14.95 ? 136 TYR A N    1 
ATOM   834  C CA   . TYR A 1 73 ? 8.205   -0.188  3.887   1.00 15.94 ? 136 TYR A CA   1 
ATOM   835  C C    . TYR A 1 73 ? 8.167   1.053   4.757   1.00 15.83 ? 136 TYR A C    1 
ATOM   836  O O    . TYR A 1 73 ? 8.923   2.000   4.509   1.00 18.34 ? 136 TYR A O    1 
ATOM   837  C CB   . TYR A 1 73 ? 7.865   0.235   2.450   1.00 16.61 ? 136 TYR A CB   1 
ATOM   838  C CG   . TYR A 1 73 ? 8.419   -0.656  1.354   1.00 15.67 ? 136 TYR A CG   1 
ATOM   839  C CD1  . TYR A 1 73 ? 8.258   -2.030  1.388   1.00 17.42 ? 136 TYR A CD1  1 
ATOM   840  C CD2  . TYR A 1 73 ? 9.082   -0.107  0.269   1.00 17.20 ? 136 TYR A CD2  1 
ATOM   841  C CE1  . TYR A 1 73 ? 8.742   -2.822  0.394   1.00 19.15 ? 136 TYR A CE1  1 
ATOM   842  C CE2  . TYR A 1 73 ? 9.583   -0.898  -0.736  1.00 18.65 ? 136 TYR A CE2  1 
ATOM   843  C CZ   . TYR A 1 73 ? 9.409   -2.260  -0.671  1.00 20.58 ? 136 TYR A CZ   1 
ATOM   844  O OH   . TYR A 1 73 ? 9.887   -3.057  -1.689  1.00 25.19 ? 136 TYR A OH   1 
ATOM   845  H H    . TYR A 1 73 ? 6.499   -1.176  4.068   1.00 17.94 ? 136 TYR A H    1 
ATOM   846  H HA   . TYR A 1 73 ? 9.123   -0.533  3.891   1.00 19.13 ? 136 TYR A HA   1 
ATOM   847  H HB2  . TYR A 1 73 ? 6.899   0.247   2.355   1.00 19.93 ? 136 TYR A HB2  1 
ATOM   848  H HB3  . TYR A 1 73 ? 8.215   1.128   2.303   1.00 19.93 ? 136 TYR A HB3  1 
ATOM   849  H HD1  . TYR A 1 73 ? 7.809   -2.418  2.103   1.00 20.90 ? 136 TYR A HD1  1 
ATOM   850  H HD2  . TYR A 1 73 ? 9.200   0.815   0.226   1.00 20.64 ? 136 TYR A HD2  1 
ATOM   851  H HE1  . TYR A 1 73 ? 8.624   -3.745  0.435   1.00 22.98 ? 136 TYR A HE1  1 
ATOM   852  H HE2  . TYR A 1 73 ? 10.026  -0.515  -1.459  1.00 22.38 ? 136 TYR A HE2  1 
ATOM   853  H HH   . TYR A 1 73 ? 10.701  -2.977  -1.750  1.00 30.22 ? 136 TYR A HH   1 
ATOM   854  N N    . VAL A 1 74 ? 7.303   1.074   5.767   1.00 15.09 ? 137 VAL A N    1 
ATOM   855  C CA   . VAL A 1 74 ? 7.157   2.269   6.589   1.00 14.67 ? 137 VAL A CA   1 
ATOM   856  C C    . VAL A 1 74 ? 7.190   1.962   8.083   1.00 15.74 ? 137 VAL A C    1 
ATOM   857  O O    . VAL A 1 74 ? 6.860   0.865   8.517   1.00 17.90 ? 137 VAL A O    1 
ATOM   858  C CB   . VAL A 1 74 ? 5.857   3.043   6.247   1.00 16.23 ? 137 VAL A CB   1 
ATOM   859  C CG1  . VAL A 1 74 ? 5.850   3.416   4.783   1.00 18.67 ? 137 VAL A CG1  1 
ATOM   860  C CG2  . VAL A 1 74 ? 4.623   2.268   6.609   1.00 17.94 ? 137 VAL A CG2  1 
ATOM   861  H H    . VAL A 1 74 ? 6.795   0.419   5.994   1.00 18.10 ? 137 VAL A H    1 
ATOM   862  H HA   . VAL A 1 74 ? 7.910   2.866   6.399   1.00 17.61 ? 137 VAL A HA   1 
ATOM   863  H HB   . VAL A 1 74 ? 5.845   3.877   6.764   1.00 19.48 ? 137 VAL A HB   1 
ATOM   864  H HG11 . VAL A 1 74 ? 5.042   3.894   4.586   1.00 22.41 ? 137 VAL A HG11 1 
ATOM   865  H HG12 . VAL A 1 74 ? 6.612   3.970   4.598   1.00 22.41 ? 137 VAL A HG12 1 
ATOM   866  H HG13 . VAL A 1 74 ? 5.893   2.614   4.257   1.00 22.41 ? 137 VAL A HG13 1 
ATOM   867  H HG21 . VAL A 1 74 ? 3.849   2.788   6.379   1.00 21.53 ? 137 VAL A HG21 1 
ATOM   868  H HG22 . VAL A 1 74 ? 4.620   1.442   6.121   1.00 21.53 ? 137 VAL A HG22 1 
ATOM   869  H HG23 . VAL A 1 74 ? 4.631   2.091   7.552   1.00 21.53 ? 137 VAL A HG23 1 
ATOM   870  N N    . ALA A 1 75 ? 7.596   2.965   8.858   1.00 16.65 ? 138 ALA A N    1 
ATOM   871  C CA   . ALA A 1 75 ? 7.710   2.891   10.317  1.00 15.66 ? 138 ALA A CA   1 
ATOM   872  C C    . ALA A 1 75 ? 7.081   4.133   10.924  1.00 15.22 ? 138 ALA A C    1 
ATOM   873  O O    . ALA A 1 75 ? 7.008   5.168   10.273  1.00 16.30 ? 138 ALA A O    1 
ATOM   874  C CB   . ALA A 1 75 ? 9.177   2.801   10.716  1.00 17.24 ? 138 ALA A CB   1 
ATOM   875  H H    . ALA A 1 75 ? 7.823   3.735   8.547   1.00 19.98 ? 138 ALA A H    1 
ATOM   876  H HA   . ALA A 1 75 ? 7.239   2.098   10.650  1.00 18.79 ? 138 ALA A HA   1 
ATOM   877  H HB1  . ALA A 1 75 ? 9.237   2.753   11.673  1.00 20.69 ? 138 ALA A HB1  1 
ATOM   878  H HB2  . ALA A 1 75 ? 9.559   2.013   10.324  1.00 20.69 ? 138 ALA A HB2  1 
ATOM   879  H HB3  . ALA A 1 75 ? 9.635   3.582   10.398  1.00 20.69 ? 138 ALA A HB3  1 
ATOM   880  N N    . PRO A 1 76 ? 6.634   4.057   12.185  1.00 15.09 ? 139 PRO A N    1 
ATOM   881  C CA   . PRO A 1 76 ? 6.057   5.243   12.827  1.00 15.84 ? 139 PRO A CA   1 
ATOM   882  C C    . PRO A 1 76 ? 7.049   6.394   12.914  1.00 16.95 ? 139 PRO A C    1 
ATOM   883  O O    . PRO A 1 76 ? 8.226   6.168   13.185  1.00 19.02 ? 139 PRO A O    1 
ATOM   884  C CB   . PRO A 1 76 ? 5.685   4.742   14.227  1.00 16.53 ? 139 PRO A CB   1 
ATOM   885  C CG   . PRO A 1 76 ? 6.528   3.543   14.449  1.00 18.68 ? 139 PRO A CG   1 
ATOM   886  C CD   . PRO A 1 76 ? 6.656   2.898   13.088  1.00 16.87 ? 139 PRO A CD   1 
ATOM   887  H HA   . PRO A 1 76 ? 5.249   5.536   12.354  1.00 19.01 ? 139 PRO A HA   1 
ATOM   888  H HB2  . PRO A 1 76 ? 5.886   5.428   14.883  1.00 19.84 ? 139 PRO A HB2  1 
ATOM   889  H HB3  . PRO A 1 76 ? 4.744   4.509   14.251  1.00 19.84 ? 139 PRO A HB3  1 
ATOM   890  H HG2  . PRO A 1 76 ? 7.398   3.811   14.784  1.00 22.41 ? 139 PRO A HG2  1 
ATOM   891  H HG3  . PRO A 1 76 ? 6.089   2.944   15.072  1.00 22.41 ? 139 PRO A HG3  1 
ATOM   892  H HD2  . PRO A 1 76 ? 7.499   2.424   13.013  1.00 20.24 ? 139 PRO A HD2  1 
ATOM   893  H HD3  . PRO A 1 76 ? 5.900   2.316   12.915  1.00 20.24 ? 139 PRO A HD3  1 
ATOM   894  N N    . SER A 1 77 ? 6.552   7.608   12.708  1.00 16.94 ? 140 SER A N    1 
ATOM   895  C CA   . SER A 1 77 ? 7.365   8.804   12.641  1.00 19.40 ? 140 SER A CA   1 
ATOM   896  C C    . SER A 1 77 ? 6.662   9.935   13.352  1.00 22.10 ? 140 SER A C    1 
ATOM   897  O O    . SER A 1 77 ? 5.456   9.885   13.572  1.00 25.98 ? 140 SER A O    1 
ATOM   898  C CB   . SER A 1 77 ? 7.566   9.170   11.171  1.00 22.04 ? 140 SER A CB   1 
ATOM   899  O OG   . SER A 1 77 ? 8.245   10.391  10.988  1.00 25.66 ? 140 SER A OG   1 
ATOM   900  H H    . SER A 1 77 ? 5.713   7.764   12.601  1.00 20.33 ? 140 SER A H    1 
ATOM   901  H HA   . SER A 1 77 ? 8.237   8.648   13.060  1.00 23.28 ? 140 SER A HA   1 
ATOM   902  H HB2  . SER A 1 77 ? 8.081   8.466   10.745  1.00 26.44 ? 140 SER A HB2  1 
ATOM   903  H HB3  . SER A 1 77 ? 6.696   9.235   10.747  1.00 26.44 ? 140 SER A HB3  1 
ATOM   904  H HG   . SER A 1 77 ? 8.428   10.722  11.715  1.00 30.79 ? 140 SER A HG   1 
ATOM   905  N N    . ASP A 1 78 ? 7.418   10.963  13.716  1.00 29.20 ? 141 ASP A N    1 
ATOM   906  C CA   . ASP A 1 78 ? 6.821   12.258  14.040  1.00 34.49 ? 141 ASP A CA   1 
ATOM   907  C C    . ASP A 1 78 ? 6.473   12.969  12.748  1.00 41.57 ? 141 ASP A C    1 
ATOM   908  O O    . ASP A 1 78 ? 7.127   12.754  11.734  1.00 44.26 ? 141 ASP A O    1 
ATOM   909  C CB   . ASP A 1 78 ? 7.770   13.131  14.866  1.00 36.87 ? 141 ASP A CB   1 
ATOM   910  C CG   . ASP A 1 78 ? 7.463   13.087  16.347  1.00 40.50 ? 141 ASP A CG   1 
ATOM   911  O OD1  . ASP A 1 78 ? 6.327   12.709  16.714  1.00 43.82 ? 141 ASP A OD1  1 
ATOM   912  O OD2  . ASP A 1 78 ? 8.353   13.444  17.146  1.00 40.65 ? 141 ASP A OD2  1 
ATOM   913  H H    . ASP A 1 78 ? 8.275   10.939  13.785  1.00 35.04 ? 141 ASP A H    1 
ATOM   914  H HA   . ASP A 1 78 ? 5.998   12.120  14.552  1.00 41.39 ? 141 ASP A HA   1 
ATOM   915  H HB2  . ASP A 1 78 ? 8.679   12.820  14.738  1.00 44.25 ? 141 ASP A HB2  1 
ATOM   916  H HB3  . ASP A 1 78 ? 7.689   14.052  14.570  1.00 44.25 ? 141 ASP A HB3  1 
HETATM 917  C C1   . PGE B 2 .  ? 13.953  -4.410  -0.022  0.88 46.33 ? 301 PGE A C1   1 
HETATM 918  O O1   . PGE B 2 .  ? 14.948  -3.708  -0.669  0.88 51.97 ? 301 PGE A O1   1 
HETATM 919  C C2   . PGE B 2 .  ? 12.936  -3.460  0.510   0.88 43.98 ? 301 PGE A C2   1 
HETATM 920  O O2   . PGE B 2 .  ? 11.951  -4.166  1.169   0.88 42.99 ? 301 PGE A O2   1 
HETATM 921  C C3   . PGE B 2 .  ? 12.292  -4.875  2.296   0.88 44.39 ? 301 PGE A C3   1 
HETATM 922  C C4   . PGE B 2 .  ? 11.218  -4.734  3.311   0.88 47.36 ? 301 PGE A C4   1 
HETATM 923  O O4   . PGE B 2 .  ? 9.849   -7.366  6.715   0.88 52.43 ? 301 PGE A O4   1 
HETATM 924  C C6   . PGE B 2 .  ? 10.981  -6.623  6.431   0.88 52.02 ? 301 PGE A C6   1 
HETATM 925  C C5   . PGE B 2 .  ? 10.635  -5.551  5.452   0.88 51.60 ? 301 PGE A C5   1 
HETATM 926  O O3   . PGE B 2 .  ? 11.491  -5.565  4.375   0.88 51.43 ? 301 PGE A O3   1 
HETATM 927  H H1   . PGE B 2 .  ? 13.528  -5.022  -0.649  0.88 55.60 ? 301 PGE A H1   1 
HETATM 928  H H12  . PGE B 2 .  ? 14.340  -4.916  0.712   0.88 55.60 ? 301 PGE A H12  1 
HETATM 929  H HO1  . PGE B 2 .  ? 15.740  -3.995  -0.392  0.88 62.36 ? 301 PGE A HO1  1 
HETATM 930  H H2   . PGE B 2 .  ? 13.373  -2.861  1.141   0.88 52.77 ? 301 PGE A H2   1 
HETATM 931  H H22  . PGE B 2 .  ? 12.545  -2.939  -0.213  0.88 52.77 ? 301 PGE A H22  1 
HETATM 932  H H3   . PGE B 2 .  ? 12.408  -5.814  2.068   0.88 53.27 ? 301 PGE A H3   1 
HETATM 933  H H32  . PGE B 2 .  ? 13.124  -4.525  2.660   0.88 53.27 ? 301 PGE A H32  1 
HETATM 934  H H4   . PGE B 2 .  ? 11.179  -3.811  3.618   0.88 56.83 ? 301 PGE A H4   1 
HETATM 935  H H42  . PGE B 2 .  ? 10.363  -4.981  2.916   0.88 56.83 ? 301 PGE A H42  1 
HETATM 936  H HO4  . PGE B 2 .  ? 9.572   -7.777  5.978   0.88 62.91 ? 301 PGE A HO4  1 
HETATM 937  H H6   . PGE B 2 .  ? 11.667  -7.200  6.053   0.88 62.43 ? 301 PGE A H6   1 
HETATM 938  H H62  . PGE B 2 .  ? 11.314  -6.218  7.249   0.88 62.43 ? 301 PGE A H62  1 
HETATM 939  H H5   . PGE B 2 .  ? 10.692  -4.686  5.894   0.88 61.92 ? 301 PGE A H5   1 
HETATM 940  H H52  . PGE B 2 .  ? 9.726   -5.690  5.138   0.88 61.92 ? 301 PGE A H52  1 
HETATM 941  O O    . HOH C 3 .  ? -5.673  1.978   4.098   1.00 17.57 ? 401 HOH A O    1 
HETATM 942  O O    . HOH C 3 .  ? 4.718   10.011  -2.763  1.00 20.14 ? 402 HOH A O    1 
HETATM 943  O O    . HOH C 3 .  ? 1.725   -8.439  -1.122  1.00 18.96 ? 403 HOH A O    1 
HETATM 944  O O    . HOH C 3 .  ? 6.992   -5.787  1.042   1.00 25.29 ? 404 HOH A O    1 
HETATM 945  O O    . HOH C 3 .  ? 3.943   -5.377  3.576   1.00 18.39 ? 405 HOH A O    1 
HETATM 946  O O    . HOH C 3 .  ? -1.953  7.233   9.564   1.00 23.01 ? 406 HOH A O    1 
HETATM 947  O O    . HOH C 3 .  ? 13.916  6.493   6.385   1.00 24.30 ? 407 HOH A O    1 
HETATM 948  O O    . HOH C 3 .  ? 0.640   -15.076 -3.176  1.00 25.88 ? 408 HOH A O    1 
HETATM 949  O O    . HOH C 3 .  ? -2.498  10.924  -6.072  1.00 28.69 ? 409 HOH A O    1 
HETATM 950  O O    . HOH C 3 .  ? 2.760   7.809   -7.245  1.00 24.45 ? 410 HOH A O    1 
HETATM 951  O O    . HOH C 3 .  ? -5.190  -3.224  -11.506 1.00 27.37 ? 411 HOH A O    1 
HETATM 952  O O    . HOH C 3 .  ? 7.945   10.348  -4.845  1.00 28.06 ? 412 HOH A O    1 
HETATM 953  O O    . HOH C 3 .  ? -4.078  -16.377 -9.388  1.00 32.87 ? 413 HOH A O    1 
HETATM 954  O O    . HOH C 3 .  ? 15.380  1.940   -1.280  1.00 28.44 ? 414 HOH A O    1 
HETATM 955  O O    . HOH C 3 .  ? 3.048   -12.270 4.373   1.00 36.00 ? 415 HOH A O    1 
HETATM 956  O O    . HOH C 3 .  ? 3.831   14.615  -7.692  1.00 35.13 ? 416 HOH A O    1 
HETATM 957  O O    . HOH C 3 .  ? 4.938   -3.551  -7.117  1.00 34.15 ? 417 HOH A O    1 
HETATM 958  O O    . HOH C 3 .  ? 8.736   -0.892  9.533   0.50 32.63 ? 418 HOH A O    1 
HETATM 959  O O    . HOH C 3 .  ? -16.419 -21.255 -0.205  1.00 39.94 ? 419 HOH A O    1 
HETATM 960  O O    . HOH C 3 .  ? 9.178   15.393  18.916  1.00 36.82 ? 420 HOH A O    1 
HETATM 961  O O    . HOH C 3 .  ? 13.908  0.118   -3.096  0.50 35.15 ? 421 HOH A O    1 
HETATM 962  O O    . HOH C 3 .  ? 10.010  10.317  13.996  1.00 38.69 ? 422 HOH A O    1 
HETATM 963  O O    . HOH C 3 .  ? 4.954   15.242  17.771  1.00 47.51 ? 423 HOH A O    1 
HETATM 964  O O    . HOH C 3 .  ? -13.520 -1.701  -11.847 1.00 35.58 ? 424 HOH A O    1 
HETATM 965  O O    . HOH C 3 .  ? 6.426   0.185   -12.833 1.00 40.89 ? 425 HOH A O    1 
HETATM 966  O O    . HOH C 3 .  ? 3.519   -4.624  8.074   1.00 38.08 ? 426 HOH A O    1 
HETATM 967  O O    . HOH C 3 .  ? 4.101   -15.170 -2.181  1.00 37.38 ? 427 HOH A O    1 
HETATM 968  O O    . HOH C 3 .  ? -0.258  8.123   -6.782  1.00 40.16 ? 428 HOH A O    1 
HETATM 969  O O    . HOH C 3 .  ? -20.412 -14.364 -8.031  1.00 36.02 ? 429 HOH A O    1 
HETATM 970  O O    . HOH C 3 .  ? -18.477 -11.458 -11.160 1.00 36.72 ? 430 HOH A O    1 
HETATM 971  O O    . HOH C 3 .  ? -2.753  2.574   -13.723 1.00 36.59 ? 431 HOH A O    1 
HETATM 972  O O    . HOH C 3 .  ? 7.404   13.705  -6.470  1.00 38.11 ? 432 HOH A O    1 
HETATM 973  O O    . HOH C 3 .  ? -4.100  -5.567  -13.766 1.00 41.39 ? 433 HOH A O    1 
HETATM 974  O O    . HOH C 3 .  ? -23.937 -9.466  -4.625  1.00 36.20 ? 434 HOH A O    1 
HETATM 975  O O    . HOH C 3 .  ? 15.226  8.825   5.684   1.00 32.46 ? 435 HOH A O    1 
HETATM 976  O O    . HOH C 3 .  ? 13.937  6.939   9.136   1.00 32.20 ? 436 HOH A O    1 
HETATM 977  O O    . HOH C 3 .  ? 5.566   4.176   -11.719 1.00 38.52 ? 437 HOH A O    1 
HETATM 978  O O    . HOH C 3 .  ? 3.282   14.718  10.580  1.00 37.81 ? 438 HOH A O    1 
HETATM 979  O O    . HOH C 3 .  ? 8.904   -7.146  -0.063  1.00 38.55 ? 439 HOH A O    1 
HETATM 980  O O    . HOH C 3 .  ? 9.249   12.156  -5.951  1.00 43.32 ? 440 HOH A O    1 
HETATM 981  O O    . HOH C 3 .  ? 5.389   14.851  8.997   1.00 38.28 ? 441 HOH A O    1 
HETATM 982  O O    . HOH C 3 .  ? -18.254 -12.436 -13.704 1.00 47.85 ? 442 HOH A O    1 
HETATM 983  O O    . HOH C 3 .  ? 3.060   -14.266 6.229   1.00 42.61 ? 443 HOH A O    1 
HETATM 984  O O    . HOH C 3 .  ? 2.137   -8.119  -4.211  1.00 34.60 ? 444 HOH A O    1 
HETATM 985  O O    . HOH C 3 .  ? 16.084  2.538   -3.568  1.00 35.91 ? 445 HOH A O    1 
HETATM 986  O O    . HOH C 3 .  ? -3.640  12.937  -3.097  1.00 40.30 ? 446 HOH A O    1 
HETATM 987  O O    . HOH C 3 .  ? 8.319   15.928  4.068   1.00 48.16 ? 447 HOH A O    1 
HETATM 988  O O    . HOH C 3 .  ? 17.191  1.822   0.740   1.00 44.40 ? 448 HOH A O    1 
HETATM 989  O O    . HOH C 3 .  ? 6.688   16.145  -5.098  1.00 45.73 ? 449 HOH A O    1 
HETATM 990  O O    . HOH C 3 .  ? 16.093  2.141   5.825   1.00 43.20 ? 450 HOH A O    1 
HETATM 991  O O    . HOH C 3 .  ? 11.950  -8.118  3.773   1.00 49.02 ? 451 HOH A O    1 
HETATM 992  O O    . HOH C 3 .  ? -5.808  11.487  0.205   1.00 37.46 ? 452 HOH A O    1 
HETATM 993  O O    . HOH C 3 .  ? 1.284   -5.419  8.559   1.00 25.81 ? 453 HOH A O    1 
HETATM 994  O O    . HOH C 3 .  ? -23.385 -12.717 -5.724  1.00 31.63 ? 454 HOH A O    1 
HETATM 995  O O    . HOH C 3 .  ? -4.988  14.360  -0.813  0.50 41.54 ? 455 HOH A O    1 
HETATM 996  O O    . HOH C 3 .  ? -9.431  2.883   -2.560  1.00 39.51 ? 456 HOH A O    1 
HETATM 997  O O    . HOH C 3 .  ? 11.099  -2.977  7.135   1.00 38.63 ? 457 HOH A O    1 
HETATM 998  O O    . HOH C 3 .  ? -5.411  12.512  -4.920  1.00 47.46 ? 458 HOH A O    1 
HETATM 999  O O    . HOH C 3 .  ? 6.705   -4.819  -2.279  1.00 42.50 ? 459 HOH A O    1 
HETATM 1000 O O    . HOH C 3 .  ? 17.934  0.215   5.339   1.00 47.11 ? 460 HOH A O    1 
HETATM 1001 O O    . HOH C 3 .  ? 1.950   -14.529 -6.418  1.00 36.12 ? 461 HOH A O    1 
HETATM 1002 O O    . HOH C 3 .  ? -2.053  17.046  -0.383  1.00 50.30 ? 462 HOH A O    1 
# 
loop_
_atom_site_anisotrop.id 
_atom_site_anisotrop.type_symbol 
_atom_site_anisotrop.pdbx_label_atom_id 
_atom_site_anisotrop.pdbx_label_alt_id 
_atom_site_anisotrop.pdbx_label_comp_id 
_atom_site_anisotrop.pdbx_label_asym_id 
_atom_site_anisotrop.pdbx_label_seq_id 
_atom_site_anisotrop.pdbx_PDB_ins_code 
_atom_site_anisotrop.U[1][1] 
_atom_site_anisotrop.U[2][2] 
_atom_site_anisotrop.U[3][3] 
_atom_site_anisotrop.U[1][2] 
_atom_site_anisotrop.U[1][3] 
_atom_site_anisotrop.U[2][3] 
_atom_site_anisotrop.pdbx_auth_seq_id 
_atom_site_anisotrop.pdbx_auth_comp_id 
_atom_site_anisotrop.pdbx_auth_asym_id 
_atom_site_anisotrop.pdbx_auth_atom_id 
1   N N   . HIS A 20 ? 0.3385 0.7627 0.8626 0.2146  -0.0903 -0.0112 83  HIS A N   
2   C CA  . HIS A 20 ? 0.4386 0.6809 0.7634 0.1715  -0.0193 -0.0073 83  HIS A CA  
3   C C   . HIS A 20 ? 0.3821 0.5106 0.5114 0.1465  0.0047  -0.0171 83  HIS A C   
4   O O   . HIS A 20 ? 0.4634 0.4230 0.3112 0.2336  -0.0503 -0.0789 83  HIS A O   
5   C CB  . HIS A 20 ? 0.5728 0.7515 0.8213 0.1773  -0.0551 -0.0681 83  HIS A CB  
6   C CG  . HIS A 20 ? 0.6687 0.7598 0.8249 0.1306  -0.1004 -0.0757 83  HIS A CG  
7   N ND1 . HIS A 20 ? 0.7294 0.7726 0.7768 0.1015  -0.1174 -0.0712 83  HIS A ND1 
8   C CD2 . HIS A 20 ? 0.6731 0.7101 0.8200 0.0626  -0.1275 -0.0509 83  HIS A CD2 
9   C CE1 . HIS A 20 ? 0.7000 0.7465 0.7458 0.0299  -0.1530 -0.0722 83  HIS A CE1 
10  N NE2 . HIS A 20 ? 0.6957 0.7057 0.7752 0.0111  -0.1410 -0.0525 83  HIS A NE2 
18  N N   . MET A 21 ? 0.2180 0.5110 0.4166 0.0228  -0.0096 0.0164  84  MET A N   
19  C CA  . MET A 21 ? 0.2502 0.3540 0.3102 -0.0251 -0.0498 -0.0362 84  MET A CA  
20  C C   . MET A 21 ? 0.2553 0.3024 0.2829 -0.0015 -0.0554 -0.0708 84  MET A C   
21  O O   . MET A 21 ? 0.2908 0.3318 0.2775 -0.0114 -0.0588 -0.0429 84  MET A O   
22  C CB  . MET A 21 ? 0.2354 0.3718 0.3711 -0.0621 -0.0668 -0.0161 84  MET A CB  
23  C CG  . MET A 21 ? 0.3487 0.2610 0.3433 -0.0807 -0.0115 -0.0516 84  MET A CG  
24  S SD  . MET A 21 ? 0.3728 0.2505 0.3307 0.0283  -0.0119 -0.0404 84  MET A SD  
25  C CE  . MET A 21 ? 0.3263 0.2515 0.2971 0.0272  0.0236  -0.0053 84  MET A CE  
35  N N   . THR A 22 ? 0.2843 0.2298 0.2317 0.0246  -0.0315 -0.0749 85  THR A N   
36  C CA  . THR A 22 ? 0.2700 0.2244 0.2424 0.0415  -0.0637 -0.0487 85  THR A CA  
37  C C   . THR A 22 ? 0.2666 0.2145 0.2376 0.0561  -0.0440 -0.0205 85  THR A C   
38  O O   . THR A 22 ? 0.2541 0.2530 0.2282 0.0528  -0.0136 -0.0447 85  THR A O   
39  C CB  . THR A 22 ? 0.3249 0.2325 0.3173 0.0541  -0.0568 -0.0326 85  THR A CB  
40  O OG1 . THR A 22 ? 0.3395 0.2446 0.3871 0.0882  -0.0903 -0.0891 85  THR A OG1 
41  C CG2 . THR A 22 ? 0.4116 0.1995 0.3220 0.0192  -0.0548 -0.0261 85  THR A CG2 
49  N N   . PHE A 23 ? 0.2337 0.2123 0.2144 0.0303  -0.0044 -0.0213 86  PHE A N   
50  C CA  . PHE A 23 ? 0.2137 0.2019 0.1713 -0.0044 -0.0075 -0.0121 86  PHE A CA  
51  C C   . PHE A 23 ? 0.2287 0.1924 0.2178 0.0123  -0.0525 -0.0462 86  PHE A C   
52  O O   . PHE A 23 ? 0.2235 0.2017 0.2719 0.0044  -0.0278 -0.0115 86  PHE A O   
53  C CB  . PHE A 23 ? 0.2277 0.2161 0.2053 -0.0003 -0.0174 -0.0355 86  PHE A CB  
54  C CG  . PHE A 23 ? 0.2237 0.1952 0.2454 -0.0140 -0.0218 -0.0366 86  PHE A CG  
55  C CD1 . PHE A 23 ? 0.2790 0.1888 0.2699 0.0040  -0.0373 -0.0693 86  PHE A CD1 
56  C CD2 . PHE A 23 ? 0.2587 0.2315 0.2153 -0.0152 0.0067  -0.0306 86  PHE A CD2 
57  C CE1 . PHE A 23 ? 0.3318 0.2282 0.2543 -0.0273 -0.0617 -0.0176 86  PHE A CE1 
58  C CE2 . PHE A 23 ? 0.2173 0.2632 0.2846 -0.0117 -0.0079 -0.0554 86  PHE A CE2 
59  C CZ  . PHE A 23 ? 0.3171 0.2595 0.2365 -0.0388 -0.0234 -0.0234 86  PHE A CZ  
69  N N   . VAL A 24 ? 0.2271 0.1896 0.2167 0.0134  0.0058  0.0028  87  VAL A N   
70  C CA  . VAL A 24 ? 0.2295 0.2053 0.1716 -0.0084 -0.0298 -0.0002 87  VAL A CA  
71  C C   . VAL A 24 ? 0.1841 0.1722 0.2446 -0.0212 -0.0149 -0.0243 87  VAL A C   
72  O O   . VAL A 24 ? 0.1915 0.1947 0.2100 -0.0218 -0.0215 -0.0224 87  VAL A O   
73  C CB  . VAL A 24 ? 0.2619 0.2183 0.2075 -0.0322 -0.0187 -0.0327 87  VAL A CB  
74  C CG1 . VAL A 24 ? 0.1970 0.2481 0.2536 -0.0459 -0.0589 -0.0199 87  VAL A CG1 
75  C CG2 . VAL A 24 ? 0.2705 0.2402 0.2387 -0.0707 0.0009  -0.0137 87  VAL A CG2 
85  N N   . ALA A 25 ? 0.1912 0.1957 0.2167 -0.0246 -0.0069 -0.0209 88  ALA A N   
86  C CA  . ALA A 25 ? 0.1624 0.2068 0.2202 -0.0260 0.0001  0.0038  88  ALA A CA  
87  C C   . ALA A 25 ? 0.1656 0.1922 0.2257 -0.0482 -0.0005 0.0174  88  ALA A C   
88  O O   . ALA A 25 ? 0.1798 0.1918 0.2480 -0.0415 -0.0109 -0.0117 88  ALA A O   
89  C CB  . ALA A 25 ? 0.1672 0.2028 0.2495 -0.0129 -0.0128 -0.0235 88  ALA A CB  
95  N N   . LEU A 26 ? 0.1675 0.2043 0.2798 -0.0385 -0.0155 -0.0066 89  LEU A N   
96  C CA  . LEU A 26 ? 0.1623 0.2322 0.2664 -0.0168 0.0027  0.0318  89  LEU A CA  
97  C C   . LEU A 26 ? 0.1362 0.2369 0.2827 -0.0586 0.0057  0.0061  89  LEU A C   
98  O O   . LEU A 26 ? 0.1351 0.3009 0.3137 -0.0290 -0.0113 -0.0332 89  LEU A O   
99  C CB  . LEU A 26 ? 0.1958 0.2194 0.2932 0.0145  0.0046  0.0147  89  LEU A CB  
100 C CG  . LEU A 26 ? 0.2769 0.3642 0.2556 0.0680  0.0381  0.0309  89  LEU A CG  
101 C CD1 . LEU A 26 ? 0.4190 0.3383 0.3889 0.1029  0.1576  0.1243  89  LEU A CD1 
102 C CD2 . LEU A 26 ? 0.2287 0.5819 0.2492 0.0775  -0.0478 -0.0455 89  LEU A CD2 
114 N N   . TYR A 27 ? 0.1387 0.2483 0.2810 -0.0183 -0.0151 -0.0123 90  TYR A N   
115 C CA  . TYR A 27 ? 0.1595 0.2476 0.2627 -0.0249 0.0080  -0.0073 90  TYR A CA  
116 C C   . TYR A 27 ? 0.1408 0.2572 0.3008 -0.0461 0.0106  0.0090  90  TYR A C   
117 O O   . TYR A 27 ? 0.1532 0.3063 0.2356 -0.0210 0.0081  0.0310  90  TYR A O   
118 C CB  . TYR A 27 ? 0.2117 0.2788 0.2986 -0.0053 -0.0179 0.0061  90  TYR A CB  
119 C CG  . TYR A 27 ? 0.2261 0.2662 0.2669 0.0282  -0.0245 -0.0168 90  TYR A CG  
120 C CD1 . TYR A 27 ? 0.2034 0.3030 0.3617 0.0361  -0.0237 0.0272  90  TYR A CD1 
121 C CD2 . TYR A 27 ? 0.2486 0.2838 0.3609 0.0120  0.0519  0.0292  90  TYR A CD2 
122 C CE1 . TYR A 27 ? 0.2640 0.3200 0.4540 0.0506  -0.0260 0.0405  90  TYR A CE1 
123 C CE2 . TYR A 27 ? 0.3785 0.2488 0.2815 0.0350  0.0599  0.0507  90  TYR A CE2 
124 C CZ  . TYR A 27 ? 0.3379 0.3296 0.3405 0.0715  -0.0700 -0.0061 90  TYR A CZ  
125 O OH  . TYR A 27 ? 0.5280 0.3179 0.3200 0.0720  -0.0693 -0.0034 90  TYR A OH  
135 N N   . ASP A 28 ? 0.1731 0.2774 0.2822 -0.0239 0.0205  0.0145  91  ASP A N   
136 C CA  . ASP A 28 ? 0.1810 0.2453 0.2807 -0.0395 0.0127  -0.0083 91  ASP A CA  
137 C C   . ASP A 28 ? 0.1570 0.2173 0.2522 -0.0547 0.0098  0.0096  91  ASP A C   
138 O O   . ASP A 28 ? 0.1961 0.2348 0.2978 -0.0371 -0.0046 0.0159  91  ASP A O   
139 C CB  . ASP A 28 ? 0.1773 0.2590 0.2435 -0.0376 0.0123  -0.0049 91  ASP A CB  
140 C CG  . ASP A 28 ? 0.1254 0.3069 0.2414 -0.0405 0.0004  -0.0101 91  ASP A CG  
141 O OD1 . ASP A 28 ? 0.2134 0.2911 0.2196 -0.0595 0.0276  -0.0273 91  ASP A OD1 
142 O OD2 . ASP A 28 ? 0.1918 0.3038 0.2703 -0.0509 0.0412  -0.0190 91  ASP A OD2 
147 N N   . TYR A 29 ? 0.1515 0.2138 0.2754 -0.0229 0.0000  -0.0190 92  TYR A N   
148 C CA  . TYR A 29 ? 0.1662 0.2282 0.2521 -0.0136 0.0115  -0.0354 92  TYR A CA  
149 C C   . TYR A 29 ? 0.1400 0.2548 0.2345 -0.0473 0.0481  -0.0163 92  TYR A C   
150 O O   . TYR A 29 ? 0.1652 0.2260 0.2476 -0.0278 0.0277  -0.0114 92  TYR A O   
151 C CB  . TYR A 29 ? 0.1520 0.2393 0.2368 -0.0171 0.0197  0.0090  92  TYR A CB  
152 C CG  . TYR A 29 ? 0.1693 0.2149 0.2442 -0.0190 0.0420  0.0458  92  TYR A CG  
153 C CD1 . TYR A 29 ? 0.1666 0.2458 0.2540 -0.0120 0.0304  0.0265  92  TYR A CD1 
154 C CD2 . TYR A 29 ? 0.1819 0.2025 0.2328 -0.0232 0.0163  -0.0062 92  TYR A CD2 
155 C CE1 . TYR A 29 ? 0.2045 0.2079 0.2767 0.0050  0.0195  0.0257  92  TYR A CE1 
156 C CE2 . TYR A 29 ? 0.1717 0.2241 0.2488 -0.0218 0.0313  0.0379  92  TYR A CE2 
157 C CZ  . TYR A 29 ? 0.2028 0.2010 0.2479 -0.0452 0.0292  0.0302  92  TYR A CZ  
158 O OH  . TYR A 29 ? 0.2118 0.2511 0.2483 -0.0498 0.0113  0.0163  92  TYR A OH  
168 N N   . VAL A 30 ? 0.1640 0.2428 0.2568 -0.0370 0.0361  0.0052  93  VAL A N   
169 C CA  . VAL A 30 ? 0.1535 0.2243 0.2536 -0.0408 0.0302  -0.0180 93  VAL A CA  
170 C C   . VAL A 30 ? 0.2071 0.2494 0.2559 -0.0311 0.0495  -0.0329 93  VAL A C   
171 O O   . VAL A 30 ? 0.2049 0.2364 0.2552 -0.0404 0.0511  -0.0182 93  VAL A O   
172 C CB  . VAL A 30 ? 0.1767 0.2383 0.2580 -0.0453 0.0471  -0.0005 93  VAL A CB  
173 C CG1 . VAL A 30 ? 0.1902 0.3195 0.2774 -0.0552 0.0421  0.0220  93  VAL A CG1 
174 C CG2 . VAL A 30 ? 0.1833 0.2961 0.2874 -0.0659 0.0707  0.0385  93  VAL A CG2 
184 N N   . ALA A 31 ? 0.2002 0.2353 0.2509 -0.0429 0.0577  -0.0175 94  ALA A N   
185 C CA  . ALA A 31 ? 0.1827 0.2565 0.2127 -0.0494 0.0235  -0.0153 94  ALA A CA  
186 C C   . ALA A 31 ? 0.1896 0.3099 0.2323 -0.0474 0.0227  -0.0240 94  ALA A C   
187 O O   . ALA A 31 ? 0.2440 0.3284 0.2565 -0.0618 0.0425  -0.0119 94  ALA A O   
188 C CB  . ALA A 31 ? 0.1809 0.2537 0.3552 -0.0415 0.0246  -0.0256 94  ALA A CB  
194 N N   . SER A 32 ? 0.2185 0.3148 0.2442 -0.0845 0.0165  -0.0355 95  SER A N   
195 C CA  . SER A 32 ? 0.2762 0.3430 0.2782 -0.0806 0.0484  -0.0778 95  SER A CA  
196 C C   . SER A 32 ? 0.2956 0.4128 0.2137 -0.0949 0.0371  -0.0531 95  SER A C   
197 O O   . SER A 32 ? 0.3142 0.4902 0.2617 -0.0854 0.0224  -0.0942 95  SER A O   
198 C CB  . SER A 32 ? 0.2807 0.3289 0.3716 -0.0801 0.0829  -0.0567 95  SER A CB  
199 O OG  . SER A 32 ? 0.2886 0.3225 0.4927 -0.0607 0.0212  -0.0837 95  SER A OG  
205 N N   . GLY A 33 ? 0.2592 0.4079 0.2208 -0.0909 0.0360  -0.0424 96  GLY A N   
206 C CA  . GLY A 33 ? 0.3004 0.3693 0.2265 -0.0646 0.0080  -0.0156 96  GLY A CA  
207 C C   . GLY A 33 ? 0.2759 0.3676 0.1942 -0.0594 0.0191  0.0391  96  GLY A C   
208 O O   . GLY A 33 ? 0.2599 0.4031 0.2774 -0.0565 -0.0272 0.0723  96  GLY A O   
212 N N   . GLU A 34 ? 0.2531 0.3348 0.2098 -0.0507 0.0350  -0.0022 97  GLU A N   
213 C CA  . GLU A 34 ? 0.2684 0.2864 0.1780 -0.0392 0.0148  -0.0563 97  GLU A CA  
214 C C   . GLU A 34 ? 0.3091 0.2314 0.1681 -0.0224 -0.0017 -0.0368 97  GLU A C   
215 O O   . GLU A 34 ? 0.2195 0.2411 0.2444 -0.0166 -0.0086 -0.0351 97  GLU A O   
216 C CB  . GLU A 34 ? 0.2827 0.2794 0.2520 0.0131  0.0372  -0.0630 97  GLU A CB  
217 C CG  . GLU A 34 ? 0.3704 0.2878 0.3264 -0.0236 0.0869  -0.0378 97  GLU A CG  
218 C CD  . GLU A 34 ? 0.4560 0.3242 0.3542 0.0163  0.0788  -0.0926 97  GLU A CD  
219 O OE1 . GLU A 34 ? 0.3908 0.3719 0.5226 -0.0188 0.0150  -0.1427 97  GLU A OE1 
220 O OE2 . GLU A 34 ? 0.4776 0.3649 0.4739 0.0350  0.0761  -0.1669 97  GLU A OE2 
227 N N   . THR A 35 ? 0.2386 0.2635 0.2137 -0.0401 0.0025  -0.0288 98  THR A N   
228 C CA  . THR A 35 ? 0.2331 0.2245 0.2293 -0.0332 0.0103  -0.0190 98  THR A CA  
229 C C   . THR A 35 ? 0.1962 0.2016 0.2293 -0.0120 -0.0012 -0.0116 98  THR A C   
230 O O   . THR A 35 ? 0.2018 0.2009 0.2219 -0.0204 0.0014  -0.0169 98  THR A O   
231 C CB  . THR A 35 ? 0.2709 0.3165 0.2673 -0.0485 -0.0167 0.0557  98  THR A CB  
232 O OG1 . THR A 35 ? 0.3181 0.3484 0.3110 -0.0464 -0.0654 0.0689  98  THR A OG1 
233 C CG2 . THR A 35 ? 0.3290 0.2873 0.3087 -0.0187 0.0304  0.0666  98  THR A CG2 
241 N N   . ASP A 36 ? 0.1988 0.1785 0.2357 -0.0187 0.0174  -0.0064 99  ASP A N   
242 C CA  . ASP A 36 ? 0.1553 0.1842 0.2351 -0.0042 -0.0137 0.0073  99  ASP A CA  
243 C C   . ASP A 36 ? 0.1563 0.2197 0.2074 -0.0006 -0.0219 0.0138  99  ASP A C   
244 O O   . ASP A 36 ? 0.2211 0.2309 0.2296 -0.0139 -0.0366 0.0227  99  ASP A O   
245 C CB  . ASP A 36 ? 0.1850 0.1984 0.2580 0.0179  -0.0201 0.0045  99  ASP A CB  
246 C CG  . ASP A 36 ? 0.1933 0.2690 0.2169 -0.0242 0.0058  0.0084  99  ASP A CG  
247 O OD1 . ASP A 36 ? 0.2277 0.1975 0.2825 0.0160  -0.0103 -0.0010 99  ASP A OD1 
248 O OD2 . ASP A 36 ? 0.1970 0.2186 0.2694 -0.0073 0.0107  -0.0088 99  ASP A OD2 
253 N N   . LEU A 37 ? 0.1947 0.1841 0.1998 -0.0459 -0.0035 -0.0002 100 LEU A N   
254 C CA  . LEU A 37 ? 0.2036 0.1932 0.1944 -0.0031 -0.0114 -0.0020 100 LEU A CA  
255 C C   . LEU A 37 ? 0.1654 0.2438 0.2026 -0.0022 -0.0326 -0.0444 100 LEU A C   
256 O O   . LEU A 37 ? 0.2015 0.2632 0.2217 -0.0339 -0.0056 -0.0323 100 LEU A O   
257 C CB  . LEU A 37 ? 0.2182 0.2276 0.2173 -0.0129 0.0037  -0.0481 100 LEU A CB  
258 C CG  . LEU A 37 ? 0.2626 0.2123 0.2134 -0.0274 -0.0133 -0.0440 100 LEU A CG  
259 C CD1 . LEU A 37 ? 0.2816 0.2351 0.2255 -0.0281 0.0189  -0.0462 100 LEU A CD1 
260 C CD2 . LEU A 37 ? 0.2873 0.2172 0.2833 -0.0026 -0.0381 -0.0631 100 LEU A CD2 
272 N N   . SER A 38 ? 0.1864 0.2223 0.2106 -0.0265 0.0005  -0.0104 101 SER A N   
273 C CA  . SER A 38 ? 0.1791 0.1812 0.2538 -0.0390 -0.0147 -0.0019 101 SER A CA  
274 C C   . SER A 38 ? 0.1852 0.2291 0.2194 -0.0458 -0.0091 0.0020  101 SER A C   
275 O O   . SER A 38 ? 0.2386 0.2314 0.2274 -0.0358 0.0108  -0.0437 101 SER A O   
276 C CB  . SER A 38 ? 0.2032 0.2325 0.2606 0.0160  -0.0563 -0.0133 101 SER A CB  
277 O OG  . SER A 38 ? 0.1969 0.2002 0.2320 0.0088  -0.0687 -0.0069 101 SER A OG  
283 N N   . PHE A 39 ? 0.1781 0.2078 0.2412 -0.0259 -0.0123 -0.0223 102 PHE A N   
284 C CA  . PHE A 39 ? 0.2001 0.2445 0.2221 0.0036  -0.0390 -0.0384 102 PHE A CA  
285 C C   . PHE A 39 ? 0.2065 0.2613 0.1944 -0.0057 -0.0242 -0.0443 102 PHE A C   
286 O O   . PHE A 39 ? 0.1751 0.2494 0.2349 -0.0124 -0.0160 -0.0252 102 PHE A O   
287 C CB  . PHE A 39 ? 0.1835 0.2010 0.2015 -0.0303 -0.0166 -0.0258 102 PHE A CB  
288 C CG  . PHE A 39 ? 0.1522 0.1991 0.2138 -0.0174 -0.0184 -0.0160 102 PHE A CG  
289 C CD1 . PHE A 39 ? 0.1731 0.1858 0.2415 -0.0503 -0.0145 -0.0098 102 PHE A CD1 
290 C CD2 . PHE A 39 ? 0.1465 0.2350 0.1782 -0.0326 -0.0149 -0.0199 102 PHE A CD2 
291 C CE1 . PHE A 39 ? 0.1561 0.2196 0.2274 -0.0351 -0.0067 -0.0072 102 PHE A CE1 
292 C CE2 . PHE A 39 ? 0.1787 0.2330 0.1799 -0.0581 -0.0084 -0.0067 102 PHE A CE2 
293 C CZ  . PHE A 39 ? 0.1881 0.2242 0.1880 -0.0231 -0.0062 -0.0020 102 PHE A CZ  
303 N N   . LYS A 40 ? 0.2033 0.2358 0.2411 -0.0110 -0.0283 -0.0087 103 LYS A N   
304 C CA  . LYS A 40 ? 0.1869 0.2815 0.2629 -0.0324 -0.0124 0.0262  103 LYS A CA  
305 C C   . LYS A 40 ? 0.1492 0.2668 0.2506 -0.0461 -0.0476 0.0138  103 LYS A C   
306 O O   . LYS A 40 ? 0.1852 0.2595 0.2611 -0.0285 -0.0260 0.0104  103 LYS A O   
307 C CB  . LYS A 40 ? 0.1986 0.3363 0.2579 -0.0564 -0.0523 0.0239  103 LYS A CB  
308 C CG  . LYS A 40 ? 0.2064 0.3776 0.3226 -0.0386 -0.0468 0.0500  103 LYS A CG  
309 C CD  . LYS A 40 ? 0.2269 0.2976 0.5617 -0.0386 0.0665  0.0872  103 LYS A CD  
310 C CE  . LYS A 40 ? 0.1999 0.3140 0.5962 -0.0198 0.0382  0.0981  103 LYS A CE  
311 N NZ  . LYS A 40 ? 0.1990 0.2818 0.6462 0.0369  -0.0339 0.0519  103 LYS A NZ  
325 N N   . LYS A 41 ? 0.1943 0.2315 0.2569 -0.0260 -0.0335 0.0170  104 LYS A N   
326 C CA  . LYS A 41 ? 0.1847 0.2612 0.2436 -0.0314 -0.0176 -0.0208 104 LYS A CA  
327 C C   . LYS A 41 ? 0.1581 0.2754 0.2523 -0.0304 -0.0342 -0.0224 104 LYS A C   
328 O O   . LYS A 41 ? 0.2159 0.2502 0.2988 -0.0462 -0.0387 -0.0124 104 LYS A O   
329 C CB  . LYS A 41 ? 0.1765 0.2400 0.3046 -0.0280 -0.0182 -0.0332 104 LYS A CB  
330 C CG  . LYS A 41 ? 0.2196 0.2545 0.3255 -0.0299 0.0029  -0.0401 104 LYS A CG  
331 C CD  . LYS A 41 ? 0.2278 0.2718 0.3589 -0.0143 0.0116  -0.0103 104 LYS A CD  
332 C CE  . LYS A 41 ? 0.2833 0.3367 0.4940 -0.0139 0.0802  0.0599  104 LYS A CE  
333 N NZ  . LYS A 41 ? 0.3420 0.4136 0.5814 -0.0149 0.0753  0.0595  104 LYS A NZ  
347 N N   . GLY A 42 ? 0.1863 0.2663 0.2630 -0.0213 -0.0491 -0.0121 105 GLY A N   
348 C CA  . GLY A 42 ? 0.2136 0.2677 0.2465 -0.0355 -0.0348 0.0029  105 GLY A CA  
349 C C   . GLY A 42 ? 0.2944 0.2243 0.2671 -0.0214 -0.0034 0.0093  105 GLY A C   
350 O O   . GLY A 42 ? 0.3184 0.2423 0.2809 -0.0223 0.0033  -0.0325 105 GLY A O   
354 N N   . GLU A 43 ? 0.2602 0.2324 0.2209 -0.0249 -0.0233 -0.0106 106 GLU A N   
355 C CA  . GLU A 43 ? 0.2941 0.2491 0.1955 -0.0308 -0.0107 -0.0547 106 GLU A CA  
356 C C   . GLU A 43 ? 0.2715 0.2545 0.1585 -0.0524 -0.0087 -0.0347 106 GLU A C   
357 O O   . GLU A 43 ? 0.2787 0.2319 0.2133 -0.0138 -0.0026 -0.0316 106 GLU A O   
358 C CB  . GLU A 43 ? 0.2671 0.2706 0.2278 -0.0177 -0.0132 -0.0479 106 GLU A CB  
359 C CG  . GLU A 43 ? 0.2675 0.2691 0.2342 -0.0065 -0.0358 -0.0247 106 GLU A CG  
360 C CD  . GLU A 43 ? 0.2443 0.2680 0.2266 -0.0369 -0.0451 -0.0275 106 GLU A CD  
361 O OE1 . GLU A 43 ? 0.2947 0.3041 0.2310 -0.0128 -0.0279 -0.0125 106 GLU A OE1 
362 O OE2 . GLU A 43 ? 0.2662 0.2882 0.2437 -0.0525 -0.0332 -0.0307 106 GLU A OE2 
369 N N   . ARG A 44 ? 0.2641 0.2345 0.2256 -0.0284 0.0178  -0.0459 107 ARG A N   
370 C CA  . ARG A 44 ? 0.2339 0.2478 0.2113 -0.0491 0.0064  -0.0365 107 ARG A CA  
371 C C   . ARG A 44 ? 0.3180 0.2365 0.1673 0.0006  0.0107  -0.0338 107 ARG A C   
372 O O   . ARG A 44 ? 0.3116 0.2627 0.1901 -0.0288 0.0063  -0.0547 107 ARG A O   
373 C CB  . ARG A 44 ? 0.3199 0.2586 0.2929 -0.0386 -0.0146 -0.0774 107 ARG A CB  
374 C CG  . ARG A 44 ? 0.3422 0.2864 0.4765 -0.0415 0.0085  -0.1452 107 ARG A CG  
375 C CD  . ARG A 44 ? 0.3966 0.4410 0.4986 0.0439  -0.0415 -0.1453 107 ARG A CD  
376 N NE  . ARG A 44 ? 0.4050 0.5094 0.4651 -0.0148 -0.0483 -0.1024 107 ARG A NE  
377 C CZ  . ARG A 44 ? 0.5034 0.3525 0.3675 -0.1115 -0.0412 -0.0260 107 ARG A CZ  
378 N NH1 . ARG A 44 ? 0.4292 0.4035 0.3923 -0.1046 -0.1293 -0.0026 107 ARG A NH1 
379 N NH2 . ARG A 44 ? 0.6509 0.2814 0.4014 -0.0500 0.0433  -0.0223 107 ARG A NH2 
393 N N   . LEU A 45 ? 0.2593 0.1888 0.2092 -0.0127 0.0148  -0.0248 108 LEU A N   
394 C CA  . LEU A 45 ? 0.2450 0.1948 0.2208 -0.0283 0.0118  -0.0318 108 LEU A CA  
395 C C   . LEU A 45 ? 0.1912 0.2201 0.2652 -0.0275 0.0139  -0.0292 108 LEU A C   
396 O O   . LEU A 45 ? 0.2473 0.2306 0.2647 -0.0117 0.0428  -0.0028 108 LEU A O   
397 C CB  . LEU A 45 ? 0.2435 0.2174 0.2393 -0.0325 -0.0028 -0.0162 108 LEU A CB  
398 C CG  . LEU A 45 ? 0.2380 0.2181 0.2769 -0.0261 0.0436  -0.0215 108 LEU A CG  
399 C CD1 . LEU A 45 ? 0.2961 0.2673 0.3377 0.0363  -0.0193 -0.0620 108 LEU A CD1 
400 C CD2 . LEU A 45 ? 0.2754 0.2822 0.2895 0.0068  0.0238  -0.0303 108 LEU A CD2 
412 N N   . GLN A 46 ? 0.2362 0.2012 0.2243 -0.0311 0.0233  -0.0336 109 GLN A N   
413 C CA  . GLN A 46 ? 0.2391 0.2139 0.2457 0.0007  0.0555  -0.0607 109 GLN A CA  
414 C C   . GLN A 46 ? 0.2509 0.1723 0.2497 -0.0309 0.0240  -0.0622 109 GLN A C   
415 O O   . GLN A 46 ? 0.2803 0.1874 0.2640 -0.0201 0.0138  -0.0109 109 GLN A O   
416 C CB  . GLN A 46 ? 0.3106 0.2008 0.2733 -0.0155 0.0669  -0.0699 109 GLN A CB  
417 C CG  . GLN A 46 ? 0.3414 0.2091 0.2961 -0.0298 0.0807  -0.0722 109 GLN A CG  
418 C CD  . GLN A 46 ? 0.3709 0.2527 0.3368 -0.0086 0.1197  -0.0643 109 GLN A CD  
419 O OE1 . GLN A 46 ? 0.3977 0.2654 0.3489 0.0323  0.1396  -0.0836 109 GLN A OE1 
420 N NE2 . GLN A 46 ? 0.4152 0.2642 0.4164 -0.0385 0.1568  -0.0796 109 GLN A NE2 
429 N N   . ILE A 47 ? 0.2539 0.1838 0.2148 -0.0280 0.0248  -0.0397 110 ILE A N   
430 C CA  . ILE A 47 ? 0.2293 0.1820 0.2171 0.0084  0.0286  -0.0337 110 ILE A CA  
431 C C   . ILE A 47 ? 0.2372 0.1718 0.3151 0.0266  0.0449  -0.0182 110 ILE A C   
432 O O   . ILE A 47 ? 0.2443 0.1770 0.3426 0.0145  0.0552  -0.0178 110 ILE A O   
433 C CB  . ILE A 47 ? 0.2606 0.1704 0.2486 -0.0178 0.0535  -0.0197 110 ILE A CB  
434 C CG1 . ILE A 47 ? 0.2937 0.2072 0.2135 -0.0248 0.0587  -0.0475 110 ILE A CG1 
435 C CG2 . ILE A 47 ? 0.2641 0.1609 0.2501 -0.0046 0.0278  -0.0230 110 ILE A CG2 
436 C CD1 . ILE A 47 ? 0.3007 0.2107 0.2454 -0.0409 0.0720  -0.0605 110 ILE A CD1 
448 N N   . VAL A 48 ? 0.2283 0.1906 0.2848 0.0184  0.0411  -0.0396 111 VAL A N   
449 C CA  . VAL A 48 ? 0.2329 0.2243 0.2611 0.0348  0.0473  -0.0547 111 VAL A CA  
450 C C   . VAL A 48 ? 0.2315 0.2182 0.2690 0.0000  0.0599  -0.0384 111 VAL A C   
451 O O   . VAL A 48 ? 0.2406 0.1962 0.2880 0.0182  0.0615  -0.0456 111 VAL A O   
452 C CB  . VAL A 48 ? 0.2539 0.2647 0.2593 -0.0010 0.0717  -0.0123 111 VAL A CB  
453 C CG1 . VAL A 48 ? 0.2768 0.3059 0.2948 0.0013  0.0980  0.0098  111 VAL A CG1 
454 C CG2 . VAL A 48 ? 0.2561 0.3391 0.3020 0.0079  0.0537  -0.0016 111 VAL A CG2 
464 N N   . GLY A 49 ? 0.2211 0.2489 0.3247 0.0131  0.0797  -0.0232 112 GLY A N   
465 C CA  . GLY A 49 ? 0.2183 0.2368 0.3097 0.0097  0.0834  -0.0267 112 GLY A CA  
466 C C   . GLY A 49 ? 0.2082 0.1867 0.3305 0.0027  0.0674  -0.0338 112 GLY A C   
467 O O   . GLY A 49 ? 0.2151 0.2125 0.3258 0.0105  0.0453  -0.0357 112 GLY A O   
471 N N   . TYR A 50 ? 0.2128 0.2013 0.3017 0.0181  0.0200  -0.0355 113 TYR A N   
472 C CA  . TYR A 50 ? 0.2353 0.1600 0.3111 -0.0014 0.0381  -0.0370 113 TYR A CA  
473 C C   . TYR A 50 ? 0.2263 0.2336 0.3469 0.0064  0.0130  -0.0307 113 TYR A C   
474 O O   . TYR A 50 ? 0.2204 0.2038 0.3144 -0.0049 0.0162  -0.0167 113 TYR A O   
475 C CB  . TYR A 50 ? 0.2461 0.2066 0.2886 0.0043  0.0004  -0.0146 113 TYR A CB  
476 C CG  . TYR A 50 ? 0.2592 0.1721 0.3058 -0.0219 0.0081  0.0134  113 TYR A CG  
477 C CD1 . TYR A 50 ? 0.2779 0.1926 0.2651 -0.0123 -0.0137 -0.0174 113 TYR A CD1 
478 C CD2 . TYR A 50 ? 0.2285 0.2000 0.3329 -0.0386 0.0198  0.0351  113 TYR A CD2 
479 C CE1 . TYR A 50 ? 0.2475 0.1964 0.3437 -0.0082 -0.0121 -0.0156 113 TYR A CE1 
480 C CE2 . TYR A 50 ? 0.2377 0.2185 0.3851 -0.0241 0.0187  0.0846  113 TYR A CE2 
481 C CZ  . TYR A 50 ? 0.2057 0.2268 0.3324 -0.0420 0.0059  -0.0139 113 TYR A CZ  
482 O OH  . TYR A 50 ? 0.2501 0.2432 0.3991 -0.0452 -0.0116 0.0481  113 TYR A OH  
492 N N   . ASN A 51 ? 0.2486 0.2482 0.3558 0.0303  -0.0152 -0.0529 114 ASN A N   
493 C CA  . ASN A 51 ? 0.2738 0.2680 0.4044 0.0683  -0.0258 -0.0861 114 ASN A CA  
494 C C   . ASN A 51 ? 0.2119 0.3285 0.4310 0.0416  0.0234  -0.0709 114 ASN A C   
495 O O   . ASN A 51 ? 0.2349 0.3314 0.4447 0.0377  -0.0018 -0.0633 114 ASN A O   
496 C CB  . ASN A 51 ? 0.2735 0.3186 0.6055 0.1172  -0.0411 -0.1160 114 ASN A CB  
497 C CG  . ASN A 51 ? 0.3277 0.5832 0.7629 0.1556  -0.0073 -0.0796 114 ASN A CG  
498 O OD1 . ASN A 51 ? 0.3462 0.6373 0.9561 0.1407  -0.0077 -0.0525 114 ASN A OD1 
499 N ND2 . ASN A 51 ? 0.3912 0.7751 0.7826 0.1834  0.0045  -0.0597 114 ASN A ND2 
506 N N   . HIS A 52 ? 0.1771 0.3033 0.3193 -0.0020 0.0384  -0.0852 115 HIS A N   
507 C CA  . HIS A 52 ? 0.1780 0.2985 0.3076 -0.0426 0.0416  -0.0685 115 HIS A CA  
508 C C   . HIS A 52 ? 0.1615 0.2409 0.3316 -0.0100 0.0250  -0.0393 115 HIS A C   
509 O O   . HIS A 52 ? 0.2237 0.2269 0.2973 -0.0139 0.0298  -0.0362 115 HIS A O   
510 C CB  . HIS A 52 ? 0.3044 0.3459 0.3104 -0.0837 0.0782  -0.0702 115 HIS A CB  
511 C CG  . HIS A 52 ? 0.3937 0.4349 0.3810 -0.1571 0.1239  -0.0791 115 HIS A CG  
512 N ND1 . HIS A 52 ? 0.4393 0.6256 0.3994 -0.1091 0.1651  -0.1073 115 HIS A ND1 
513 C CD2 . HIS A 52 ? 0.4400 0.5852 0.4188 -0.1327 0.1062  -0.1418 115 HIS A CD2 
514 C CE1 . HIS A 52 ? 0.4427 0.6876 0.3908 -0.1093 0.1531  -0.1338 115 HIS A CE1 
515 N NE2 . HIS A 52 ? 0.4200 0.6852 0.5217 -0.1037 0.1176  -0.1618 115 HIS A NE2 
524 N N   . GLY A 53 ? 0.1769 0.1825 0.3010 0.0111  0.0091  -0.0414 116 GLY A N   
525 C CA  . GLY A 53 ? 0.1897 0.1671 0.2659 0.0380  0.0027  -0.0071 116 GLY A CA  
526 C C   . GLY A 53 ? 0.1439 0.1659 0.2654 -0.0040 0.0255  0.0063  116 GLY A C   
527 O O   . GLY A 53 ? 0.2154 0.1891 0.2429 0.0239  0.0246  0.0130  116 GLY A O   
531 N N   . ASP A 54 ? 0.1498 0.2024 0.2269 0.0110  0.0348  -0.0032 117 ASP A N   
532 C CA  . ASP A 54 ? 0.1348 0.1722 0.2339 0.0025  0.0023  -0.0152 117 ASP A CA  
533 C C   . ASP A 54 ? 0.1299 0.1771 0.2058 -0.0399 0.0153  -0.0173 117 ASP A C   
534 O O   . ASP A 54 ? 0.1552 0.1620 0.2282 -0.0004 0.0057  -0.0043 117 ASP A O   
535 C CB  . ASP A 54 ? 0.1380 0.1738 0.2414 0.0009  0.0133  0.0168  117 ASP A CB  
536 C CG  . ASP A 54 ? 0.1657 0.3216 0.1963 0.0182  0.0150  0.0289  117 ASP A CG  
537 O OD1 . ASP A 54 ? 0.2212 0.2861 0.2590 -0.0397 -0.0016 -0.0351 117 ASP A OD1 
538 O OD2 . ASP A 54 ? 0.1877 0.3540 0.2213 0.0365  0.0060  0.0193  117 ASP A OD2 
543 N N   . TRP A 55 ? 0.1321 0.1730 0.2175 -0.0128 0.0133  -0.0010 118 TRP A N   
544 C CA  . TRP A 55 ? 0.1246 0.1804 0.1891 -0.0229 0.0114  -0.0099 118 TRP A CA  
545 C C   . TRP A 55 ? 0.1251 0.1995 0.1648 -0.0049 0.0002  -0.0198 118 TRP A C   
546 O O   . TRP A 55 ? 0.1335 0.1771 0.1935 -0.0065 0.0063  -0.0265 118 TRP A O   
547 C CB  . TRP A 55 ? 0.1329 0.1856 0.1853 -0.0115 0.0032  -0.0084 118 TRP A CB  
548 C CG  . TRP A 55 ? 0.1503 0.1584 0.1949 -0.0133 0.0396  -0.0112 118 TRP A CG  
549 C CD1 . TRP A 55 ? 0.1704 0.1736 0.2154 -0.0032 0.0322  -0.0150 118 TRP A CD1 
550 C CD2 . TRP A 55 ? 0.1411 0.1740 0.2162 -0.0129 0.0244  -0.0233 118 TRP A CD2 
551 N NE1 . TRP A 55 ? 0.2175 0.1721 0.2350 0.0217  0.0494  -0.0093 118 TRP A NE1 
552 C CE2 . TRP A 55 ? 0.2099 0.1627 0.2222 -0.0151 0.0568  -0.0101 118 TRP A CE2 
553 C CE3 . TRP A 55 ? 0.1803 0.1776 0.2082 -0.0087 0.0270  -0.0053 118 TRP A CE3 
554 C CZ2 . TRP A 55 ? 0.2194 0.2138 0.2579 -0.0020 0.0842  -0.0104 118 TRP A CZ2 
555 C CZ3 . TRP A 55 ? 0.2126 0.1996 0.2258 -0.0027 0.0332  0.0026  118 TRP A CZ3 
556 C CH2 . TRP A 55 ? 0.2092 0.2266 0.2313 -0.0288 0.0740  -0.0059 118 TRP A CH2 
567 N N   . TRP A 56 ? 0.1768 0.1441 0.2012 -0.0032 -0.0049 -0.0206 119 TRP A N   
568 C CA  . TRP A 56 ? 0.1942 0.1521 0.1926 -0.0015 -0.0051 -0.0255 119 TRP A CA  
569 C C   . TRP A 56 ? 0.1171 0.1945 0.2343 -0.0070 -0.0061 -0.0340 119 TRP A C   
570 O O   . TRP A 56 ? 0.1540 0.1756 0.2254 0.0263  0.0145  -0.0045 119 TRP A O   
571 C CB  . TRP A 56 ? 0.1927 0.1815 0.1964 -0.0020 0.0139  -0.0357 119 TRP A CB  
572 C CG  . TRP A 56 ? 0.2010 0.1808 0.1629 -0.0245 0.0009  -0.0133 119 TRP A CG  
573 C CD1 . TRP A 56 ? 0.1899 0.2314 0.2259 -0.0052 -0.0347 -0.0499 119 TRP A CD1 
574 C CD2 . TRP A 56 ? 0.1892 0.1707 0.1695 -0.0048 -0.0105 -0.0181 119 TRP A CD2 
575 N NE1 . TRP A 56 ? 0.1861 0.2582 0.2070 0.0160  -0.0310 -0.0036 119 TRP A NE1 
576 C CE2 . TRP A 56 ? 0.1845 0.1781 0.1944 -0.0202 -0.0313 -0.0305 119 TRP A CE2 
577 C CE3 . TRP A 56 ? 0.2015 0.2239 0.1929 0.0130  -0.0074 -0.0189 119 TRP A CE3 
578 C CZ2 . TRP A 56 ? 0.2449 0.1890 0.2126 -0.0067 0.0061  0.0157  119 TRP A CZ2 
579 C CZ3 . TRP A 56 ? 0.2264 0.2517 0.1748 -0.0006 0.0142  -0.0390 119 TRP A CZ3 
580 C CH2 . TRP A 56 ? 0.2534 0.2255 0.1888 -0.0403 0.0149  -0.0113 119 TRP A CH2 
591 N N   . LEU A 57 ? 0.1575 0.1966 0.2067 -0.0124 -0.0097 -0.0047 120 LEU A N   
592 C CA  . LEU A 57 ? 0.1924 0.1893 0.1997 0.0170  -0.0056 -0.0145 120 LEU A CA  
593 C C   . LEU A 57 ? 0.1838 0.2325 0.2091 0.0250  -0.0053 -0.0006 120 LEU A C   
594 O O   . LEU A 57 ? 0.2111 0.1906 0.2466 0.0111  0.0104  -0.0200 120 LEU A O   
595 C CB  . LEU A 57 ? 0.1961 0.2145 0.1992 0.0437  -0.0202 -0.0234 120 LEU A CB  
596 C CG  . LEU A 57 ? 0.2308 0.2271 0.2890 0.0770  -0.0360 -0.0325 120 LEU A CG  
597 C CD1 . LEU A 57 ? 0.2127 0.2089 0.2678 0.0408  -0.0276 -0.0154 120 LEU A CD1 
598 C CD2 . LEU A 57 ? 0.2462 0.3137 0.3016 0.0932  -0.0547 -0.0134 120 LEU A CD2 
610 N N   . ALA A 58 ? 0.2169 0.2069 0.1976 0.0356  -0.0220 -0.0207 121 ALA A N   
611 C CA  . ALA A 58 ? 0.2111 0.1760 0.2404 0.0210  -0.0173 -0.0326 121 ALA A CA  
612 C C   . ALA A 58 ? 0.2485 0.1770 0.2371 0.0077  -0.0411 0.0031  121 ALA A C   
613 O O   . ALA A 58 ? 0.3152 0.1707 0.2559 0.0196  -0.0344 -0.0064 121 ALA A O   
614 C CB  . ALA A 58 ? 0.2408 0.1882 0.2226 0.0045  -0.0388 -0.0236 121 ALA A CB  
620 N N   . HIS A 59 ? 0.2622 0.1696 0.2338 -0.0109 -0.0129 -0.0209 122 HIS A N   
621 C CA  . HIS A 59 ? 0.2324 0.1732 0.2820 -0.0090 -0.0272 -0.0139 122 HIS A CA  
622 C C   . HIS A 59 ? 0.2737 0.1650 0.2389 0.0197  -0.0304 0.0139  122 HIS A C   
623 O O   . HIS A 59 ? 0.2638 0.1834 0.2780 0.0204  -0.0506 -0.0132 122 HIS A O   
624 C CB  . HIS A 59 ? 0.2869 0.1855 0.2680 0.0277  -0.0588 -0.0567 122 HIS A CB  
625 C CG  . HIS A 59 ? 0.3228 0.2174 0.3212 0.0758  -0.0637 -0.0074 122 HIS A CG  
626 N ND1 . HIS A 59 ? 0.3956 0.2492 0.4071 0.0970  -0.0065 0.0134  122 HIS A ND1 
627 C CD2 . HIS A 59 ? 0.3735 0.1647 0.4180 0.0824  -0.1030 -0.0659 122 HIS A CD2 
628 C CE1 . HIS A 59 ? 0.3721 0.2395 0.4492 0.0824  0.0092  0.0162  122 HIS A CE1 
629 N NE2 . HIS A 59 ? 0.3470 0.1764 0.5131 0.0876  -0.0641 -0.0136 122 HIS A NE2 
638 N N   . SER A 60 ? 0.2628 0.1815 0.2326 0.0148  -0.0532 -0.0367 123 SER A N   
639 C CA  . SER A 60 ? 0.2779 0.1628 0.2892 0.0172  -0.0393 -0.0095 123 SER A CA  
640 C C   . SER A 60 ? 0.2978 0.1592 0.2933 0.0074  -0.0460 -0.0047 123 SER A C   
641 O O   . SER A 60 ? 0.3385 0.1703 0.3316 0.0114  -0.0660 0.0067  123 SER A O   
642 C CB  . SER A 60 ? 0.2797 0.1492 0.2858 -0.0165 -0.0296 0.0088  123 SER A CB  
643 O OG  . SER A 60 ? 0.2778 0.1607 0.3047 -0.0274 -0.0233 0.0172  123 SER A OG  
649 N N   . LEU A 61 ? 0.3363 0.1879 0.2668 0.0107  -0.0654 -0.0322 124 LEU A N   
650 C CA  . LEU A 61 ? 0.3567 0.1469 0.3224 0.0336  -0.0777 -0.0746 124 LEU A CA  
651 C C   . LEU A 61 ? 0.3483 0.1709 0.3670 0.0301  -0.0292 0.0082  124 LEU A C   
652 O O   . LEU A 61 ? 0.4058 0.1818 0.4668 0.0277  0.0065  -0.0020 124 LEU A O   
653 C CB  . LEU A 61 ? 0.3485 0.2149 0.3295 0.0207  -0.0939 -0.0546 124 LEU A CB  
654 C CG  . LEU A 61 ? 0.3429 0.2561 0.3655 -0.0097 -0.0760 -0.0645 124 LEU A CG  
655 C CD1 . LEU A 61 ? 0.3545 0.2997 0.3735 0.0241  -0.1034 -0.1257 124 LEU A CD1 
656 C CD2 . LEU A 61 ? 0.3772 0.3266 0.4134 -0.0190 -0.0388 0.0295  124 LEU A CD2 
668 N N   . THR A 62 ? 0.3303 0.1302 0.4220 -0.0068 -0.0515 -0.0207 125 THR A N   
669 C CA  . THR A 62 ? 0.3763 0.1651 0.4083 -0.0141 -0.0592 0.0262  125 THR A CA  
670 C C   . THR A 62 ? 0.3689 0.1671 0.3790 -0.0404 -0.0889 -0.0160 125 THR A C   
671 O O   . THR A 62 ? 0.4207 0.1762 0.4540 -0.0519 -0.0493 0.0182  125 THR A O   
672 C CB  . THR A 62 ? 0.3669 0.1937 0.4199 -0.0261 -0.0660 0.0127  125 THR A CB  
673 O OG1 . THR A 62 ? 0.3163 0.2159 0.4329 -0.0138 -0.0442 0.0263  125 THR A OG1 
674 C CG2 . THR A 62 ? 0.3560 0.1821 0.4688 -0.0633 -0.0371 0.0813  125 THR A CG2 
682 N N   . THR A 63 ? 0.3418 0.1477 0.3866 -0.0327 -0.0647 0.0546  126 THR A N   
683 C CA  . THR A 63 ? 0.3336 0.1512 0.3888 -0.0496 -0.0507 0.0453  126 THR A CA  
684 C C   . THR A 63 ? 0.3878 0.1510 0.3789 0.0026  -0.0674 0.0311  126 THR A C   
685 O O   . THR A 63 ? 0.4030 0.2172 0.4028 -0.0087 -0.0677 0.0879  126 THR A O   
686 C CB  . THR A 63 ? 0.3074 0.2084 0.3790 -0.0419 -0.0566 0.0622  126 THR A CB  
687 O OG1 . THR A 63 ? 0.3125 0.1916 0.3279 -0.0370 -0.0459 0.0309  126 THR A OG1 
688 C CG2 . THR A 63 ? 0.2705 0.2555 0.4001 -0.0641 -0.0203 0.0672  126 THR A CG2 
696 N N   . GLY A 64 ? 0.3498 0.1790 0.3667 0.0233  -0.0523 0.0503  127 GLY A N   
697 C CA  . GLY A 64 ? 0.3441 0.1715 0.3867 0.0312  -0.0780 0.0095  127 GLY A CA  
698 C C   . GLY A 64 ? 0.3672 0.1382 0.3775 0.0189  -0.0402 0.0053  127 GLY A C   
699 O O   . GLY A 64 ? 0.3353 0.2326 0.4127 0.0126  -0.0493 -0.0179 127 GLY A O   
703 N N   . ARG A 65 ? 0.3390 0.1681 0.3284 0.0091  -0.0629 0.0198  128 ARG A N   
704 C CA  . ARG A 65 ? 0.3511 0.1686 0.2862 0.0376  -0.0642 0.0416  128 ARG A CA  
705 C C   . ARG A 65 ? 0.2941 0.1582 0.2641 0.0363  -0.0778 -0.0069 128 ARG A C   
706 O O   . ARG A 65 ? 0.3055 0.1927 0.2630 0.0129  -0.0527 -0.0117 128 ARG A O   
707 C CB  . ARG A 65 ? 0.3266 0.1785 0.3333 -0.0020 -0.0835 0.0315  128 ARG A CB  
708 C CG  . ARG A 65 ? 0.3487 0.1893 0.3163 -0.0221 -0.0441 0.0723  128 ARG A CG  
709 C CD  . ARG A 65 ? 0.4100 0.2756 0.3243 -0.0162 -0.0044 0.1173  128 ARG A CD  
710 N NE  . ARG A 65 ? 0.4420 0.3310 0.3079 -0.0191 -0.0059 0.0504  128 ARG A NE  
711 C CZ  . ARG A 65 ? 0.4473 0.2973 0.3340 -0.0301 0.0131  0.0837  128 ARG A CZ  
712 N NH1 . ARG A 65 ? 0.4837 0.3337 0.3059 -0.0232 -0.0118 0.0252  128 ARG A NH1 
713 N NH2 . ARG A 65 ? 0.4393 0.3064 0.3083 0.0057  -0.0019 0.0551  128 ARG A NH2 
727 N N   . THR A 66 ? 0.2836 0.1794 0.2592 0.0143  -0.0726 -0.0121 129 THR A N   
728 C CA  . THR A 66 ? 0.2739 0.1617 0.2843 0.0069  -0.0392 -0.0067 129 THR A CA  
729 C C   . THR A 66 ? 0.2510 0.2012 0.2353 -0.0013 -0.0588 0.0076  129 THR A C   
730 O O   . THR A 66 ? 0.3117 0.2007 0.2516 -0.0175 -0.0678 0.0257  129 THR A O   
731 C CB  . THR A 66 ? 0.2588 0.1940 0.3201 0.0568  -0.0528 0.0076  129 THR A CB  
732 O OG1 . THR A 66 ? 0.2994 0.2226 0.4187 0.0698  -0.0247 -0.0208 129 THR A OG1 
733 C CG2 . THR A 66 ? 0.2983 0.2164 0.3594 0.0541  -0.0293 0.0033  129 THR A CG2 
741 N N   . GLY A 67 ? 0.2330 0.1812 0.2141 0.0073  -0.0338 0.0000  130 GLY A N   
742 C CA  . GLY A 67 ? 0.2065 0.1748 0.2383 0.0205  -0.0009 0.0017  130 GLY A CA  
743 C C   . GLY A 67 ? 0.1819 0.1663 0.2204 0.0149  -0.0104 -0.0153 130 GLY A C   
744 O O   . GLY A 67 ? 0.2075 0.1713 0.2106 -0.0014 -0.0124 -0.0147 130 GLY A O   
748 N N   . TYR A 68 ? 0.1807 0.1571 0.2029 0.0050  -0.0121 -0.0230 131 TYR A N   
749 C CA  . TYR A 68 ? 0.1666 0.1493 0.2218 -0.0026 0.0083  0.0016  131 TYR A CA  
750 C C   . TYR A 68 ? 0.1711 0.1664 0.2038 0.0089  0.0130  -0.0167 131 TYR A C   
751 O O   . TYR A 68 ? 0.1751 0.1977 0.2153 -0.0060 0.0112  -0.0069 131 TYR A O   
752 C CB  . TYR A 68 ? 0.1827 0.1731 0.2121 -0.0186 0.0016  -0.0125 131 TYR A CB  
753 C CG  . TYR A 68 ? 0.1575 0.1592 0.2480 -0.0082 -0.0140 -0.0351 131 TYR A CG  
754 C CD1 . TYR A 68 ? 0.1809 0.1918 0.2110 -0.0101 0.0065  -0.0015 131 TYR A CD1 
755 C CD2 . TYR A 68 ? 0.1711 0.1826 0.2268 -0.0397 -0.0199 -0.0184 131 TYR A CD2 
756 C CE1 . TYR A 68 ? 0.1891 0.2324 0.2060 -0.0194 0.0048  -0.0042 131 TYR A CE1 
757 C CE2 . TYR A 68 ? 0.1986 0.1897 0.2195 -0.0482 -0.0390 -0.0047 131 TYR A CE2 
758 C CZ  . TYR A 68 ? 0.1873 0.1958 0.2875 -0.0237 -0.0025 -0.0111 131 TYR A CZ  
759 O OH  . TYR A 68 ? 0.1683 0.2857 0.3235 -0.0190 -0.0414 -0.0535 131 TYR A OH  
769 N N   . ILE A 69 ? 0.1643 0.1691 0.1811 -0.0047 0.0142  -0.0072 132 ILE A N   
770 C CA  . ILE A 69 ? 0.1452 0.1830 0.2129 -0.0067 0.0007  -0.0180 132 ILE A CA  
771 C C   . ILE A 69 ? 0.1422 0.1516 0.2111 -0.0157 0.0023  -0.0284 132 ILE A C   
772 O O   . ILE A 69 ? 0.1314 0.1748 0.2364 -0.0085 -0.0083 -0.0053 132 ILE A O   
773 C CB  . ILE A 69 ? 0.1834 0.1500 0.2347 -0.0117 0.0141  0.0143  132 ILE A CB  
774 C CG1 . ILE A 69 ? 0.2034 0.1882 0.2406 -0.0149 -0.0334 -0.0120 132 ILE A CG1 
775 C CG2 . ILE A 69 ? 0.1755 0.1656 0.2502 -0.0197 0.0078  -0.0326 132 ILE A CG2 
776 C CD1 . ILE A 69 ? 0.2289 0.2064 0.2469 -0.0048 -0.0427 -0.0019 132 ILE A CD1 
788 N N   . PRO A 70 ? 0.1417 0.1612 0.2430 -0.0068 0.0080  -0.0142 133 PRO A N   
789 C CA  . PRO A 70 ? 0.1790 0.1460 0.2510 -0.0093 0.0114  -0.0140 133 PRO A CA  
790 C C   . PRO A 70 ? 0.1529 0.1568 0.2791 -0.0098 0.0237  0.0155  133 PRO A C   
791 O O   . PRO A 70 ? 0.1632 0.1766 0.2823 -0.0128 -0.0132 0.0057  133 PRO A O   
792 C CB  . PRO A 70 ? 0.1925 0.2017 0.2660 0.0008  0.0148  -0.0218 133 PRO A CB  
793 C CG  . PRO A 70 ? 0.1897 0.3003 0.2906 0.0615  0.0422  -0.0173 133 PRO A CG  
794 C CD  . PRO A 70 ? 0.1560 0.1699 0.2681 -0.0192 0.0325  -0.0260 133 PRO A CD  
802 N N   . SER A 71 ? 0.1610 0.1542 0.2748 -0.0216 0.0167  -0.0304 134 SER A N   
803 C CA  A SER A 71 ? 0.1952 0.1258 0.2333 -0.0480 0.0376  -0.0433 134 SER A CA  
804 C CA  C SER A 71 ? 0.2346 0.1540 0.3162 -0.0017 0.0373  0.0429  134 SER A CA  
805 C C   . SER A 71 ? 0.2127 0.1491 0.2762 -0.0152 0.0280  -0.0148 134 SER A C   
806 O O   . SER A 71 ? 0.2211 0.1718 0.2516 0.0008  0.0158  -0.0219 134 SER A O   
807 C CB  A SER A 71 ? 0.2785 0.1157 0.2728 -0.0422 0.0447  -0.0685 134 SER A CB  
808 C CB  C SER A 71 ? 0.3477 0.1488 0.4184 0.0498  -0.0093 0.0800  134 SER A CB  
809 O OG  A SER A 71 ? 0.1934 0.2103 0.2896 -0.0148 0.0380  -0.0140 134 SER A OG  
810 O OG  C SER A 71 ? 0.3900 0.2795 0.5041 0.0352  0.0199  0.0860  134 SER A OG  
819 N N   . ASN A 72 ? 0.2152 0.1707 0.2153 -0.0011 0.0033  -0.0313 135 ASN A N   
820 C CA  . ASN A 72 ? 0.2096 0.1943 0.2507 0.0288  -0.0409 0.0017  135 ASN A CA  
821 C C   . ASN A 72 ? 0.2262 0.2143 0.2070 -0.0001 -0.0090 -0.0157 135 ASN A C   
822 O O   . ASN A 72 ? 0.1958 0.2529 0.2799 0.0310  -0.0435 -0.0189 135 ASN A O   
823 C CB  . ASN A 72 ? 0.2719 0.1969 0.3155 0.0557  -0.0245 0.0087  135 ASN A CB  
824 C CG  . ASN A 72 ? 0.2739 0.2082 0.4070 0.0591  -0.0411 -0.0082 135 ASN A CG  
825 O OD1 . ASN A 72 ? 0.2330 0.2068 0.3852 -0.0168 0.0156  0.0014  135 ASN A OD1 
826 N ND2 . ASN A 72 ? 0.4708 0.2946 0.4456 0.1431  -0.1105 -0.0552 135 ASN A ND2 
833 N N   . TYR A 73 ? 0.1676 0.1762 0.2242 0.0031  -0.0244 -0.0236 136 TYR A N   
834 C CA  . TYR A 73 ? 0.1648 0.2113 0.2296 -0.0230 -0.0046 -0.0344 136 TYR A CA  
835 C C   . TYR A 73 ? 0.1720 0.2162 0.2131 -0.0083 0.0111  -0.0516 136 TYR A C   
836 O O   . TYR A 73 ? 0.1806 0.2295 0.2868 -0.0507 0.0237  -0.0340 136 TYR A O   
837 C CB  . TYR A 73 ? 0.1727 0.2067 0.2517 -0.0367 -0.0193 -0.0437 136 TYR A CB  
838 C CG  . TYR A 73 ? 0.1751 0.1822 0.2380 -0.0148 -0.0255 -0.0293 136 TYR A CG  
839 C CD1 . TYR A 73 ? 0.2348 0.2161 0.2108 -0.0159 0.0479  -0.0455 136 TYR A CD1 
840 C CD2 . TYR A 73 ? 0.1766 0.2073 0.2697 -0.0128 0.0228  0.0206  136 TYR A CD2 
841 C CE1 . TYR A 73 ? 0.3159 0.1836 0.2283 -0.0046 0.0595  -0.0275 136 TYR A CE1 
842 C CE2 . TYR A 73 ? 0.2269 0.2546 0.2272 -0.0173 0.0076  0.0339  136 TYR A CE2 
843 C CZ  . TYR A 73 ? 0.2756 0.2735 0.2330 0.0176  0.0548  0.0039  136 TYR A CZ  
844 O OH  . TYR A 73 ? 0.3616 0.3093 0.2861 0.0488  0.0630  -0.0308 136 TYR A OH  
854 N N   . VAL A 74 ? 0.1849 0.1574 0.2309 -0.0041 -0.0104 -0.0371 137 VAL A N   
855 C CA  . VAL A 74 ? 0.1320 0.1916 0.2340 -0.0135 -0.0208 -0.0181 137 VAL A CA  
856 C C   . VAL A 74 ? 0.2221 0.1783 0.1974 0.0005  -0.0362 -0.0148 137 VAL A C   
857 O O   . VAL A 74 ? 0.2831 0.1774 0.2196 -0.0278 -0.0496 -0.0053 137 VAL A O   
858 C CB  . VAL A 74 ? 0.1721 0.2065 0.2382 -0.0248 -0.0062 -0.0217 137 VAL A CB  
859 C CG1 . VAL A 74 ? 0.2060 0.2506 0.2530 -0.0283 -0.0180 0.0149  137 VAL A CG1 
860 C CG2 . VAL A 74 ? 0.1845 0.2321 0.2649 0.0135  0.0033  0.0062  137 VAL A CG2 
870 N N   . ALA A 75 ? 0.2416 0.1817 0.2093 -0.0259 -0.0149 -0.0376 138 ALA A N   
871 C CA  . ALA A 75 ? 0.2001 0.1944 0.2005 -0.0114 -0.0101 -0.0552 138 ALA A CA  
872 C C   . ALA A 75 ? 0.1965 0.1973 0.1844 -0.0374 -0.0223 -0.0422 138 ALA A C   
873 O O   . ALA A 75 ? 0.2255 0.1773 0.2166 -0.0203 -0.0080 -0.0073 138 ALA A O   
874 C CB  . ALA A 75 ? 0.2209 0.2412 0.1931 0.0139  -0.0140 -0.0012 138 ALA A CB  
880 N N   . PRO A 76 ? 0.2038 0.1587 0.2110 -0.0279 -0.0181 -0.0312 139 PRO A N   
881 C CA  . PRO A 76 ? 0.1970 0.1700 0.2349 -0.0270 -0.0083 -0.0295 139 PRO A CA  
882 C C   . PRO A 76 ? 0.2440 0.1755 0.2245 -0.0170 -0.0157 -0.0138 139 PRO A C   
883 O O   . PRO A 76 ? 0.1987 0.2207 0.3033 -0.0377 -0.0038 -0.0416 139 PRO A O   
884 C CB  . PRO A 76 ? 0.2088 0.1913 0.2281 -0.0391 0.0270  -0.0345 139 PRO A CB  
885 C CG  . PRO A 76 ? 0.2488 0.2075 0.2533 -0.0152 -0.0050 -0.0468 139 PRO A CG  
886 C CD  . PRO A 76 ? 0.2128 0.1842 0.2440 -0.0433 -0.0078 -0.0126 139 PRO A CD  
894 N N   . SER A 77 ? 0.2012 0.2004 0.2422 -0.0326 -0.0432 -0.0322 140 SER A N   
895 C CA  . SER A 77 ? 0.2453 0.2067 0.2852 -0.0463 -0.0408 -0.0588 140 SER A CA  
896 C C   . SER A 77 ? 0.3978 0.2323 0.2099 -0.0826 -0.0050 0.0028  140 SER A C   
897 O O   . SER A 77 ? 0.4885 0.1997 0.2991 -0.0228 0.0819  -0.0473 140 SER A O   
898 C CB  . SER A 77 ? 0.3532 0.2393 0.2448 -0.0900 0.0438  -0.0558 140 SER A CB  
899 O OG  . SER A 77 ? 0.3835 0.2727 0.3187 -0.0604 0.0567  -0.0454 140 SER A OG  
905 N N   . ASP A 78 ? 0.5601 0.2167 0.3325 -0.0941 0.0033  -0.0161 141 ASP A N   
906 C CA  . ASP A 78 ? 0.7468 0.2292 0.3347 -0.0846 0.0459  -0.0436 141 ASP A CA  
907 C C   . ASP A 78 ? 0.8720 0.3656 0.3420 0.0170  0.0691  -0.0002 141 ASP A C   
908 O O   . ASP A 78 ? 0.9855 0.3780 0.3184 0.1200  0.1101  0.0409  141 ASP A O   
909 C CB  . ASP A 78 ? 0.7066 0.3160 0.3784 -0.1063 0.0541  -0.0733 141 ASP A CB  
910 C CG  . ASP A 78 ? 0.5465 0.4683 0.5239 -0.0916 0.0962  0.0603  141 ASP A CG  
911 O OD1 . ASP A 78 ? 0.5058 0.6168 0.5425 -0.0958 0.0497  0.0177  141 ASP A OD1 
912 O OD2 . ASP A 78 ? 0.4711 0.4440 0.6293 -0.0362 0.1087  0.1448  141 ASP A OD2 
917 C C1  . PGE B .  ? 0.5456 0.5679 0.6471 -0.0321 0.0155  0.0646  301 PGE A C1  
918 O O1  . PGE B .  ? 0.6493 0.6065 0.7189 0.0277  0.0387  0.0604  301 PGE A O1  
919 C C2  . PGE B .  ? 0.4195 0.6040 0.6474 -0.0150 -0.0549 -0.0222 301 PGE A C2  
920 O O2  . PGE B .  ? 0.3823 0.6229 0.6281 0.0181  -0.0715 -0.0380 301 PGE A O2  
921 C C3  . PGE B .  ? 0.4679 0.5994 0.6193 -0.0207 -0.0320 0.0019  301 PGE A C3  
922 C C4  . PGE B .  ? 0.5098 0.6220 0.6676 -0.0628 0.0401  0.0973  301 PGE A C4  
923 O O4  . PGE B .  ? 0.5245 0.7184 0.7491 0.0939  0.0302  0.0784  301 PGE A O4  
924 C C6  . PGE B .  ? 0.4710 0.7182 0.7873 0.0079  0.0709  0.1449  301 PGE A C6  
925 C C5  . PGE B .  ? 0.4654 0.7276 0.7677 -0.0673 0.0968  0.1947  301 PGE A C5  
926 O O3  . PGE B .  ? 0.5061 0.7257 0.7225 -0.0556 0.0816  0.1750  301 PGE A O3  
# 
loop_
_pdbx_poly_seq_scheme.asym_id 
_pdbx_poly_seq_scheme.entity_id 
_pdbx_poly_seq_scheme.seq_id 
_pdbx_poly_seq_scheme.mon_id 
_pdbx_poly_seq_scheme.ndb_seq_num 
_pdbx_poly_seq_scheme.pdb_seq_num 
_pdbx_poly_seq_scheme.auth_seq_num 
_pdbx_poly_seq_scheme.pdb_mon_id 
_pdbx_poly_seq_scheme.auth_mon_id 
_pdbx_poly_seq_scheme.pdb_strand_id 
_pdbx_poly_seq_scheme.pdb_ins_code 
_pdbx_poly_seq_scheme.hetero 
A 1 1  MET 1  64  ?   ?   ?   A . n 
A 1 2  GLY 2  65  ?   ?   ?   A . n 
A 1 3  SER 3  66  ?   ?   ?   A . n 
A 1 4  SER 4  67  ?   ?   ?   A . n 
A 1 5  HIS 5  68  ?   ?   ?   A . n 
A 1 6  HIS 6  69  ?   ?   ?   A . n 
A 1 7  HIS 7  70  ?   ?   ?   A . n 
A 1 8  HIS 8  71  ?   ?   ?   A . n 
A 1 9  HIS 9  72  ?   ?   ?   A . n 
A 1 10 HIS 10 73  ?   ?   ?   A . n 
A 1 11 SER 11 74  ?   ?   ?   A . n 
A 1 12 SER 12 75  ?   ?   ?   A . n 
A 1 13 GLY 13 76  ?   ?   ?   A . n 
A 1 14 LEU 14 77  ?   ?   ?   A . n 
A 1 15 VAL 15 78  ?   ?   ?   A . n 
A 1 16 PRO 16 79  ?   ?   ?   A . n 
A 1 17 ARG 17 80  ?   ?   ?   A . n 
A 1 18 GLY 18 81  ?   ?   ?   A . n 
A 1 19 SER 19 82  ?   ?   ?   A . n 
A 1 20 HIS 20 83  83  HIS HIS A . n 
A 1 21 MET 21 84  84  MET MET A . n 
A 1 22 THR 22 85  85  THR THR A . n 
A 1 23 PHE 23 86  86  PHE PHE A . n 
A 1 24 VAL 24 87  87  VAL VAL A . n 
A 1 25 ALA 25 88  88  ALA ALA A . n 
A 1 26 LEU 26 89  89  LEU LEU A . n 
A 1 27 TYR 27 90  90  TYR TYR A . n 
A 1 28 ASP 28 91  91  ASP ASP A . n 
A 1 29 TYR 29 92  92  TYR TYR A . n 
A 1 30 VAL 30 93  93  VAL VAL A . n 
A 1 31 ALA 31 94  94  ALA ALA A . n 
A 1 32 SER 32 95  95  SER SER A . n 
A 1 33 GLY 33 96  96  GLY GLY A . n 
A 1 34 GLU 34 97  97  GLU GLU A . n 
A 1 35 THR 35 98  98  THR THR A . n 
A 1 36 ASP 36 99  99  ASP ASP A . n 
A 1 37 LEU 37 100 100 LEU LEU A . n 
A 1 38 SER 38 101 101 SER SER A . n 
A 1 39 PHE 39 102 102 PHE PHE A . n 
A 1 40 LYS 40 103 103 LYS LYS A . n 
A 1 41 LYS 41 104 104 LYS LYS A . n 
A 1 42 GLY 42 105 105 GLY GLY A . n 
A 1 43 GLU 43 106 106 GLU GLU A . n 
A 1 44 ARG 44 107 107 ARG ARG A . n 
A 1 45 LEU 45 108 108 LEU LEU A . n 
A 1 46 GLN 46 109 109 GLN GLN A . n 
A 1 47 ILE 47 110 110 ILE ILE A . n 
A 1 48 VAL 48 111 111 VAL VAL A . n 
A 1 49 GLY 49 112 112 GLY GLY A . n 
A 1 50 TYR 50 113 113 TYR TYR A . n 
A 1 51 ASN 51 114 114 ASN ASN A . n 
A 1 52 HIS 52 115 115 HIS HIS A . n 
A 1 53 GLY 53 116 116 GLY GLY A . n 
A 1 54 ASP 54 117 117 ASP ASP A . n 
A 1 55 TRP 55 118 118 TRP TRP A . n 
A 1 56 TRP 56 119 119 TRP TRP A . n 
A 1 57 LEU 57 120 120 LEU LEU A . n 
A 1 58 ALA 58 121 121 ALA ALA A . n 
A 1 59 HIS 59 122 122 HIS HIS A . n 
A 1 60 SER 60 123 123 SER SER A . n 
A 1 61 LEU 61 124 124 LEU LEU A . n 
A 1 62 THR 62 125 125 THR THR A . n 
A 1 63 THR 63 126 126 THR THR A . n 
A 1 64 GLY 64 127 127 GLY GLY A . n 
A 1 65 ARG 65 128 128 ARG ARG A . n 
A 1 66 THR 66 129 129 THR THR A . n 
A 1 67 GLY 67 130 130 GLY GLY A . n 
A 1 68 TYR 68 131 131 TYR TYR A . n 
A 1 69 ILE 69 132 132 ILE ILE A . n 
A 1 70 PRO 70 133 133 PRO PRO A . n 
A 1 71 SER 71 134 134 SER SER A . n 
A 1 72 ASN 72 135 135 ASN ASN A . n 
A 1 73 TYR 73 136 136 TYR TYR A . n 
A 1 74 VAL 74 137 137 VAL VAL A . n 
A 1 75 ALA 75 138 138 ALA ALA A . n 
A 1 76 PRO 76 139 139 PRO PRO A . n 
A 1 77 SER 77 140 140 SER SER A . n 
A 1 78 ASP 78 141 141 ASP ASP A . n 
# 
loop_
_pdbx_nonpoly_scheme.asym_id 
_pdbx_nonpoly_scheme.entity_id 
_pdbx_nonpoly_scheme.mon_id 
_pdbx_nonpoly_scheme.ndb_seq_num 
_pdbx_nonpoly_scheme.pdb_seq_num 
_pdbx_nonpoly_scheme.auth_seq_num 
_pdbx_nonpoly_scheme.pdb_mon_id 
_pdbx_nonpoly_scheme.auth_mon_id 
_pdbx_nonpoly_scheme.pdb_strand_id 
_pdbx_nonpoly_scheme.pdb_ins_code 
B 2 PGE 1  301 1  PGE PGE A . 
C 3 HOH 1  401 1  HOH HOH A . 
C 3 HOH 2  402 2  HOH HOH A . 
C 3 HOH 3  403 3  HOH HOH A . 
C 3 HOH 4  404 4  HOH HOH A . 
C 3 HOH 5  405 5  HOH HOH A . 
C 3 HOH 6  406 6  HOH HOH A . 
C 3 HOH 7  407 7  HOH HOH A . 
C 3 HOH 8  408 8  HOH HOH A . 
C 3 HOH 9  409 9  HOH HOH A . 
C 3 HOH 10 410 10 HOH HOH A . 
C 3 HOH 11 411 11 HOH HOH A . 
C 3 HOH 12 412 12 HOH HOH A . 
C 3 HOH 13 413 13 HOH HOH A . 
C 3 HOH 14 414 14 HOH HOH A . 
C 3 HOH 15 415 15 HOH HOH A . 
C 3 HOH 16 416 16 HOH HOH A . 
C 3 HOH 17 417 17 HOH HOH A . 
C 3 HOH 18 418 18 HOH HOH A . 
C 3 HOH 19 419 19 HOH HOH A . 
C 3 HOH 20 420 20 HOH HOH A . 
C 3 HOH 21 421 21 HOH HOH A . 
C 3 HOH 22 422 22 HOH HOH A . 
C 3 HOH 23 423 23 HOH HOH A . 
C 3 HOH 24 424 24 HOH HOH A . 
C 3 HOH 25 425 25 HOH HOH A . 
C 3 HOH 26 426 26 HOH HOH A . 
C 3 HOH 27 427 27 HOH HOH A . 
C 3 HOH 28 428 28 HOH HOH A . 
C 3 HOH 29 429 29 HOH HOH A . 
C 3 HOH 30 430 30 HOH HOH A . 
C 3 HOH 31 431 31 HOH HOH A . 
C 3 HOH 32 432 32 HOH HOH A . 
C 3 HOH 33 433 33 HOH HOH A . 
C 3 HOH 34 434 34 HOH HOH A . 
C 3 HOH 35 435 35 HOH HOH A . 
C 3 HOH 36 436 36 HOH HOH A . 
C 3 HOH 37 437 37 HOH HOH A . 
C 3 HOH 38 438 38 HOH HOH A . 
C 3 HOH 39 439 39 HOH HOH A . 
C 3 HOH 40 440 40 HOH HOH A . 
C 3 HOH 41 441 41 HOH HOH A . 
C 3 HOH 42 442 42 HOH HOH A . 
C 3 HOH 43 443 43 HOH HOH A . 
C 3 HOH 44 444 44 HOH HOH A . 
C 3 HOH 45 445 45 HOH HOH A . 
C 3 HOH 46 446 46 HOH HOH A . 
C 3 HOH 47 447 47 HOH HOH A . 
C 3 HOH 48 448 48 HOH HOH A . 
C 3 HOH 49 449 49 HOH HOH A . 
C 3 HOH 50 450 50 HOH HOH A . 
C 3 HOH 51 451 51 HOH HOH A . 
C 3 HOH 52 452 52 HOH HOH A . 
C 3 HOH 53 453 53 HOH HOH A . 
C 3 HOH 54 454 54 HOH HOH A . 
C 3 HOH 55 455 55 HOH HOH A . 
C 3 HOH 56 456 56 HOH HOH A . 
C 3 HOH 57 457 57 HOH HOH A . 
C 3 HOH 58 458 58 HOH HOH A . 
C 3 HOH 59 459 59 HOH HOH A . 
C 3 HOH 60 460 60 HOH HOH A . 
C 3 HOH 61 461 61 HOH HOH A . 
C 3 HOH 62 462 62 HOH HOH A . 
# 
_pdbx_struct_assembly.id                   1 
_pdbx_struct_assembly.details              author_and_software_defined_assembly 
_pdbx_struct_assembly.method_details       PISA 
_pdbx_struct_assembly.oligomeric_details   dimeric 
_pdbx_struct_assembly.oligomeric_count     2 
# 
_pdbx_struct_assembly_gen.assembly_id       1 
_pdbx_struct_assembly_gen.oper_expression   1,2 
_pdbx_struct_assembly_gen.asym_id_list      A,B,C 
# 
loop_
_pdbx_struct_assembly_prop.biol_id 
_pdbx_struct_assembly_prop.type 
_pdbx_struct_assembly_prop.value 
_pdbx_struct_assembly_prop.details 
1 'ABSA (A^2)' 5300 ? 
1 MORE         -28  ? 
1 'SSA (A^2)'  7310 ? 
# 
loop_
_pdbx_struct_oper_list.id 
_pdbx_struct_oper_list.type 
_pdbx_struct_oper_list.name 
_pdbx_struct_oper_list.symmetry_operation 
_pdbx_struct_oper_list.matrix[1][1] 
_pdbx_struct_oper_list.matrix[1][2] 
_pdbx_struct_oper_list.matrix[1][3] 
_pdbx_struct_oper_list.vector[1] 
_pdbx_struct_oper_list.matrix[2][1] 
_pdbx_struct_oper_list.matrix[2][2] 
_pdbx_struct_oper_list.matrix[2][3] 
_pdbx_struct_oper_list.vector[2] 
_pdbx_struct_oper_list.matrix[3][1] 
_pdbx_struct_oper_list.matrix[3][2] 
_pdbx_struct_oper_list.matrix[3][3] 
_pdbx_struct_oper_list.vector[3] 
1 'identity operation'         1_555 x,y,z  1.0000000000  0.0000000000  0.0000000000 0.0000000000  0.0000000000  1.0000000000  0.0000000000  0.0000000000  0.0000000000 0.0000000000  1.0000000000 0.0000000000  
2 'crystal symmetry operation' 7_555 y,x,-z -0.9755999584 -0.0996123550 0.1956581198 -6.9316709394 -0.0996123550 -0.5933358865 -0.7987677413 -4.9980143069 0.1956581198 -0.7987677413 0.5689358450 -1.6801291792 
# 
loop_
_pdbx_struct_special_symmetry.id 
_pdbx_struct_special_symmetry.PDB_model_num 
_pdbx_struct_special_symmetry.auth_asym_id 
_pdbx_struct_special_symmetry.auth_comp_id 
_pdbx_struct_special_symmetry.auth_seq_id 
_pdbx_struct_special_symmetry.PDB_ins_code 
_pdbx_struct_special_symmetry.label_asym_id 
_pdbx_struct_special_symmetry.label_comp_id 
_pdbx_struct_special_symmetry.label_seq_id 
1 1 A HOH 418 ? C HOH . 
2 1 A HOH 421 ? C HOH . 
3 1 A HOH 455 ? C HOH . 
# 
loop_
_pdbx_audit_revision_history.ordinal 
_pdbx_audit_revision_history.data_content_type 
_pdbx_audit_revision_history.major_revision 
_pdbx_audit_revision_history.minor_revision 
_pdbx_audit_revision_history.revision_date 
1 'Structure model' 1 0 2014-05-07 
2 'Structure model' 1 1 2023-09-20 
# 
_pdbx_audit_revision_details.ordinal             1 
_pdbx_audit_revision_details.revision_ordinal    1 
_pdbx_audit_revision_details.data_content_type   'Structure model' 
_pdbx_audit_revision_details.provider            repository 
_pdbx_audit_revision_details.type                'Initial release' 
_pdbx_audit_revision_details.description         ? 
_pdbx_audit_revision_details.details             ? 
# 
loop_
_pdbx_audit_revision_group.ordinal 
_pdbx_audit_revision_group.revision_ordinal 
_pdbx_audit_revision_group.data_content_type 
_pdbx_audit_revision_group.group 
1 2 'Structure model' 'Data collection'        
2 2 'Structure model' 'Database references'    
3 2 'Structure model' 'Derived calculations'   
4 2 'Structure model' 'Refinement description' 
# 
loop_
_pdbx_audit_revision_category.ordinal 
_pdbx_audit_revision_category.revision_ordinal 
_pdbx_audit_revision_category.data_content_type 
_pdbx_audit_revision_category.category 
1 2 'Structure model' chem_comp_atom                
2 2 'Structure model' chem_comp_bond                
3 2 'Structure model' database_2                    
4 2 'Structure model' pdbx_initial_refinement_model 
5 2 'Structure model' struct_ref_seq_dif            
6 2 'Structure model' struct_site                   
# 
loop_
_pdbx_audit_revision_item.ordinal 
_pdbx_audit_revision_item.revision_ordinal 
_pdbx_audit_revision_item.data_content_type 
_pdbx_audit_revision_item.item 
1 2 'Structure model' '_database_2.pdbx_DOI'                
2 2 'Structure model' '_database_2.pdbx_database_accession' 
3 2 'Structure model' '_struct_ref_seq_dif.details'         
4 2 'Structure model' '_struct_site.pdbx_auth_asym_id'      
5 2 'Structure model' '_struct_site.pdbx_auth_comp_id'      
6 2 'Structure model' '_struct_site.pdbx_auth_seq_id'       
# 
_phasing.method   MR 
# 
loop_
_software.pdbx_ordinal 
_software.name 
_software.version 
_software.date 
_software.type 
_software.contact_author 
_software.contact_author_email 
_software.classification 
_software.location 
_software.language 
_software.citation_id 
1 SCALA       0.1.30     30/08/12         other   'Phil R. Evans' pre@mrc-lmb.cam.ac.uk       'data scaling'    
http://www.ccp4.ac.uk/dist/html/scala.html  Fortran_77 ? 
2 PHASER      .          ?                program 'Randy J. Read' cimr-phaser@lists.cam.ac.uk phasing           
http://www-structmed.cimr.cam.ac.uk/phaser/ ?          ? 
3 PHENIX      1.8.1_1168 ?                package 'Paul D. Adams' PDAdams@lbl.gov             refinement        
http://www.phenix-online.org/               C++        ? 
4 PDB_EXTRACT 3.11       'April 22, 2011' package PDB             deposit@deposit.rcsb.org    'data extraction' 
http://sw-tools.pdb.org/apps/PDB_EXTRACT/   C++        ? 
5 XDS         .          ?                ?       ?               ?                           'data scaling'    ? ?          ? 
6 XSCALE      .          ?                ?       ?               ?                           'data scaling'    ? ?          ? 
# 
loop_
_pdbx_unobs_or_zero_occ_residues.id 
_pdbx_unobs_or_zero_occ_residues.PDB_model_num 
_pdbx_unobs_or_zero_occ_residues.polymer_flag 
_pdbx_unobs_or_zero_occ_residues.occupancy_flag 
_pdbx_unobs_or_zero_occ_residues.auth_asym_id 
_pdbx_unobs_or_zero_occ_residues.auth_comp_id 
_pdbx_unobs_or_zero_occ_residues.auth_seq_id 
_pdbx_unobs_or_zero_occ_residues.PDB_ins_code 
_pdbx_unobs_or_zero_occ_residues.label_asym_id 
_pdbx_unobs_or_zero_occ_residues.label_comp_id 
_pdbx_unobs_or_zero_occ_residues.label_seq_id 
1  1 Y 1 A MET 64 ? A MET 1  
2  1 Y 1 A GLY 65 ? A GLY 2  
3  1 Y 1 A SER 66 ? A SER 3  
4  1 Y 1 A SER 67 ? A SER 4  
5  1 Y 1 A HIS 68 ? A HIS 5  
6  1 Y 1 A HIS 69 ? A HIS 6  
7  1 Y 1 A HIS 70 ? A HIS 7  
8  1 Y 1 A HIS 71 ? A HIS 8  
9  1 Y 1 A HIS 72 ? A HIS 9  
10 1 Y 1 A HIS 73 ? A HIS 10 
11 1 Y 1 A SER 74 ? A SER 11 
12 1 Y 1 A SER 75 ? A SER 12 
13 1 Y 1 A GLY 76 ? A GLY 13 
14 1 Y 1 A LEU 77 ? A LEU 14 
15 1 Y 1 A VAL 78 ? A VAL 15 
16 1 Y 1 A PRO 79 ? A PRO 16 
17 1 Y 1 A ARG 80 ? A ARG 17 
18 1 Y 1 A GLY 81 ? A GLY 18 
19 1 Y 1 A SER 82 ? A SER 19 
# 
loop_
_chem_comp_atom.comp_id 
_chem_comp_atom.atom_id 
_chem_comp_atom.type_symbol 
_chem_comp_atom.pdbx_aromatic_flag 
_chem_comp_atom.pdbx_stereo_config 
_chem_comp_atom.pdbx_ordinal 
ALA N    N N N 1   
ALA CA   C N S 2   
ALA C    C N N 3   
ALA O    O N N 4   
ALA CB   C N N 5   
ALA OXT  O N N 6   
ALA H    H N N 7   
ALA H2   H N N 8   
ALA HA   H N N 9   
ALA HB1  H N N 10  
ALA HB2  H N N 11  
ALA HB3  H N N 12  
ALA HXT  H N N 13  
ARG N    N N N 14  
ARG CA   C N S 15  
ARG C    C N N 16  
ARG O    O N N 17  
ARG CB   C N N 18  
ARG CG   C N N 19  
ARG CD   C N N 20  
ARG NE   N N N 21  
ARG CZ   C N N 22  
ARG NH1  N N N 23  
ARG NH2  N N N 24  
ARG OXT  O N N 25  
ARG H    H N N 26  
ARG H2   H N N 27  
ARG HA   H N N 28  
ARG HB2  H N N 29  
ARG HB3  H N N 30  
ARG HG2  H N N 31  
ARG HG3  H N N 32  
ARG HD2  H N N 33  
ARG HD3  H N N 34  
ARG HE   H N N 35  
ARG HH11 H N N 36  
ARG HH12 H N N 37  
ARG HH21 H N N 38  
ARG HH22 H N N 39  
ARG HXT  H N N 40  
ASN N    N N N 41  
ASN CA   C N S 42  
ASN C    C N N 43  
ASN O    O N N 44  
ASN CB   C N N 45  
ASN CG   C N N 46  
ASN OD1  O N N 47  
ASN ND2  N N N 48  
ASN OXT  O N N 49  
ASN H    H N N 50  
ASN H2   H N N 51  
ASN HA   H N N 52  
ASN HB2  H N N 53  
ASN HB3  H N N 54  
ASN HD21 H N N 55  
ASN HD22 H N N 56  
ASN HXT  H N N 57  
ASP N    N N N 58  
ASP CA   C N S 59  
ASP C    C N N 60  
ASP O    O N N 61  
ASP CB   C N N 62  
ASP CG   C N N 63  
ASP OD1  O N N 64  
ASP OD2  O N N 65  
ASP OXT  O N N 66  
ASP H    H N N 67  
ASP H2   H N N 68  
ASP HA   H N N 69  
ASP HB2  H N N 70  
ASP HB3  H N N 71  
ASP HD2  H N N 72  
ASP HXT  H N N 73  
GLN N    N N N 74  
GLN CA   C N S 75  
GLN C    C N N 76  
GLN O    O N N 77  
GLN CB   C N N 78  
GLN CG   C N N 79  
GLN CD   C N N 80  
GLN OE1  O N N 81  
GLN NE2  N N N 82  
GLN OXT  O N N 83  
GLN H    H N N 84  
GLN H2   H N N 85  
GLN HA   H N N 86  
GLN HB2  H N N 87  
GLN HB3  H N N 88  
GLN HG2  H N N 89  
GLN HG3  H N N 90  
GLN HE21 H N N 91  
GLN HE22 H N N 92  
GLN HXT  H N N 93  
GLU N    N N N 94  
GLU CA   C N S 95  
GLU C    C N N 96  
GLU O    O N N 97  
GLU CB   C N N 98  
GLU CG   C N N 99  
GLU CD   C N N 100 
GLU OE1  O N N 101 
GLU OE2  O N N 102 
GLU OXT  O N N 103 
GLU H    H N N 104 
GLU H2   H N N 105 
GLU HA   H N N 106 
GLU HB2  H N N 107 
GLU HB3  H N N 108 
GLU HG2  H N N 109 
GLU HG3  H N N 110 
GLU HE2  H N N 111 
GLU HXT  H N N 112 
GLY N    N N N 113 
GLY CA   C N N 114 
GLY C    C N N 115 
GLY O    O N N 116 
GLY OXT  O N N 117 
GLY H    H N N 118 
GLY H2   H N N 119 
GLY HA2  H N N 120 
GLY HA3  H N N 121 
GLY HXT  H N N 122 
HIS N    N N N 123 
HIS CA   C N S 124 
HIS C    C N N 125 
HIS O    O N N 126 
HIS CB   C N N 127 
HIS CG   C Y N 128 
HIS ND1  N Y N 129 
HIS CD2  C Y N 130 
HIS CE1  C Y N 131 
HIS NE2  N Y N 132 
HIS OXT  O N N 133 
HIS H    H N N 134 
HIS H2   H N N 135 
HIS HA   H N N 136 
HIS HB2  H N N 137 
HIS HB3  H N N 138 
HIS HD1  H N N 139 
HIS HD2  H N N 140 
HIS HE1  H N N 141 
HIS HE2  H N N 142 
HIS HXT  H N N 143 
HOH O    O N N 144 
HOH H1   H N N 145 
HOH H2   H N N 146 
ILE N    N N N 147 
ILE CA   C N S 148 
ILE C    C N N 149 
ILE O    O N N 150 
ILE CB   C N S 151 
ILE CG1  C N N 152 
ILE CG2  C N N 153 
ILE CD1  C N N 154 
ILE OXT  O N N 155 
ILE H    H N N 156 
ILE H2   H N N 157 
ILE HA   H N N 158 
ILE HB   H N N 159 
ILE HG12 H N N 160 
ILE HG13 H N N 161 
ILE HG21 H N N 162 
ILE HG22 H N N 163 
ILE HG23 H N N 164 
ILE HD11 H N N 165 
ILE HD12 H N N 166 
ILE HD13 H N N 167 
ILE HXT  H N N 168 
LEU N    N N N 169 
LEU CA   C N S 170 
LEU C    C N N 171 
LEU O    O N N 172 
LEU CB   C N N 173 
LEU CG   C N N 174 
LEU CD1  C N N 175 
LEU CD2  C N N 176 
LEU OXT  O N N 177 
LEU H    H N N 178 
LEU H2   H N N 179 
LEU HA   H N N 180 
LEU HB2  H N N 181 
LEU HB3  H N N 182 
LEU HG   H N N 183 
LEU HD11 H N N 184 
LEU HD12 H N N 185 
LEU HD13 H N N 186 
LEU HD21 H N N 187 
LEU HD22 H N N 188 
LEU HD23 H N N 189 
LEU HXT  H N N 190 
LYS N    N N N 191 
LYS CA   C N S 192 
LYS C    C N N 193 
LYS O    O N N 194 
LYS CB   C N N 195 
LYS CG   C N N 196 
LYS CD   C N N 197 
LYS CE   C N N 198 
LYS NZ   N N N 199 
LYS OXT  O N N 200 
LYS H    H N N 201 
LYS H2   H N N 202 
LYS HA   H N N 203 
LYS HB2  H N N 204 
LYS HB3  H N N 205 
LYS HG2  H N N 206 
LYS HG3  H N N 207 
LYS HD2  H N N 208 
LYS HD3  H N N 209 
LYS HE2  H N N 210 
LYS HE3  H N N 211 
LYS HZ1  H N N 212 
LYS HZ2  H N N 213 
LYS HZ3  H N N 214 
LYS HXT  H N N 215 
MET N    N N N 216 
MET CA   C N S 217 
MET C    C N N 218 
MET O    O N N 219 
MET CB   C N N 220 
MET CG   C N N 221 
MET SD   S N N 222 
MET CE   C N N 223 
MET OXT  O N N 224 
MET H    H N N 225 
MET H2   H N N 226 
MET HA   H N N 227 
MET HB2  H N N 228 
MET HB3  H N N 229 
MET HG2  H N N 230 
MET HG3  H N N 231 
MET HE1  H N N 232 
MET HE2  H N N 233 
MET HE3  H N N 234 
MET HXT  H N N 235 
PGE C1   C N N 236 
PGE O1   O N N 237 
PGE C2   C N N 238 
PGE O2   O N N 239 
PGE C3   C N N 240 
PGE C4   C N N 241 
PGE O4   O N N 242 
PGE C6   C N N 243 
PGE C5   C N N 244 
PGE O3   O N N 245 
PGE H1   H N N 246 
PGE H12  H N N 247 
PGE HO1  H N N 248 
PGE H2   H N N 249 
PGE H22  H N N 250 
PGE H3   H N N 251 
PGE H32  H N N 252 
PGE H4   H N N 253 
PGE H42  H N N 254 
PGE HO4  H N N 255 
PGE H6   H N N 256 
PGE H62  H N N 257 
PGE H5   H N N 258 
PGE H52  H N N 259 
PHE N    N N N 260 
PHE CA   C N S 261 
PHE C    C N N 262 
PHE O    O N N 263 
PHE CB   C N N 264 
PHE CG   C Y N 265 
PHE CD1  C Y N 266 
PHE CD2  C Y N 267 
PHE CE1  C Y N 268 
PHE CE2  C Y N 269 
PHE CZ   C Y N 270 
PHE OXT  O N N 271 
PHE H    H N N 272 
PHE H2   H N N 273 
PHE HA   H N N 274 
PHE HB2  H N N 275 
PHE HB3  H N N 276 
PHE HD1  H N N 277 
PHE HD2  H N N 278 
PHE HE1  H N N 279 
PHE HE2  H N N 280 
PHE HZ   H N N 281 
PHE HXT  H N N 282 
PRO N    N N N 283 
PRO CA   C N S 284 
PRO C    C N N 285 
PRO O    O N N 286 
PRO CB   C N N 287 
PRO CG   C N N 288 
PRO CD   C N N 289 
PRO OXT  O N N 290 
PRO H    H N N 291 
PRO HA   H N N 292 
PRO HB2  H N N 293 
PRO HB3  H N N 294 
PRO HG2  H N N 295 
PRO HG3  H N N 296 
PRO HD2  H N N 297 
PRO HD3  H N N 298 
PRO HXT  H N N 299 
SER N    N N N 300 
SER CA   C N S 301 
SER C    C N N 302 
SER O    O N N 303 
SER CB   C N N 304 
SER OG   O N N 305 
SER OXT  O N N 306 
SER H    H N N 307 
SER H2   H N N 308 
SER HA   H N N 309 
SER HB2  H N N 310 
SER HB3  H N N 311 
SER HG   H N N 312 
SER HXT  H N N 313 
THR N    N N N 314 
THR CA   C N S 315 
THR C    C N N 316 
THR O    O N N 317 
THR CB   C N R 318 
THR OG1  O N N 319 
THR CG2  C N N 320 
THR OXT  O N N 321 
THR H    H N N 322 
THR H2   H N N 323 
THR HA   H N N 324 
THR HB   H N N 325 
THR HG1  H N N 326 
THR HG21 H N N 327 
THR HG22 H N N 328 
THR HG23 H N N 329 
THR HXT  H N N 330 
TRP N    N N N 331 
TRP CA   C N S 332 
TRP C    C N N 333 
TRP O    O N N 334 
TRP CB   C N N 335 
TRP CG   C Y N 336 
TRP CD1  C Y N 337 
TRP CD2  C Y N 338 
TRP NE1  N Y N 339 
TRP CE2  C Y N 340 
TRP CE3  C Y N 341 
TRP CZ2  C Y N 342 
TRP CZ3  C Y N 343 
TRP CH2  C Y N 344 
TRP OXT  O N N 345 
TRP H    H N N 346 
TRP H2   H N N 347 
TRP HA   H N N 348 
TRP HB2  H N N 349 
TRP HB3  H N N 350 
TRP HD1  H N N 351 
TRP HE1  H N N 352 
TRP HE3  H N N 353 
TRP HZ2  H N N 354 
TRP HZ3  H N N 355 
TRP HH2  H N N 356 
TRP HXT  H N N 357 
TYR N    N N N 358 
TYR CA   C N S 359 
TYR C    C N N 360 
TYR O    O N N 361 
TYR CB   C N N 362 
TYR CG   C Y N 363 
TYR CD1  C Y N 364 
TYR CD2  C Y N 365 
TYR CE1  C Y N 366 
TYR CE2  C Y N 367 
TYR CZ   C Y N 368 
TYR OH   O N N 369 
TYR OXT  O N N 370 
TYR H    H N N 371 
TYR H2   H N N 372 
TYR HA   H N N 373 
TYR HB2  H N N 374 
TYR HB3  H N N 375 
TYR HD1  H N N 376 
TYR HD2  H N N 377 
TYR HE1  H N N 378 
TYR HE2  H N N 379 
TYR HH   H N N 380 
TYR HXT  H N N 381 
VAL N    N N N 382 
VAL CA   C N S 383 
VAL C    C N N 384 
VAL O    O N N 385 
VAL CB   C N N 386 
VAL CG1  C N N 387 
VAL CG2  C N N 388 
VAL OXT  O N N 389 
VAL H    H N N 390 
VAL H2   H N N 391 
VAL HA   H N N 392 
VAL HB   H N N 393 
VAL HG11 H N N 394 
VAL HG12 H N N 395 
VAL HG13 H N N 396 
VAL HG21 H N N 397 
VAL HG22 H N N 398 
VAL HG23 H N N 399 
VAL HXT  H N N 400 
# 
loop_
_chem_comp_bond.comp_id 
_chem_comp_bond.atom_id_1 
_chem_comp_bond.atom_id_2 
_chem_comp_bond.value_order 
_chem_comp_bond.pdbx_aromatic_flag 
_chem_comp_bond.pdbx_stereo_config 
_chem_comp_bond.pdbx_ordinal 
ALA N   CA   sing N N 1   
ALA N   H    sing N N 2   
ALA N   H2   sing N N 3   
ALA CA  C    sing N N 4   
ALA CA  CB   sing N N 5   
ALA CA  HA   sing N N 6   
ALA C   O    doub N N 7   
ALA C   OXT  sing N N 8   
ALA CB  HB1  sing N N 9   
ALA CB  HB2  sing N N 10  
ALA CB  HB3  sing N N 11  
ALA OXT HXT  sing N N 12  
ARG N   CA   sing N N 13  
ARG N   H    sing N N 14  
ARG N   H2   sing N N 15  
ARG CA  C    sing N N 16  
ARG CA  CB   sing N N 17  
ARG CA  HA   sing N N 18  
ARG C   O    doub N N 19  
ARG C   OXT  sing N N 20  
ARG CB  CG   sing N N 21  
ARG CB  HB2  sing N N 22  
ARG CB  HB3  sing N N 23  
ARG CG  CD   sing N N 24  
ARG CG  HG2  sing N N 25  
ARG CG  HG3  sing N N 26  
ARG CD  NE   sing N N 27  
ARG CD  HD2  sing N N 28  
ARG CD  HD3  sing N N 29  
ARG NE  CZ   sing N N 30  
ARG NE  HE   sing N N 31  
ARG CZ  NH1  sing N N 32  
ARG CZ  NH2  doub N N 33  
ARG NH1 HH11 sing N N 34  
ARG NH1 HH12 sing N N 35  
ARG NH2 HH21 sing N N 36  
ARG NH2 HH22 sing N N 37  
ARG OXT HXT  sing N N 38  
ASN N   CA   sing N N 39  
ASN N   H    sing N N 40  
ASN N   H2   sing N N 41  
ASN CA  C    sing N N 42  
ASN CA  CB   sing N N 43  
ASN CA  HA   sing N N 44  
ASN C   O    doub N N 45  
ASN C   OXT  sing N N 46  
ASN CB  CG   sing N N 47  
ASN CB  HB2  sing N N 48  
ASN CB  HB3  sing N N 49  
ASN CG  OD1  doub N N 50  
ASN CG  ND2  sing N N 51  
ASN ND2 HD21 sing N N 52  
ASN ND2 HD22 sing N N 53  
ASN OXT HXT  sing N N 54  
ASP N   CA   sing N N 55  
ASP N   H    sing N N 56  
ASP N   H2   sing N N 57  
ASP CA  C    sing N N 58  
ASP CA  CB   sing N N 59  
ASP CA  HA   sing N N 60  
ASP C   O    doub N N 61  
ASP C   OXT  sing N N 62  
ASP CB  CG   sing N N 63  
ASP CB  HB2  sing N N 64  
ASP CB  HB3  sing N N 65  
ASP CG  OD1  doub N N 66  
ASP CG  OD2  sing N N 67  
ASP OD2 HD2  sing N N 68  
ASP OXT HXT  sing N N 69  
GLN N   CA   sing N N 70  
GLN N   H    sing N N 71  
GLN N   H2   sing N N 72  
GLN CA  C    sing N N 73  
GLN CA  CB   sing N N 74  
GLN CA  HA   sing N N 75  
GLN C   O    doub N N 76  
GLN C   OXT  sing N N 77  
GLN CB  CG   sing N N 78  
GLN CB  HB2  sing N N 79  
GLN CB  HB3  sing N N 80  
GLN CG  CD   sing N N 81  
GLN CG  HG2  sing N N 82  
GLN CG  HG3  sing N N 83  
GLN CD  OE1  doub N N 84  
GLN CD  NE2  sing N N 85  
GLN NE2 HE21 sing N N 86  
GLN NE2 HE22 sing N N 87  
GLN OXT HXT  sing N N 88  
GLU N   CA   sing N N 89  
GLU N   H    sing N N 90  
GLU N   H2   sing N N 91  
GLU CA  C    sing N N 92  
GLU CA  CB   sing N N 93  
GLU CA  HA   sing N N 94  
GLU C   O    doub N N 95  
GLU C   OXT  sing N N 96  
GLU CB  CG   sing N N 97  
GLU CB  HB2  sing N N 98  
GLU CB  HB3  sing N N 99  
GLU CG  CD   sing N N 100 
GLU CG  HG2  sing N N 101 
GLU CG  HG3  sing N N 102 
GLU CD  OE1  doub N N 103 
GLU CD  OE2  sing N N 104 
GLU OE2 HE2  sing N N 105 
GLU OXT HXT  sing N N 106 
GLY N   CA   sing N N 107 
GLY N   H    sing N N 108 
GLY N   H2   sing N N 109 
GLY CA  C    sing N N 110 
GLY CA  HA2  sing N N 111 
GLY CA  HA3  sing N N 112 
GLY C   O    doub N N 113 
GLY C   OXT  sing N N 114 
GLY OXT HXT  sing N N 115 
HIS N   CA   sing N N 116 
HIS N   H    sing N N 117 
HIS N   H2   sing N N 118 
HIS CA  C    sing N N 119 
HIS CA  CB   sing N N 120 
HIS CA  HA   sing N N 121 
HIS C   O    doub N N 122 
HIS C   OXT  sing N N 123 
HIS CB  CG   sing N N 124 
HIS CB  HB2  sing N N 125 
HIS CB  HB3  sing N N 126 
HIS CG  ND1  sing Y N 127 
HIS CG  CD2  doub Y N 128 
HIS ND1 CE1  doub Y N 129 
HIS ND1 HD1  sing N N 130 
HIS CD2 NE2  sing Y N 131 
HIS CD2 HD2  sing N N 132 
HIS CE1 NE2  sing Y N 133 
HIS CE1 HE1  sing N N 134 
HIS NE2 HE2  sing N N 135 
HIS OXT HXT  sing N N 136 
HOH O   H1   sing N N 137 
HOH O   H2   sing N N 138 
ILE N   CA   sing N N 139 
ILE N   H    sing N N 140 
ILE N   H2   sing N N 141 
ILE CA  C    sing N N 142 
ILE CA  CB   sing N N 143 
ILE CA  HA   sing N N 144 
ILE C   O    doub N N 145 
ILE C   OXT  sing N N 146 
ILE CB  CG1  sing N N 147 
ILE CB  CG2  sing N N 148 
ILE CB  HB   sing N N 149 
ILE CG1 CD1  sing N N 150 
ILE CG1 HG12 sing N N 151 
ILE CG1 HG13 sing N N 152 
ILE CG2 HG21 sing N N 153 
ILE CG2 HG22 sing N N 154 
ILE CG2 HG23 sing N N 155 
ILE CD1 HD11 sing N N 156 
ILE CD1 HD12 sing N N 157 
ILE CD1 HD13 sing N N 158 
ILE OXT HXT  sing N N 159 
LEU N   CA   sing N N 160 
LEU N   H    sing N N 161 
LEU N   H2   sing N N 162 
LEU CA  C    sing N N 163 
LEU CA  CB   sing N N 164 
LEU CA  HA   sing N N 165 
LEU C   O    doub N N 166 
LEU C   OXT  sing N N 167 
LEU CB  CG   sing N N 168 
LEU CB  HB2  sing N N 169 
LEU CB  HB3  sing N N 170 
LEU CG  CD1  sing N N 171 
LEU CG  CD2  sing N N 172 
LEU CG  HG   sing N N 173 
LEU CD1 HD11 sing N N 174 
LEU CD1 HD12 sing N N 175 
LEU CD1 HD13 sing N N 176 
LEU CD2 HD21 sing N N 177 
LEU CD2 HD22 sing N N 178 
LEU CD2 HD23 sing N N 179 
LEU OXT HXT  sing N N 180 
LYS N   CA   sing N N 181 
LYS N   H    sing N N 182 
LYS N   H2   sing N N 183 
LYS CA  C    sing N N 184 
LYS CA  CB   sing N N 185 
LYS CA  HA   sing N N 186 
LYS C   O    doub N N 187 
LYS C   OXT  sing N N 188 
LYS CB  CG   sing N N 189 
LYS CB  HB2  sing N N 190 
LYS CB  HB3  sing N N 191 
LYS CG  CD   sing N N 192 
LYS CG  HG2  sing N N 193 
LYS CG  HG3  sing N N 194 
LYS CD  CE   sing N N 195 
LYS CD  HD2  sing N N 196 
LYS CD  HD3  sing N N 197 
LYS CE  NZ   sing N N 198 
LYS CE  HE2  sing N N 199 
LYS CE  HE3  sing N N 200 
LYS NZ  HZ1  sing N N 201 
LYS NZ  HZ2  sing N N 202 
LYS NZ  HZ3  sing N N 203 
LYS OXT HXT  sing N N 204 
MET N   CA   sing N N 205 
MET N   H    sing N N 206 
MET N   H2   sing N N 207 
MET CA  C    sing N N 208 
MET CA  CB   sing N N 209 
MET CA  HA   sing N N 210 
MET C   O    doub N N 211 
MET C   OXT  sing N N 212 
MET CB  CG   sing N N 213 
MET CB  HB2  sing N N 214 
MET CB  HB3  sing N N 215 
MET CG  SD   sing N N 216 
MET CG  HG2  sing N N 217 
MET CG  HG3  sing N N 218 
MET SD  CE   sing N N 219 
MET CE  HE1  sing N N 220 
MET CE  HE2  sing N N 221 
MET CE  HE3  sing N N 222 
MET OXT HXT  sing N N 223 
PGE C1  O1   sing N N 224 
PGE C1  C2   sing N N 225 
PGE C1  H1   sing N N 226 
PGE C1  H12  sing N N 227 
PGE O1  HO1  sing N N 228 
PGE C2  O2   sing N N 229 
PGE C2  H2   sing N N 230 
PGE C2  H22  sing N N 231 
PGE O2  C3   sing N N 232 
PGE C3  C4   sing N N 233 
PGE C3  H3   sing N N 234 
PGE C3  H32  sing N N 235 
PGE C4  O3   sing N N 236 
PGE C4  H4   sing N N 237 
PGE C4  H42  sing N N 238 
PGE O4  C6   sing N N 239 
PGE O4  HO4  sing N N 240 
PGE C6  C5   sing N N 241 
PGE C6  H6   sing N N 242 
PGE C6  H62  sing N N 243 
PGE C5  O3   sing N N 244 
PGE C5  H5   sing N N 245 
PGE C5  H52  sing N N 246 
PHE N   CA   sing N N 247 
PHE N   H    sing N N 248 
PHE N   H2   sing N N 249 
PHE CA  C    sing N N 250 
PHE CA  CB   sing N N 251 
PHE CA  HA   sing N N 252 
PHE C   O    doub N N 253 
PHE C   OXT  sing N N 254 
PHE CB  CG   sing N N 255 
PHE CB  HB2  sing N N 256 
PHE CB  HB3  sing N N 257 
PHE CG  CD1  doub Y N 258 
PHE CG  CD2  sing Y N 259 
PHE CD1 CE1  sing Y N 260 
PHE CD1 HD1  sing N N 261 
PHE CD2 CE2  doub Y N 262 
PHE CD2 HD2  sing N N 263 
PHE CE1 CZ   doub Y N 264 
PHE CE1 HE1  sing N N 265 
PHE CE2 CZ   sing Y N 266 
PHE CE2 HE2  sing N N 267 
PHE CZ  HZ   sing N N 268 
PHE OXT HXT  sing N N 269 
PRO N   CA   sing N N 270 
PRO N   CD   sing N N 271 
PRO N   H    sing N N 272 
PRO CA  C    sing N N 273 
PRO CA  CB   sing N N 274 
PRO CA  HA   sing N N 275 
PRO C   O    doub N N 276 
PRO C   OXT  sing N N 277 
PRO CB  CG   sing N N 278 
PRO CB  HB2  sing N N 279 
PRO CB  HB3  sing N N 280 
PRO CG  CD   sing N N 281 
PRO CG  HG2  sing N N 282 
PRO CG  HG3  sing N N 283 
PRO CD  HD2  sing N N 284 
PRO CD  HD3  sing N N 285 
PRO OXT HXT  sing N N 286 
SER N   CA   sing N N 287 
SER N   H    sing N N 288 
SER N   H2   sing N N 289 
SER CA  C    sing N N 290 
SER CA  CB   sing N N 291 
SER CA  HA   sing N N 292 
SER C   O    doub N N 293 
SER C   OXT  sing N N 294 
SER CB  OG   sing N N 295 
SER CB  HB2  sing N N 296 
SER CB  HB3  sing N N 297 
SER OG  HG   sing N N 298 
SER OXT HXT  sing N N 299 
THR N   CA   sing N N 300 
THR N   H    sing N N 301 
THR N   H2   sing N N 302 
THR CA  C    sing N N 303 
THR CA  CB   sing N N 304 
THR CA  HA   sing N N 305 
THR C   O    doub N N 306 
THR C   OXT  sing N N 307 
THR CB  OG1  sing N N 308 
THR CB  CG2  sing N N 309 
THR CB  HB   sing N N 310 
THR OG1 HG1  sing N N 311 
THR CG2 HG21 sing N N 312 
THR CG2 HG22 sing N N 313 
THR CG2 HG23 sing N N 314 
THR OXT HXT  sing N N 315 
TRP N   CA   sing N N 316 
TRP N   H    sing N N 317 
TRP N   H2   sing N N 318 
TRP CA  C    sing N N 319 
TRP CA  CB   sing N N 320 
TRP CA  HA   sing N N 321 
TRP C   O    doub N N 322 
TRP C   OXT  sing N N 323 
TRP CB  CG   sing N N 324 
TRP CB  HB2  sing N N 325 
TRP CB  HB3  sing N N 326 
TRP CG  CD1  doub Y N 327 
TRP CG  CD2  sing Y N 328 
TRP CD1 NE1  sing Y N 329 
TRP CD1 HD1  sing N N 330 
TRP CD2 CE2  doub Y N 331 
TRP CD2 CE3  sing Y N 332 
TRP NE1 CE2  sing Y N 333 
TRP NE1 HE1  sing N N 334 
TRP CE2 CZ2  sing Y N 335 
TRP CE3 CZ3  doub Y N 336 
TRP CE3 HE3  sing N N 337 
TRP CZ2 CH2  doub Y N 338 
TRP CZ2 HZ2  sing N N 339 
TRP CZ3 CH2  sing Y N 340 
TRP CZ3 HZ3  sing N N 341 
TRP CH2 HH2  sing N N 342 
TRP OXT HXT  sing N N 343 
TYR N   CA   sing N N 344 
TYR N   H    sing N N 345 
TYR N   H2   sing N N 346 
TYR CA  C    sing N N 347 
TYR CA  CB   sing N N 348 
TYR CA  HA   sing N N 349 
TYR C   O    doub N N 350 
TYR C   OXT  sing N N 351 
TYR CB  CG   sing N N 352 
TYR CB  HB2  sing N N 353 
TYR CB  HB3  sing N N 354 
TYR CG  CD1  doub Y N 355 
TYR CG  CD2  sing Y N 356 
TYR CD1 CE1  sing Y N 357 
TYR CD1 HD1  sing N N 358 
TYR CD2 CE2  doub Y N 359 
TYR CD2 HD2  sing N N 360 
TYR CE1 CZ   doub Y N 361 
TYR CE1 HE1  sing N N 362 
TYR CE2 CZ   sing Y N 363 
TYR CE2 HE2  sing N N 364 
TYR CZ  OH   sing N N 365 
TYR OH  HH   sing N N 366 
TYR OXT HXT  sing N N 367 
VAL N   CA   sing N N 368 
VAL N   H    sing N N 369 
VAL N   H2   sing N N 370 
VAL CA  C    sing N N 371 
VAL CA  CB   sing N N 372 
VAL CA  HA   sing N N 373 
VAL C   O    doub N N 374 
VAL C   OXT  sing N N 375 
VAL CB  CG1  sing N N 376 
VAL CB  CG2  sing N N 377 
VAL CB  HB   sing N N 378 
VAL CG1 HG11 sing N N 379 
VAL CG1 HG12 sing N N 380 
VAL CG1 HG13 sing N N 381 
VAL CG2 HG21 sing N N 382 
VAL CG2 HG22 sing N N 383 
VAL CG2 HG23 sing N N 384 
VAL OXT HXT  sing N N 385 
# 
loop_
_pdbx_entity_nonpoly.entity_id 
_pdbx_entity_nonpoly.name 
_pdbx_entity_nonpoly.comp_id 
2 'TRIETHYLENE GLYCOL' PGE 
3 water                HOH 
# 
_pdbx_initial_refinement_model.id               1 
_pdbx_initial_refinement_model.entity_id_list   ? 
_pdbx_initial_refinement_model.type             'experimental model' 
_pdbx_initial_refinement_model.source_name      PDB 
_pdbx_initial_refinement_model.accession_code   4HVU 
_pdbx_initial_refinement_model.details          'pdb entry 4HVU' 
# 
